data_2EZH
# 
_entry.id   2EZH 
# 
_audit_conform.dict_name       mmcif_pdbx.dic 
_audit_conform.dict_version    5.392 
_audit_conform.dict_location   http://mmcif.pdb.org/dictionaries/ascii/mmcif_pdbx.dic 
# 
loop_
_database_2.database_id 
_database_2.database_code 
_database_2.pdbx_database_accession 
_database_2.pdbx_DOI 
PDB   2EZH         pdb_00002ezh 10.2210/pdb2ezh/pdb 
WWPDB D_1000178059 ?            ?                   
# 
loop_
_pdbx_audit_revision_history.ordinal 
_pdbx_audit_revision_history.data_content_type 
_pdbx_audit_revision_history.major_revision 
_pdbx_audit_revision_history.minor_revision 
_pdbx_audit_revision_history.revision_date 
1 'Structure model' 1 0 1997-12-03 
2 'Structure model' 1 1 2008-03-24 
3 'Structure model' 1 2 2011-07-13 
4 'Structure model' 1 3 2022-03-09 
5 'Structure model' 1 4 2024-05-29 
# 
_pdbx_audit_revision_details.ordinal             1 
_pdbx_audit_revision_details.revision_ordinal    1 
_pdbx_audit_revision_details.data_content_type   'Structure model' 
_pdbx_audit_revision_details.provider            repository 
_pdbx_audit_revision_details.type                'Initial release' 
_pdbx_audit_revision_details.description         ? 
_pdbx_audit_revision_details.details             ? 
# 
loop_
_pdbx_audit_revision_group.ordinal 
_pdbx_audit_revision_group.revision_ordinal 
_pdbx_audit_revision_group.data_content_type 
_pdbx_audit_revision_group.group 
1 2 'Structure model' 'Version format compliance' 
2 3 'Structure model' 'Version format compliance' 
3 4 'Structure model' 'Database references'       
4 4 'Structure model' 'Derived calculations'      
5 4 'Structure model' Other                       
6 4 'Structure model' 'Structure summary'         
7 5 'Structure model' 'Data collection'           
# 
loop_
_pdbx_audit_revision_category.ordinal 
_pdbx_audit_revision_category.revision_ordinal 
_pdbx_audit_revision_category.data_content_type 
_pdbx_audit_revision_category.category 
1 4 'Structure model' database_2            
2 4 'Structure model' pdbx_database_status  
3 4 'Structure model' pdbx_struct_assembly  
4 4 'Structure model' pdbx_struct_oper_list 
5 4 'Structure model' struct_keywords       
6 5 'Structure model' chem_comp_atom        
7 5 'Structure model' chem_comp_bond        
# 
loop_
_pdbx_audit_revision_item.ordinal 
_pdbx_audit_revision_item.revision_ordinal 
_pdbx_audit_revision_item.data_content_type 
_pdbx_audit_revision_item.item 
1 4 'Structure model' '_database_2.pdbx_DOI'                
2 4 'Structure model' '_database_2.pdbx_database_accession' 
3 4 'Structure model' '_pdbx_database_status.process_site'  
4 4 'Structure model' '_struct_keywords.text'               
# 
_pdbx_database_status.status_code                     REL 
_pdbx_database_status.entry_id                        2EZH 
_pdbx_database_status.recvd_initial_deposition_date   1997-07-25 
_pdbx_database_status.deposit_site                    ? 
_pdbx_database_status.process_site                    BNL 
_pdbx_database_status.status_code_sf                  ? 
_pdbx_database_status.status_code_mr                  REL 
_pdbx_database_status.SG_entry                        ? 
_pdbx_database_status.pdb_format_compatible           Y 
_pdbx_database_status.status_code_cs                  ? 
_pdbx_database_status.status_code_nmr_data            ? 
_pdbx_database_status.methods_development_category    ? 
# 
_pdbx_database_related.db_name        PDB 
_pdbx_database_related.db_id          2EZI 
_pdbx_database_related.details        . 
_pdbx_database_related.content_type   ensemble 
# 
loop_
_audit_author.name 
_audit_author.pdbx_ordinal 
'Clore, G.M.'      1 
'Clubb, R.T.'      2 
'Schumaker, S.'    3 
'Gronenborn, A.M.' 4 
# 
_citation.id                        primary 
_citation.title                     
'Solution structure of the I gamma subdomain of the Mu end DNA-binding domain of phage Mu transposase.' 
_citation.journal_abbrev            J.Mol.Biol. 
_citation.journal_volume            273 
_citation.page_first                19 
_citation.page_last                 25 
_citation.year                      1997 
_citation.journal_id_ASTM           JMOBAK 
_citation.country                   UK 
_citation.journal_id_ISSN           0022-2836 
_citation.journal_id_CSD            0070 
_citation.book_publisher            ? 
_citation.pdbx_database_id_PubMed   9367742 
_citation.pdbx_database_id_DOI      10.1006/jmbi.1997.1312 
# 
loop_
_citation_author.citation_id 
_citation_author.name 
_citation_author.ordinal 
_citation_author.identifier_ORCID 
primary 'Clubb, R.T.'      1 ? 
primary 'Schumacher, S.'   2 ? 
primary 'Mizuuchi, K.'     3 ? 
primary 'Gronenborn, A.M.' 4 ? 
primary 'Clore, G.M.'      5 ? 
# 
_entity.id                         1 
_entity.type                       polymer 
_entity.src_method                 nat 
_entity.pdbx_description           TRANSPOSASE 
_entity.formula_weight             8880.119 
_entity.pdbx_number_of_molecules   1 
_entity.pdbx_ec                    ? 
_entity.pdbx_mutation              ? 
_entity.pdbx_fragment              'IGAMMA SUBDOMAIN, RESIDUES 174 - 247' 
_entity.details                    'MUA OF PHAGE MU TRANSPOSASE' 
# 
_entity_poly.entity_id                      1 
_entity_poly.type                           'polypeptide(L)' 
_entity_poly.nstd_linkage                   no 
_entity_poly.nstd_monomer                   no 
_entity_poly.pdbx_seq_one_letter_code       MNVHKSEFDEDAWQFLIADYLRPEKPAFRKCYERLELAAREHGWSIPSRATAFRRIQQLDEAMVVACREGEHALM 
_entity_poly.pdbx_seq_one_letter_code_can   MNVHKSEFDEDAWQFLIADYLRPEKPAFRKCYERLELAAREHGWSIPSRATAFRRIQQLDEAMVVACREGEHALM 
_entity_poly.pdbx_strand_id                 A 
_entity_poly.pdbx_target_identifier         ? 
# 
loop_
_entity_poly_seq.entity_id 
_entity_poly_seq.num 
_entity_poly_seq.mon_id 
_entity_poly_seq.hetero 
1 1  MET n 
1 2  ASN n 
1 3  VAL n 
1 4  HIS n 
1 5  LYS n 
1 6  SER n 
1 7  GLU n 
1 8  PHE n 
1 9  ASP n 
1 10 GLU n 
1 11 ASP n 
1 12 ALA n 
1 13 TRP n 
1 14 GLN n 
1 15 PHE n 
1 16 LEU n 
1 17 ILE n 
1 18 ALA n 
1 19 ASP n 
1 20 TYR n 
1 21 LEU n 
1 22 ARG n 
1 23 PRO n 
1 24 GLU n 
1 25 LYS n 
1 26 PRO n 
1 27 ALA n 
1 28 PHE n 
1 29 ARG n 
1 30 LYS n 
1 31 CYS n 
1 32 TYR n 
1 33 GLU n 
1 34 ARG n 
1 35 LEU n 
1 36 GLU n 
1 37 LEU n 
1 38 ALA n 
1 39 ALA n 
1 40 ARG n 
1 41 GLU n 
1 42 HIS n 
1 43 GLY n 
1 44 TRP n 
1 45 SER n 
1 46 ILE n 
1 47 PRO n 
1 48 SER n 
1 49 ARG n 
1 50 ALA n 
1 51 THR n 
1 52 ALA n 
1 53 PHE n 
1 54 ARG n 
1 55 ARG n 
1 56 ILE n 
1 57 GLN n 
1 58 GLN n 
1 59 LEU n 
1 60 ASP n 
1 61 GLU n 
1 62 ALA n 
1 63 MET n 
1 64 VAL n 
1 65 VAL n 
1 66 ALA n 
1 67 CYS n 
1 68 ARG n 
1 69 GLU n 
1 70 GLY n 
1 71 GLU n 
1 72 HIS n 
1 73 ALA n 
1 74 LEU n 
1 75 MET n 
# 
_entity_src_nat.entity_id                  1 
_entity_src_nat.pdbx_src_id                1 
_entity_src_nat.pdbx_alt_source_flag       sample 
_entity_src_nat.pdbx_beg_seq_num           ? 
_entity_src_nat.pdbx_end_seq_num           ? 
_entity_src_nat.common_name                ? 
_entity_src_nat.pdbx_organism_scientific   'Enterobacteria phage Mu' 
_entity_src_nat.pdbx_ncbi_taxonomy_id      10677 
_entity_src_nat.genus                      'Mu-like viruses' 
_entity_src_nat.species                    ? 
_entity_src_nat.strain                     ? 
_entity_src_nat.tissue                     ? 
_entity_src_nat.tissue_fraction            ? 
_entity_src_nat.pdbx_secretion             ? 
_entity_src_nat.pdbx_fragment              ? 
_entity_src_nat.pdbx_variant               ? 
_entity_src_nat.pdbx_cell_line             ? 
_entity_src_nat.pdbx_atcc                  ? 
_entity_src_nat.pdbx_cellular_location     ? 
_entity_src_nat.pdbx_organ                 ? 
_entity_src_nat.pdbx_organelle             ? 
_entity_src_nat.pdbx_cell                  ? 
_entity_src_nat.pdbx_plasmid_name          ? 
_entity_src_nat.pdbx_plasmid_details       ? 
_entity_src_nat.details                    ? 
# 
loop_
_chem_comp.id 
_chem_comp.type 
_chem_comp.mon_nstd_flag 
_chem_comp.name 
_chem_comp.pdbx_synonyms 
_chem_comp.formula 
_chem_comp.formula_weight 
ALA 'L-peptide linking' y ALANINE         ? 'C3 H7 N O2'     89.093  
ARG 'L-peptide linking' y ARGININE        ? 'C6 H15 N4 O2 1' 175.209 
ASN 'L-peptide linking' y ASPARAGINE      ? 'C4 H8 N2 O3'    132.118 
ASP 'L-peptide linking' y 'ASPARTIC ACID' ? 'C4 H7 N O4'     133.103 
CYS 'L-peptide linking' y CYSTEINE        ? 'C3 H7 N O2 S'   121.158 
GLN 'L-peptide linking' y GLUTAMINE       ? 'C5 H10 N2 O3'   146.144 
GLU 'L-peptide linking' y 'GLUTAMIC ACID' ? 'C5 H9 N O4'     147.129 
GLY 'peptide linking'   y GLYCINE         ? 'C2 H5 N O2'     75.067  
HIS 'L-peptide linking' y HISTIDINE       ? 'C6 H10 N3 O2 1' 156.162 
ILE 'L-peptide linking' y ISOLEUCINE      ? 'C6 H13 N O2'    131.173 
LEU 'L-peptide linking' y LEUCINE         ? 'C6 H13 N O2'    131.173 
LYS 'L-peptide linking' y LYSINE          ? 'C6 H15 N2 O2 1' 147.195 
MET 'L-peptide linking' y METHIONINE      ? 'C5 H11 N O2 S'  149.211 
PHE 'L-peptide linking' y PHENYLALANINE   ? 'C9 H11 N O2'    165.189 
PRO 'L-peptide linking' y PROLINE         ? 'C5 H9 N O2'     115.130 
SER 'L-peptide linking' y SERINE          ? 'C3 H7 N O3'     105.093 
THR 'L-peptide linking' y THREONINE       ? 'C4 H9 N O3'     119.119 
TRP 'L-peptide linking' y TRYPTOPHAN      ? 'C11 H12 N2 O2'  204.225 
TYR 'L-peptide linking' y TYROSINE        ? 'C9 H11 N O3'    181.189 
VAL 'L-peptide linking' y VALINE          ? 'C5 H11 N O2'    117.146 
# 
loop_
_pdbx_poly_seq_scheme.asym_id 
_pdbx_poly_seq_scheme.entity_id 
_pdbx_poly_seq_scheme.seq_id 
_pdbx_poly_seq_scheme.mon_id 
_pdbx_poly_seq_scheme.ndb_seq_num 
_pdbx_poly_seq_scheme.pdb_seq_num 
_pdbx_poly_seq_scheme.auth_seq_num 
_pdbx_poly_seq_scheme.pdb_mon_id 
_pdbx_poly_seq_scheme.auth_mon_id 
_pdbx_poly_seq_scheme.pdb_strand_id 
_pdbx_poly_seq_scheme.pdb_ins_code 
_pdbx_poly_seq_scheme.hetero 
A 1 1  MET 1  173 ?   ?   ?   A . n 
A 1 2  ASN 2  174 ?   ?   ?   A . n 
A 1 3  VAL 3  175 ?   ?   ?   A . n 
A 1 4  HIS 4  176 ?   ?   ?   A . n 
A 1 5  LYS 5  177 ?   ?   ?   A . n 
A 1 6  SER 6  178 178 SER SER A . n 
A 1 7  GLU 7  179 179 GLU GLU A . n 
A 1 8  PHE 8  180 180 PHE PHE A . n 
A 1 9  ASP 9  181 181 ASP ASP A . n 
A 1 10 GLU 10 182 182 GLU GLU A . n 
A 1 11 ASP 11 183 183 ASP ASP A . n 
A 1 12 ALA 12 184 184 ALA ALA A . n 
A 1 13 TRP 13 185 185 TRP TRP A . n 
A 1 14 GLN 14 186 186 GLN GLN A . n 
A 1 15 PHE 15 187 187 PHE PHE A . n 
A 1 16 LEU 16 188 188 LEU LEU A . n 
A 1 17 ILE 17 189 189 ILE ILE A . n 
A 1 18 ALA 18 190 190 ALA ALA A . n 
A 1 19 ASP 19 191 191 ASP ASP A . n 
A 1 20 TYR 20 192 192 TYR TYR A . n 
A 1 21 LEU 21 193 193 LEU LEU A . n 
A 1 22 ARG 22 194 194 ARG ARG A . n 
A 1 23 PRO 23 195 195 PRO PRO A . n 
A 1 24 GLU 24 196 196 GLU GLU A . n 
A 1 25 LYS 25 197 197 LYS LYS A . n 
A 1 26 PRO 26 198 198 PRO PRO A . n 
A 1 27 ALA 27 199 199 ALA ALA A . n 
A 1 28 PHE 28 200 200 PHE PHE A . n 
A 1 29 ARG 29 201 201 ARG ARG A . n 
A 1 30 LYS 30 202 202 LYS LYS A . n 
A 1 31 CYS 31 203 203 CYS CYS A . n 
A 1 32 TYR 32 204 204 TYR TYR A . n 
A 1 33 GLU 33 205 205 GLU GLU A . n 
A 1 34 ARG 34 206 206 ARG ARG A . n 
A 1 35 LEU 35 207 207 LEU LEU A . n 
A 1 36 GLU 36 208 208 GLU GLU A . n 
A 1 37 LEU 37 209 209 LEU LEU A . n 
A 1 38 ALA 38 210 210 ALA ALA A . n 
A 1 39 ALA 39 211 211 ALA ALA A . n 
A 1 40 ARG 40 212 212 ARG ARG A . n 
A 1 41 GLU 41 213 213 GLU GLU A . n 
A 1 42 HIS 42 214 214 HIS HIS A . n 
A 1 43 GLY 43 215 215 GLY GLY A . n 
A 1 44 TRP 44 216 216 TRP TRP A . n 
A 1 45 SER 45 217 217 SER SER A . n 
A 1 46 ILE 46 218 218 ILE ILE A . n 
A 1 47 PRO 47 219 219 PRO PRO A . n 
A 1 48 SER 48 220 220 SER SER A . n 
A 1 49 ARG 49 221 221 ARG ARG A . n 
A 1 50 ALA 50 222 222 ALA ALA A . n 
A 1 51 THR 51 223 223 THR THR A . n 
A 1 52 ALA 52 224 224 ALA ALA A . n 
A 1 53 PHE 53 225 225 PHE PHE A . n 
A 1 54 ARG 54 226 226 ARG ARG A . n 
A 1 55 ARG 55 227 227 ARG ARG A . n 
A 1 56 ILE 56 228 228 ILE ILE A . n 
A 1 57 GLN 57 229 229 GLN GLN A . n 
A 1 58 GLN 58 230 230 GLN GLN A . n 
A 1 59 LEU 59 231 231 LEU LEU A . n 
A 1 60 ASP 60 232 232 ASP ASP A . n 
A 1 61 GLU 61 233 233 GLU GLU A . n 
A 1 62 ALA 62 234 234 ALA ALA A . n 
A 1 63 MET 63 235 235 MET MET A . n 
A 1 64 VAL 64 236 236 VAL VAL A . n 
A 1 65 VAL 65 237 237 VAL VAL A . n 
A 1 66 ALA 66 238 238 ALA ALA A . n 
A 1 67 CYS 67 239 239 CYS CYS A . n 
A 1 68 ARG 68 240 240 ARG ARG A . n 
A 1 69 GLU 69 241 241 GLU GLU A . n 
A 1 70 GLY 70 242 242 GLY GLY A . n 
A 1 71 GLU 71 243 ?   ?   ?   A . n 
A 1 72 HIS 72 244 ?   ?   ?   A . n 
A 1 73 ALA 73 245 ?   ?   ?   A . n 
A 1 74 LEU 74 246 ?   ?   ?   A . n 
A 1 75 MET 75 247 ?   ?   ?   A . n 
# 
loop_
_software.name 
_software.classification 
_software.version 
_software.citation_id 
_software.pdbx_ordinal 
X-PLOR 'model building' 3.1 ? 1 
X-PLOR refinement       3.1 ? 2 
X-PLOR phasing          3.1 ? 3 
# 
_cell.entry_id           2EZH 
_cell.length_a           1.000 
_cell.length_b           1.000 
_cell.length_c           1.000 
_cell.angle_alpha        90.00 
_cell.angle_beta         90.00 
_cell.angle_gamma        90.00 
_cell.Z_PDB              1 
_cell.pdbx_unique_axis   ? 
# 
_symmetry.entry_id                         2EZH 
_symmetry.space_group_name_H-M             'P 1' 
_symmetry.pdbx_full_space_group_name_H-M   ? 
_symmetry.cell_setting                     ? 
_symmetry.Int_Tables_number                1 
# 
_exptl.entry_id          2EZH 
_exptl.method            'SOLUTION NMR' 
_exptl.crystals_number   ? 
# 
_struct.entry_id                  2EZH 
_struct.title                     
;SOLUTION NMR STRUCTURE OF THE IGAMMA SUBDOMAIN OF THE MU END DNA BINDING DOMAIN OF MU PHAGE TRANSPOSASE, MINIMIZED AVERAGE STRUCTURE
;
_struct.pdbx_model_details        ? 
_struct.pdbx_CASP_flag            ? 
_struct.pdbx_model_type_details   ? 
# 
_struct_keywords.entry_id        2EZH 
_struct_keywords.pdbx_keywords   'DNA BINDING PROTEIN' 
_struct_keywords.text            'DNA-BINDING PROTEIN, TRANSPOSITION, DNA BINDING PROTEIN' 
# 
_struct_asym.id                            A 
_struct_asym.pdbx_blank_PDB_chainid_flag   Y 
_struct_asym.pdbx_modified                 N 
_struct_asym.entity_id                     1 
_struct_asym.details                       ? 
# 
_struct_ref.id                         1 
_struct_ref.db_name                    UNP 
_struct_ref.db_code                    TRA_BPMU 
_struct_ref.entity_id                  1 
_struct_ref.pdbx_db_accession          P07636 
_struct_ref.pdbx_align_begin           1 
_struct_ref.pdbx_seq_one_letter_code   
;MELWVSPKECANLPGLPKTSAGVIYVAKKQGWQNRTRAGVKGGKAIEYNANSLPVEAKAALLLRQGEIETSLGYFEIARP
TLEAHDYDREALWSKWDNASDSQRRLAEKWLPAVQAADEMLNQGISTKTAFATVAGHYQVSASTLRDKYYQVQKFAKPDW
AAALVDGRGASRRNVHKSEFDEDAWQFLIADYLRPEKPAFRKCYERLELAAREHGWSIPSRATAFRRIQQLDEAMVVACR
EGEHALMHLIPAQQRTVEHLDAMQWINGDGYLHNVFVRWFNGDVIRPKTWFWQDVKTRKILGWRCDVSENIDSIRLSFMD
VVTRYGIPEDFHITIDNTRGAANKWLTGGAPNRYRFKVKEDDPKGLFLLMGAKMHWTSVVAGKGWGQAKPVERAFGVGGL
EEYVDKHPALAGAYTGPNPQAKPDNYGDRAVDAELFLKTLAEGVAMFNARTGRETEMCGGKLSFDDVFEREYARTIVRKP
TEEQKRMLLLPAEAVNVSRKGEFTLKVGGSLKGAKNVYYNMALMNAGVKKVVVRFDPQQLHSTVYCYTLDGRFICEAECL
APVAFNDAAAGREYRRRQKQLKSATKAAIKAQKQMDALEVAELLPQIAEPAAPESRIVGIFRPSGNTERVKNQERDDEYE
TERDEYLNHSLDILEQNRRKKAI
;
_struct_ref.pdbx_db_isoform            ? 
# 
_struct_ref_seq.align_id                      1 
_struct_ref_seq.ref_id                        1 
_struct_ref_seq.pdbx_PDB_id_code              2EZH 
_struct_ref_seq.pdbx_strand_id                A 
_struct_ref_seq.seq_align_beg                 2 
_struct_ref_seq.pdbx_seq_align_beg_ins_code   ? 
_struct_ref_seq.seq_align_end                 75 
_struct_ref_seq.pdbx_seq_align_end_ins_code   ? 
_struct_ref_seq.pdbx_db_accession             P07636 
_struct_ref_seq.db_align_beg                  174 
_struct_ref_seq.pdbx_db_align_beg_ins_code    ? 
_struct_ref_seq.db_align_end                  247 
_struct_ref_seq.pdbx_db_align_end_ins_code    ? 
_struct_ref_seq.pdbx_auth_seq_align_beg       174 
_struct_ref_seq.pdbx_auth_seq_align_end       247 
# 
_pdbx_struct_assembly.id                   1 
_pdbx_struct_assembly.details              author_defined_assembly 
_pdbx_struct_assembly.method_details       ? 
_pdbx_struct_assembly.oligomeric_details   monomeric 
_pdbx_struct_assembly.oligomeric_count     1 
# 
_pdbx_struct_assembly_gen.assembly_id       1 
_pdbx_struct_assembly_gen.oper_expression   1 
_pdbx_struct_assembly_gen.asym_id_list      A 
# 
_pdbx_struct_oper_list.id                   1 
_pdbx_struct_oper_list.type                 'identity operation' 
_pdbx_struct_oper_list.name                 1_555 
_pdbx_struct_oper_list.symmetry_operation   x,y,z 
_pdbx_struct_oper_list.matrix[1][1]         1.0000000000 
_pdbx_struct_oper_list.matrix[1][2]         0.0000000000 
_pdbx_struct_oper_list.matrix[1][3]         0.0000000000 
_pdbx_struct_oper_list.vector[1]            0.0000000000 
_pdbx_struct_oper_list.matrix[2][1]         0.0000000000 
_pdbx_struct_oper_list.matrix[2][2]         1.0000000000 
_pdbx_struct_oper_list.matrix[2][3]         0.0000000000 
_pdbx_struct_oper_list.vector[2]            0.0000000000 
_pdbx_struct_oper_list.matrix[3][1]         0.0000000000 
_pdbx_struct_oper_list.matrix[3][2]         0.0000000000 
_pdbx_struct_oper_list.matrix[3][3]         1.0000000000 
_pdbx_struct_oper_list.vector[3]            0.0000000000 
# 
_struct_biol.id   1 
# 
loop_
_struct_conf.conf_type_id 
_struct_conf.id 
_struct_conf.pdbx_PDB_helix_id 
_struct_conf.beg_label_comp_id 
_struct_conf.beg_label_asym_id 
_struct_conf.beg_label_seq_id 
_struct_conf.pdbx_beg_PDB_ins_code 
_struct_conf.end_label_comp_id 
_struct_conf.end_label_asym_id 
_struct_conf.end_label_seq_id 
_struct_conf.pdbx_end_PDB_ins_code 
_struct_conf.beg_auth_comp_id 
_struct_conf.beg_auth_asym_id 
_struct_conf.beg_auth_seq_id 
_struct_conf.end_auth_comp_id 
_struct_conf.end_auth_asym_id 
_struct_conf.end_auth_seq_id 
_struct_conf.pdbx_PDB_helix_class 
_struct_conf.details 
_struct_conf.pdbx_PDB_helix_length 
HELX_P HELX_P1 1 GLU A 10 ? TYR A 20 ? GLU A 182 TYR A 192 1 ? 11 
HELX_P HELX_P2 2 PHE A 28 ? HIS A 42 ? PHE A 200 HIS A 214 1 ? 15 
HELX_P HELX_P3 3 ARG A 49 ? LEU A 59 ? ARG A 221 LEU A 231 1 ? 11 
HELX_P HELX_P4 4 GLU A 61 ? ARG A 68 ? GLU A 233 ARG A 240 1 ? 8  
# 
_struct_conf_type.id          HELX_P 
_struct_conf_type.criteria    ? 
_struct_conf_type.reference   ? 
# 
_pdbx_validate_close_contact.id               1 
_pdbx_validate_close_contact.PDB_model_num    1 
_pdbx_validate_close_contact.auth_atom_id_1   OD2 
_pdbx_validate_close_contact.auth_asym_id_1   A 
_pdbx_validate_close_contact.auth_comp_id_1   ASP 
_pdbx_validate_close_contact.auth_seq_id_1    181 
_pdbx_validate_close_contact.PDB_ins_code_1   ? 
_pdbx_validate_close_contact.label_alt_id_1   ? 
_pdbx_validate_close_contact.auth_atom_id_2   H 
_pdbx_validate_close_contact.auth_asym_id_2   A 
_pdbx_validate_close_contact.auth_comp_id_2   SER 
_pdbx_validate_close_contact.auth_seq_id_2    217 
_pdbx_validate_close_contact.PDB_ins_code_2   ? 
_pdbx_validate_close_contact.label_alt_id_2   ? 
_pdbx_validate_close_contact.dist             1.59 
# 
loop_
_pdbx_validate_torsion.id 
_pdbx_validate_torsion.PDB_model_num 
_pdbx_validate_torsion.auth_comp_id 
_pdbx_validate_torsion.auth_asym_id 
_pdbx_validate_torsion.auth_seq_id 
_pdbx_validate_torsion.PDB_ins_code 
_pdbx_validate_torsion.label_alt_id 
_pdbx_validate_torsion.phi 
_pdbx_validate_torsion.psi 
1 1 ASP A 181 ? ? -46.42 108.55 
2 1 LEU A 231 ? ? -61.99 -84.06 
3 1 ASP A 232 ? ? 179.84 158.77 
4 1 GLU A 241 ? ? -48.41 87.85  
# 
_pdbx_validate_planes.id              1 
_pdbx_validate_planes.PDB_model_num   1 
_pdbx_validate_planes.auth_comp_id    ARG 
_pdbx_validate_planes.auth_asym_id    A 
_pdbx_validate_planes.auth_seq_id     212 
_pdbx_validate_planes.PDB_ins_code    ? 
_pdbx_validate_planes.label_alt_id    ? 
_pdbx_validate_planes.rmsd            0.090 
_pdbx_validate_planes.type            'SIDE CHAIN' 
# 
_pdbx_nmr_ensemble.entry_id                             2EZH 
_pdbx_nmr_ensemble.conformers_calculated_total_number   ? 
_pdbx_nmr_ensemble.conformers_submitted_total_number    1 
_pdbx_nmr_ensemble.conformer_selection_criteria         ? 
# 
_pdbx_nmr_exptl_sample_conditions.conditions_id       1 
_pdbx_nmr_exptl_sample_conditions.temperature         303 
_pdbx_nmr_exptl_sample_conditions.pressure            ? 
_pdbx_nmr_exptl_sample_conditions.pH                  6.3 
_pdbx_nmr_exptl_sample_conditions.ionic_strength      ? 
_pdbx_nmr_exptl_sample_conditions.pressure_units      . 
_pdbx_nmr_exptl_sample_conditions.temperature_units   K 
# 
_pdbx_nmr_exptl.experiment_id   1 
_pdbx_nmr_exptl.conditions_id   1 
_pdbx_nmr_exptl.type            'SEE BELOW' 
_pdbx_nmr_exptl.solution_id     1 
# 
_pdbx_nmr_refine.entry_id           2EZH 
_pdbx_nmr_refine.method             'simulated annealing' 
_pdbx_nmr_refine.details            
;THE 3D STRUCTURE OF THE IGAMMA SUBDOMAIN OF MU A
TRANSPOSASE WAS SOLVED BY MULTI-DIMENSIONAL HETERONUCLEAR
NMR AND IS BASED ON 1293 EXPERIMENTAL NMR RESTRAINTS:
264 SEQUENTIAL (|I- J|=1), 282 MEDIUM RANGE (1 < |I-J| <=5)
AND 178 LONG RANGE (|I-J| >5) INTERRESIDUES AND 245
INTRARESIDUE APPROXIMATE INTERPROTON DISTANCE RESTRAINTS;
40 DISTANCE RESTRAINTS FOR 20 BACKBONE H-BONDS;
108 TORSION ANGLE  RESTRAINTS; 47 THREE-BOND HN-HA COUPLING
CONSTANT RESTRAINTS; AND 129 (66 CALPHA AND 63 CBETA) 13C
SHIFT RESTRAINTS.

THE STRUCTURES WERE CALCULATED USING THE SIMULATED
ANNEALING PROTOCOL OF NILGES ET AL. (1988) FEBS LETT. 229,
129-136 USING THE PROGRAM X-PLOR 3.1 (BRUNGER) MODIFIED TO
INCORPORATE COUPLING CONSTANT (GARRETT ET AL. (1984) J.
MAGN. RESON. SERIES B 104, 99-103) AND CARBON CHEMICAL
SHIFT (KUSZEWSKI ET AL. (1995) J. MAGN. RESON. SERIES B
106, 92-96) RESTRAINTS, AND A CONFORMATIONAL DATABASE
POTENTIAL (KUSZEWSKI ET AL. (1996) PROTEIN SCI. 5,
1067-1080; KUSZEWSKI ET AL. (1997) J. MAGN. RESON 125,
171-177).

THE RESTRAINED REGULARIZED MEAN STRUCTURE IS PRESENTED IN
ENTRY 2EZH AND 30 STRUCTURES ARE PRESENTED IN ENTRY 2EZI,
AND THE EXPERIMENTAL RESTRAINTS IN 2EZHMR.  IN THE
RESTRAINED REGULARIZED MEAN COORDINATES (2EZH) THE LAST
COLUMN REPRESENTS THE AVERAGE RMS DIFFERENCE BETWEEN THE
INDIVIDUAL SIMULATED ANNEALING STRUCTURES AND THE MEAN
COORDINATE POSITIONS.  THE LAST COLUMN IN THE INDIVIDUAL SA
STRUCTURES (2EZI) HAS NO MEANING.  BEST FITTING TO GENERATE
THE AVERAGE STRUCTURE IS WITH RESPECT TO RESIDUES 180 -
240.  NOTE THAT THE OCCUPANCY FIELD HAS NO MEANING.
;
_pdbx_nmr_refine.software_ordinal   1 
# 
loop_
_pdbx_nmr_software.classification 
_pdbx_nmr_software.name 
_pdbx_nmr_software.version 
_pdbx_nmr_software.authors 
_pdbx_nmr_software.ordinal 
'structure solution' 'X-PLOR (SEE ABOVE)' 'ABOVE)' ? 1 
refinement           'X-PLOR (SEE ABOVE)' 'ABOVE)' ? 2 
# 
loop_
_pdbx_unobs_or_zero_occ_residues.id 
_pdbx_unobs_or_zero_occ_residues.PDB_model_num 
_pdbx_unobs_or_zero_occ_residues.polymer_flag 
_pdbx_unobs_or_zero_occ_residues.occupancy_flag 
_pdbx_unobs_or_zero_occ_residues.auth_asym_id 
_pdbx_unobs_or_zero_occ_residues.auth_comp_id 
_pdbx_unobs_or_zero_occ_residues.auth_seq_id 
_pdbx_unobs_or_zero_occ_residues.PDB_ins_code 
_pdbx_unobs_or_zero_occ_residues.label_asym_id 
_pdbx_unobs_or_zero_occ_residues.label_comp_id 
_pdbx_unobs_or_zero_occ_residues.label_seq_id 
1  1 Y 1 A MET 173 ? A MET 1  
2  1 Y 1 A ASN 174 ? A ASN 2  
3  1 Y 1 A VAL 175 ? A VAL 3  
4  1 Y 1 A HIS 176 ? A HIS 4  
5  1 Y 1 A LYS 177 ? A LYS 5  
6  1 Y 1 A GLU 243 ? A GLU 71 
7  1 Y 1 A HIS 244 ? A HIS 72 
8  1 Y 1 A ALA 245 ? A ALA 73 
9  1 Y 1 A LEU 246 ? A LEU 74 
10 1 Y 1 A MET 247 ? A MET 75 
# 
loop_
_chem_comp_atom.comp_id 
_chem_comp_atom.atom_id 
_chem_comp_atom.type_symbol 
_chem_comp_atom.pdbx_aromatic_flag 
_chem_comp_atom.pdbx_stereo_config 
_chem_comp_atom.pdbx_ordinal 
ALA N    N N N 1   
ALA CA   C N S 2   
ALA C    C N N 3   
ALA O    O N N 4   
ALA CB   C N N 5   
ALA OXT  O N N 6   
ALA H    H N N 7   
ALA H2   H N N 8   
ALA HA   H N N 9   
ALA HB1  H N N 10  
ALA HB2  H N N 11  
ALA HB3  H N N 12  
ALA HXT  H N N 13  
ARG N    N N N 14  
ARG CA   C N S 15  
ARG C    C N N 16  
ARG O    O N N 17  
ARG CB   C N N 18  
ARG CG   C N N 19  
ARG CD   C N N 20  
ARG NE   N N N 21  
ARG CZ   C N N 22  
ARG NH1  N N N 23  
ARG NH2  N N N 24  
ARG OXT  O N N 25  
ARG H    H N N 26  
ARG H2   H N N 27  
ARG HA   H N N 28  
ARG HB2  H N N 29  
ARG HB3  H N N 30  
ARG HG2  H N N 31  
ARG HG3  H N N 32  
ARG HD2  H N N 33  
ARG HD3  H N N 34  
ARG HE   H N N 35  
ARG HH11 H N N 36  
ARG HH12 H N N 37  
ARG HH21 H N N 38  
ARG HH22 H N N 39  
ARG HXT  H N N 40  
ASN N    N N N 41  
ASN CA   C N S 42  
ASN C    C N N 43  
ASN O    O N N 44  
ASN CB   C N N 45  
ASN CG   C N N 46  
ASN OD1  O N N 47  
ASN ND2  N N N 48  
ASN OXT  O N N 49  
ASN H    H N N 50  
ASN H2   H N N 51  
ASN HA   H N N 52  
ASN HB2  H N N 53  
ASN HB3  H N N 54  
ASN HD21 H N N 55  
ASN HD22 H N N 56  
ASN HXT  H N N 57  
ASP N    N N N 58  
ASP CA   C N S 59  
ASP C    C N N 60  
ASP O    O N N 61  
ASP CB   C N N 62  
ASP CG   C N N 63  
ASP OD1  O N N 64  
ASP OD2  O N N 65  
ASP OXT  O N N 66  
ASP H    H N N 67  
ASP H2   H N N 68  
ASP HA   H N N 69  
ASP HB2  H N N 70  
ASP HB3  H N N 71  
ASP HD2  H N N 72  
ASP HXT  H N N 73  
CYS N    N N N 74  
CYS CA   C N R 75  
CYS C    C N N 76  
CYS O    O N N 77  
CYS CB   C N N 78  
CYS SG   S N N 79  
CYS OXT  O N N 80  
CYS H    H N N 81  
CYS H2   H N N 82  
CYS HA   H N N 83  
CYS HB2  H N N 84  
CYS HB3  H N N 85  
CYS HG   H N N 86  
CYS HXT  H N N 87  
GLN N    N N N 88  
GLN CA   C N S 89  
GLN C    C N N 90  
GLN O    O N N 91  
GLN CB   C N N 92  
GLN CG   C N N 93  
GLN CD   C N N 94  
GLN OE1  O N N 95  
GLN NE2  N N N 96  
GLN OXT  O N N 97  
GLN H    H N N 98  
GLN H2   H N N 99  
GLN HA   H N N 100 
GLN HB2  H N N 101 
GLN HB3  H N N 102 
GLN HG2  H N N 103 
GLN HG3  H N N 104 
GLN HE21 H N N 105 
GLN HE22 H N N 106 
GLN HXT  H N N 107 
GLU N    N N N 108 
GLU CA   C N S 109 
GLU C    C N N 110 
GLU O    O N N 111 
GLU CB   C N N 112 
GLU CG   C N N 113 
GLU CD   C N N 114 
GLU OE1  O N N 115 
GLU OE2  O N N 116 
GLU OXT  O N N 117 
GLU H    H N N 118 
GLU H2   H N N 119 
GLU HA   H N N 120 
GLU HB2  H N N 121 
GLU HB3  H N N 122 
GLU HG2  H N N 123 
GLU HG3  H N N 124 
GLU HE2  H N N 125 
GLU HXT  H N N 126 
GLY N    N N N 127 
GLY CA   C N N 128 
GLY C    C N N 129 
GLY O    O N N 130 
GLY OXT  O N N 131 
GLY H    H N N 132 
GLY H2   H N N 133 
GLY HA2  H N N 134 
GLY HA3  H N N 135 
GLY HXT  H N N 136 
HIS N    N N N 137 
HIS CA   C N S 138 
HIS C    C N N 139 
HIS O    O N N 140 
HIS CB   C N N 141 
HIS CG   C Y N 142 
HIS ND1  N Y N 143 
HIS CD2  C Y N 144 
HIS CE1  C Y N 145 
HIS NE2  N Y N 146 
HIS OXT  O N N 147 
HIS H    H N N 148 
HIS H2   H N N 149 
HIS HA   H N N 150 
HIS HB2  H N N 151 
HIS HB3  H N N 152 
HIS HD1  H N N 153 
HIS HD2  H N N 154 
HIS HE1  H N N 155 
HIS HE2  H N N 156 
HIS HXT  H N N 157 
ILE N    N N N 158 
ILE CA   C N S 159 
ILE C    C N N 160 
ILE O    O N N 161 
ILE CB   C N S 162 
ILE CG1  C N N 163 
ILE CG2  C N N 164 
ILE CD1  C N N 165 
ILE OXT  O N N 166 
ILE H    H N N 167 
ILE H2   H N N 168 
ILE HA   H N N 169 
ILE HB   H N N 170 
ILE HG12 H N N 171 
ILE HG13 H N N 172 
ILE HG21 H N N 173 
ILE HG22 H N N 174 
ILE HG23 H N N 175 
ILE HD11 H N N 176 
ILE HD12 H N N 177 
ILE HD13 H N N 178 
ILE HXT  H N N 179 
LEU N    N N N 180 
LEU CA   C N S 181 
LEU C    C N N 182 
LEU O    O N N 183 
LEU CB   C N N 184 
LEU CG   C N N 185 
LEU CD1  C N N 186 
LEU CD2  C N N 187 
LEU OXT  O N N 188 
LEU H    H N N 189 
LEU H2   H N N 190 
LEU HA   H N N 191 
LEU HB2  H N N 192 
LEU HB3  H N N 193 
LEU HG   H N N 194 
LEU HD11 H N N 195 
LEU HD12 H N N 196 
LEU HD13 H N N 197 
LEU HD21 H N N 198 
LEU HD22 H N N 199 
LEU HD23 H N N 200 
LEU HXT  H N N 201 
LYS N    N N N 202 
LYS CA   C N S 203 
LYS C    C N N 204 
LYS O    O N N 205 
LYS CB   C N N 206 
LYS CG   C N N 207 
LYS CD   C N N 208 
LYS CE   C N N 209 
LYS NZ   N N N 210 
LYS OXT  O N N 211 
LYS H    H N N 212 
LYS H2   H N N 213 
LYS HA   H N N 214 
LYS HB2  H N N 215 
LYS HB3  H N N 216 
LYS HG2  H N N 217 
LYS HG3  H N N 218 
LYS HD2  H N N 219 
LYS HD3  H N N 220 
LYS HE2  H N N 221 
LYS HE3  H N N 222 
LYS HZ1  H N N 223 
LYS HZ2  H N N 224 
LYS HZ3  H N N 225 
LYS HXT  H N N 226 
MET N    N N N 227 
MET CA   C N S 228 
MET C    C N N 229 
MET O    O N N 230 
MET CB   C N N 231 
MET CG   C N N 232 
MET SD   S N N 233 
MET CE   C N N 234 
MET OXT  O N N 235 
MET H    H N N 236 
MET H2   H N N 237 
MET HA   H N N 238 
MET HB2  H N N 239 
MET HB3  H N N 240 
MET HG2  H N N 241 
MET HG3  H N N 242 
MET HE1  H N N 243 
MET HE2  H N N 244 
MET HE3  H N N 245 
MET HXT  H N N 246 
PHE N    N N N 247 
PHE CA   C N S 248 
PHE C    C N N 249 
PHE O    O N N 250 
PHE CB   C N N 251 
PHE CG   C Y N 252 
PHE CD1  C Y N 253 
PHE CD2  C Y N 254 
PHE CE1  C Y N 255 
PHE CE2  C Y N 256 
PHE CZ   C Y N 257 
PHE OXT  O N N 258 
PHE H    H N N 259 
PHE H2   H N N 260 
PHE HA   H N N 261 
PHE HB2  H N N 262 
PHE HB3  H N N 263 
PHE HD1  H N N 264 
PHE HD2  H N N 265 
PHE HE1  H N N 266 
PHE HE2  H N N 267 
PHE HZ   H N N 268 
PHE HXT  H N N 269 
PRO N    N N N 270 
PRO CA   C N S 271 
PRO C    C N N 272 
PRO O    O N N 273 
PRO CB   C N N 274 
PRO CG   C N N 275 
PRO CD   C N N 276 
PRO OXT  O N N 277 
PRO H    H N N 278 
PRO HA   H N N 279 
PRO HB2  H N N 280 
PRO HB3  H N N 281 
PRO HG2  H N N 282 
PRO HG3  H N N 283 
PRO HD2  H N N 284 
PRO HD3  H N N 285 
PRO HXT  H N N 286 
SER N    N N N 287 
SER CA   C N S 288 
SER C    C N N 289 
SER O    O N N 290 
SER CB   C N N 291 
SER OG   O N N 292 
SER OXT  O N N 293 
SER H    H N N 294 
SER H2   H N N 295 
SER HA   H N N 296 
SER HB2  H N N 297 
SER HB3  H N N 298 
SER HG   H N N 299 
SER HXT  H N N 300 
THR N    N N N 301 
THR CA   C N S 302 
THR C    C N N 303 
THR O    O N N 304 
THR CB   C N R 305 
THR OG1  O N N 306 
THR CG2  C N N 307 
THR OXT  O N N 308 
THR H    H N N 309 
THR H2   H N N 310 
THR HA   H N N 311 
THR HB   H N N 312 
THR HG1  H N N 313 
THR HG21 H N N 314 
THR HG22 H N N 315 
THR HG23 H N N 316 
THR HXT  H N N 317 
TRP N    N N N 318 
TRP CA   C N S 319 
TRP C    C N N 320 
TRP O    O N N 321 
TRP CB   C N N 322 
TRP CG   C Y N 323 
TRP CD1  C Y N 324 
TRP CD2  C Y N 325 
TRP NE1  N Y N 326 
TRP CE2  C Y N 327 
TRP CE3  C Y N 328 
TRP CZ2  C Y N 329 
TRP CZ3  C Y N 330 
TRP CH2  C Y N 331 
TRP OXT  O N N 332 
TRP H    H N N 333 
TRP H2   H N N 334 
TRP HA   H N N 335 
TRP HB2  H N N 336 
TRP HB3  H N N 337 
TRP HD1  H N N 338 
TRP HE1  H N N 339 
TRP HE3  H N N 340 
TRP HZ2  H N N 341 
TRP HZ3  H N N 342 
TRP HH2  H N N 343 
TRP HXT  H N N 344 
TYR N    N N N 345 
TYR CA   C N S 346 
TYR C    C N N 347 
TYR O    O N N 348 
TYR CB   C N N 349 
TYR CG   C Y N 350 
TYR CD1  C Y N 351 
TYR CD2  C Y N 352 
TYR CE1  C Y N 353 
TYR CE2  C Y N 354 
TYR CZ   C Y N 355 
TYR OH   O N N 356 
TYR OXT  O N N 357 
TYR H    H N N 358 
TYR H2   H N N 359 
TYR HA   H N N 360 
TYR HB2  H N N 361 
TYR HB3  H N N 362 
TYR HD1  H N N 363 
TYR HD2  H N N 364 
TYR HE1  H N N 365 
TYR HE2  H N N 366 
TYR HH   H N N 367 
TYR HXT  H N N 368 
VAL N    N N N 369 
VAL CA   C N S 370 
VAL C    C N N 371 
VAL O    O N N 372 
VAL CB   C N N 373 
VAL CG1  C N N 374 
VAL CG2  C N N 375 
VAL OXT  O N N 376 
VAL H    H N N 377 
VAL H2   H N N 378 
VAL HA   H N N 379 
VAL HB   H N N 380 
VAL HG11 H N N 381 
VAL HG12 H N N 382 
VAL HG13 H N N 383 
VAL HG21 H N N 384 
VAL HG22 H N N 385 
VAL HG23 H N N 386 
VAL HXT  H N N 387 
# 
loop_
_chem_comp_bond.comp_id 
_chem_comp_bond.atom_id_1 
_chem_comp_bond.atom_id_2 
_chem_comp_bond.value_order 
_chem_comp_bond.pdbx_aromatic_flag 
_chem_comp_bond.pdbx_stereo_config 
_chem_comp_bond.pdbx_ordinal 
ALA N   CA   sing N N 1   
ALA N   H    sing N N 2   
ALA N   H2   sing N N 3   
ALA CA  C    sing N N 4   
ALA CA  CB   sing N N 5   
ALA CA  HA   sing N N 6   
ALA C   O    doub N N 7   
ALA C   OXT  sing N N 8   
ALA CB  HB1  sing N N 9   
ALA CB  HB2  sing N N 10  
ALA CB  HB3  sing N N 11  
ALA OXT HXT  sing N N 12  
ARG N   CA   sing N N 13  
ARG N   H    sing N N 14  
ARG N   H2   sing N N 15  
ARG CA  C    sing N N 16  
ARG CA  CB   sing N N 17  
ARG CA  HA   sing N N 18  
ARG C   O    doub N N 19  
ARG C   OXT  sing N N 20  
ARG CB  CG   sing N N 21  
ARG CB  HB2  sing N N 22  
ARG CB  HB3  sing N N 23  
ARG CG  CD   sing N N 24  
ARG CG  HG2  sing N N 25  
ARG CG  HG3  sing N N 26  
ARG CD  NE   sing N N 27  
ARG CD  HD2  sing N N 28  
ARG CD  HD3  sing N N 29  
ARG NE  CZ   sing N N 30  
ARG NE  HE   sing N N 31  
ARG CZ  NH1  sing N N 32  
ARG CZ  NH2  doub N N 33  
ARG NH1 HH11 sing N N 34  
ARG NH1 HH12 sing N N 35  
ARG NH2 HH21 sing N N 36  
ARG NH2 HH22 sing N N 37  
ARG OXT HXT  sing N N 38  
ASN N   CA   sing N N 39  
ASN N   H    sing N N 40  
ASN N   H2   sing N N 41  
ASN CA  C    sing N N 42  
ASN CA  CB   sing N N 43  
ASN CA  HA   sing N N 44  
ASN C   O    doub N N 45  
ASN C   OXT  sing N N 46  
ASN CB  CG   sing N N 47  
ASN CB  HB2  sing N N 48  
ASN CB  HB3  sing N N 49  
ASN CG  OD1  doub N N 50  
ASN CG  ND2  sing N N 51  
ASN ND2 HD21 sing N N 52  
ASN ND2 HD22 sing N N 53  
ASN OXT HXT  sing N N 54  
ASP N   CA   sing N N 55  
ASP N   H    sing N N 56  
ASP N   H2   sing N N 57  
ASP CA  C    sing N N 58  
ASP CA  CB   sing N N 59  
ASP CA  HA   sing N N 60  
ASP C   O    doub N N 61  
ASP C   OXT  sing N N 62  
ASP CB  CG   sing N N 63  
ASP CB  HB2  sing N N 64  
ASP CB  HB3  sing N N 65  
ASP CG  OD1  doub N N 66  
ASP CG  OD2  sing N N 67  
ASP OD2 HD2  sing N N 68  
ASP OXT HXT  sing N N 69  
CYS N   CA   sing N N 70  
CYS N   H    sing N N 71  
CYS N   H2   sing N N 72  
CYS CA  C    sing N N 73  
CYS CA  CB   sing N N 74  
CYS CA  HA   sing N N 75  
CYS C   O    doub N N 76  
CYS C   OXT  sing N N 77  
CYS CB  SG   sing N N 78  
CYS CB  HB2  sing N N 79  
CYS CB  HB3  sing N N 80  
CYS SG  HG   sing N N 81  
CYS OXT HXT  sing N N 82  
GLN N   CA   sing N N 83  
GLN N   H    sing N N 84  
GLN N   H2   sing N N 85  
GLN CA  C    sing N N 86  
GLN CA  CB   sing N N 87  
GLN CA  HA   sing N N 88  
GLN C   O    doub N N 89  
GLN C   OXT  sing N N 90  
GLN CB  CG   sing N N 91  
GLN CB  HB2  sing N N 92  
GLN CB  HB3  sing N N 93  
GLN CG  CD   sing N N 94  
GLN CG  HG2  sing N N 95  
GLN CG  HG3  sing N N 96  
GLN CD  OE1  doub N N 97  
GLN CD  NE2  sing N N 98  
GLN NE2 HE21 sing N N 99  
GLN NE2 HE22 sing N N 100 
GLN OXT HXT  sing N N 101 
GLU N   CA   sing N N 102 
GLU N   H    sing N N 103 
GLU N   H2   sing N N 104 
GLU CA  C    sing N N 105 
GLU CA  CB   sing N N 106 
GLU CA  HA   sing N N 107 
GLU C   O    doub N N 108 
GLU C   OXT  sing N N 109 
GLU CB  CG   sing N N 110 
GLU CB  HB2  sing N N 111 
GLU CB  HB3  sing N N 112 
GLU CG  CD   sing N N 113 
GLU CG  HG2  sing N N 114 
GLU CG  HG3  sing N N 115 
GLU CD  OE1  doub N N 116 
GLU CD  OE2  sing N N 117 
GLU OE2 HE2  sing N N 118 
GLU OXT HXT  sing N N 119 
GLY N   CA   sing N N 120 
GLY N   H    sing N N 121 
GLY N   H2   sing N N 122 
GLY CA  C    sing N N 123 
GLY CA  HA2  sing N N 124 
GLY CA  HA3  sing N N 125 
GLY C   O    doub N N 126 
GLY C   OXT  sing N N 127 
GLY OXT HXT  sing N N 128 
HIS N   CA   sing N N 129 
HIS N   H    sing N N 130 
HIS N   H2   sing N N 131 
HIS CA  C    sing N N 132 
HIS CA  CB   sing N N 133 
HIS CA  HA   sing N N 134 
HIS C   O    doub N N 135 
HIS C   OXT  sing N N 136 
HIS CB  CG   sing N N 137 
HIS CB  HB2  sing N N 138 
HIS CB  HB3  sing N N 139 
HIS CG  ND1  sing Y N 140 
HIS CG  CD2  doub Y N 141 
HIS ND1 CE1  doub Y N 142 
HIS ND1 HD1  sing N N 143 
HIS CD2 NE2  sing Y N 144 
HIS CD2 HD2  sing N N 145 
HIS CE1 NE2  sing Y N 146 
HIS CE1 HE1  sing N N 147 
HIS NE2 HE2  sing N N 148 
HIS OXT HXT  sing N N 149 
ILE N   CA   sing N N 150 
ILE N   H    sing N N 151 
ILE N   H2   sing N N 152 
ILE CA  C    sing N N 153 
ILE CA  CB   sing N N 154 
ILE CA  HA   sing N N 155 
ILE C   O    doub N N 156 
ILE C   OXT  sing N N 157 
ILE CB  CG1  sing N N 158 
ILE CB  CG2  sing N N 159 
ILE CB  HB   sing N N 160 
ILE CG1 CD1  sing N N 161 
ILE CG1 HG12 sing N N 162 
ILE CG1 HG13 sing N N 163 
ILE CG2 HG21 sing N N 164 
ILE CG2 HG22 sing N N 165 
ILE CG2 HG23 sing N N 166 
ILE CD1 HD11 sing N N 167 
ILE CD1 HD12 sing N N 168 
ILE CD1 HD13 sing N N 169 
ILE OXT HXT  sing N N 170 
LEU N   CA   sing N N 171 
LEU N   H    sing N N 172 
LEU N   H2   sing N N 173 
LEU CA  C    sing N N 174 
LEU CA  CB   sing N N 175 
LEU CA  HA   sing N N 176 
LEU C   O    doub N N 177 
LEU C   OXT  sing N N 178 
LEU CB  CG   sing N N 179 
LEU CB  HB2  sing N N 180 
LEU CB  HB3  sing N N 181 
LEU CG  CD1  sing N N 182 
LEU CG  CD2  sing N N 183 
LEU CG  HG   sing N N 184 
LEU CD1 HD11 sing N N 185 
LEU CD1 HD12 sing N N 186 
LEU CD1 HD13 sing N N 187 
LEU CD2 HD21 sing N N 188 
LEU CD2 HD22 sing N N 189 
LEU CD2 HD23 sing N N 190 
LEU OXT HXT  sing N N 191 
LYS N   CA   sing N N 192 
LYS N   H    sing N N 193 
LYS N   H2   sing N N 194 
LYS CA  C    sing N N 195 
LYS CA  CB   sing N N 196 
LYS CA  HA   sing N N 197 
LYS C   O    doub N N 198 
LYS C   OXT  sing N N 199 
LYS CB  CG   sing N N 200 
LYS CB  HB2  sing N N 201 
LYS CB  HB3  sing N N 202 
LYS CG  CD   sing N N 203 
LYS CG  HG2  sing N N 204 
LYS CG  HG3  sing N N 205 
LYS CD  CE   sing N N 206 
LYS CD  HD2  sing N N 207 
LYS CD  HD3  sing N N 208 
LYS CE  NZ   sing N N 209 
LYS CE  HE2  sing N N 210 
LYS CE  HE3  sing N N 211 
LYS NZ  HZ1  sing N N 212 
LYS NZ  HZ2  sing N N 213 
LYS NZ  HZ3  sing N N 214 
LYS OXT HXT  sing N N 215 
MET N   CA   sing N N 216 
MET N   H    sing N N 217 
MET N   H2   sing N N 218 
MET CA  C    sing N N 219 
MET CA  CB   sing N N 220 
MET CA  HA   sing N N 221 
MET C   O    doub N N 222 
MET C   OXT  sing N N 223 
MET CB  CG   sing N N 224 
MET CB  HB2  sing N N 225 
MET CB  HB3  sing N N 226 
MET CG  SD   sing N N 227 
MET CG  HG2  sing N N 228 
MET CG  HG3  sing N N 229 
MET SD  CE   sing N N 230 
MET CE  HE1  sing N N 231 
MET CE  HE2  sing N N 232 
MET CE  HE3  sing N N 233 
MET OXT HXT  sing N N 234 
PHE N   CA   sing N N 235 
PHE N   H    sing N N 236 
PHE N   H2   sing N N 237 
PHE CA  C    sing N N 238 
PHE CA  CB   sing N N 239 
PHE CA  HA   sing N N 240 
PHE C   O    doub N N 241 
PHE C   OXT  sing N N 242 
PHE CB  CG   sing N N 243 
PHE CB  HB2  sing N N 244 
PHE CB  HB3  sing N N 245 
PHE CG  CD1  doub Y N 246 
PHE CG  CD2  sing Y N 247 
PHE CD1 CE1  sing Y N 248 
PHE CD1 HD1  sing N N 249 
PHE CD2 CE2  doub Y N 250 
PHE CD2 HD2  sing N N 251 
PHE CE1 CZ   doub Y N 252 
PHE CE1 HE1  sing N N 253 
PHE CE2 CZ   sing Y N 254 
PHE CE2 HE2  sing N N 255 
PHE CZ  HZ   sing N N 256 
PHE OXT HXT  sing N N 257 
PRO N   CA   sing N N 258 
PRO N   CD   sing N N 259 
PRO N   H    sing N N 260 
PRO CA  C    sing N N 261 
PRO CA  CB   sing N N 262 
PRO CA  HA   sing N N 263 
PRO C   O    doub N N 264 
PRO C   OXT  sing N N 265 
PRO CB  CG   sing N N 266 
PRO CB  HB2  sing N N 267 
PRO CB  HB3  sing N N 268 
PRO CG  CD   sing N N 269 
PRO CG  HG2  sing N N 270 
PRO CG  HG3  sing N N 271 
PRO CD  HD2  sing N N 272 
PRO CD  HD3  sing N N 273 
PRO OXT HXT  sing N N 274 
SER N   CA   sing N N 275 
SER N   H    sing N N 276 
SER N   H2   sing N N 277 
SER CA  C    sing N N 278 
SER CA  CB   sing N N 279 
SER CA  HA   sing N N 280 
SER C   O    doub N N 281 
SER C   OXT  sing N N 282 
SER CB  OG   sing N N 283 
SER CB  HB2  sing N N 284 
SER CB  HB3  sing N N 285 
SER OG  HG   sing N N 286 
SER OXT HXT  sing N N 287 
THR N   CA   sing N N 288 
THR N   H    sing N N 289 
THR N   H2   sing N N 290 
THR CA  C    sing N N 291 
THR CA  CB   sing N N 292 
THR CA  HA   sing N N 293 
THR C   O    doub N N 294 
THR C   OXT  sing N N 295 
THR CB  OG1  sing N N 296 
THR CB  CG2  sing N N 297 
THR CB  HB   sing N N 298 
THR OG1 HG1  sing N N 299 
THR CG2 HG21 sing N N 300 
THR CG2 HG22 sing N N 301 
THR CG2 HG23 sing N N 302 
THR OXT HXT  sing N N 303 
TRP N   CA   sing N N 304 
TRP N   H    sing N N 305 
TRP N   H2   sing N N 306 
TRP CA  C    sing N N 307 
TRP CA  CB   sing N N 308 
TRP CA  HA   sing N N 309 
TRP C   O    doub N N 310 
TRP C   OXT  sing N N 311 
TRP CB  CG   sing N N 312 
TRP CB  HB2  sing N N 313 
TRP CB  HB3  sing N N 314 
TRP CG  CD1  doub Y N 315 
TRP CG  CD2  sing Y N 316 
TRP CD1 NE1  sing Y N 317 
TRP CD1 HD1  sing N N 318 
TRP CD2 CE2  doub Y N 319 
TRP CD2 CE3  sing Y N 320 
TRP NE1 CE2  sing Y N 321 
TRP NE1 HE1  sing N N 322 
TRP CE2 CZ2  sing Y N 323 
TRP CE3 CZ3  doub Y N 324 
TRP CE3 HE3  sing N N 325 
TRP CZ2 CH2  doub Y N 326 
TRP CZ2 HZ2  sing N N 327 
TRP CZ3 CH2  sing Y N 328 
TRP CZ3 HZ3  sing N N 329 
TRP CH2 HH2  sing N N 330 
TRP OXT HXT  sing N N 331 
TYR N   CA   sing N N 332 
TYR N   H    sing N N 333 
TYR N   H2   sing N N 334 
TYR CA  C    sing N N 335 
TYR CA  CB   sing N N 336 
TYR CA  HA   sing N N 337 
TYR C   O    doub N N 338 
TYR C   OXT  sing N N 339 
TYR CB  CG   sing N N 340 
TYR CB  HB2  sing N N 341 
TYR CB  HB3  sing N N 342 
TYR CG  CD1  doub Y N 343 
TYR CG  CD2  sing Y N 344 
TYR CD1 CE1  sing Y N 345 
TYR CD1 HD1  sing N N 346 
TYR CD2 CE2  doub Y N 347 
TYR CD2 HD2  sing N N 348 
TYR CE1 CZ   doub Y N 349 
TYR CE1 HE1  sing N N 350 
TYR CE2 CZ   sing Y N 351 
TYR CE2 HE2  sing N N 352 
TYR CZ  OH   sing N N 353 
TYR OH  HH   sing N N 354 
TYR OXT HXT  sing N N 355 
VAL N   CA   sing N N 356 
VAL N   H    sing N N 357 
VAL N   H2   sing N N 358 
VAL CA  C    sing N N 359 
VAL CA  CB   sing N N 360 
VAL CA  HA   sing N N 361 
VAL C   O    doub N N 362 
VAL C   OXT  sing N N 363 
VAL CB  CG1  sing N N 364 
VAL CB  CG2  sing N N 365 
VAL CB  HB   sing N N 366 
VAL CG1 HG11 sing N N 367 
VAL CG1 HG12 sing N N 368 
VAL CG1 HG13 sing N N 369 
VAL CG2 HG21 sing N N 370 
VAL CG2 HG22 sing N N 371 
VAL CG2 HG23 sing N N 372 
VAL OXT HXT  sing N N 373 
# 
loop_
_pdbx_nmr_spectrometer.spectrometer_id 
_pdbx_nmr_spectrometer.model 
_pdbx_nmr_spectrometer.manufacturer 
_pdbx_nmr_spectrometer.field_strength 
1 AMX500 Bruker 500 
2 AMX600 Bruker 600 
# 
_atom_sites.entry_id                    2EZH 
_atom_sites.fract_transf_matrix[1][1]   1.000000 
_atom_sites.fract_transf_matrix[1][2]   0.000000 
_atom_sites.fract_transf_matrix[1][3]   0.000000 
_atom_sites.fract_transf_matrix[2][1]   0.000000 
_atom_sites.fract_transf_matrix[2][2]   1.000000 
_atom_sites.fract_transf_matrix[2][3]   0.000000 
_atom_sites.fract_transf_matrix[3][1]   0.000000 
_atom_sites.fract_transf_matrix[3][2]   0.000000 
_atom_sites.fract_transf_matrix[3][3]   1.000000 
_atom_sites.fract_transf_vector[1]      0.00000 
_atom_sites.fract_transf_vector[2]      0.00000 
_atom_sites.fract_transf_vector[3]      0.00000 
# 
loop_
_atom_type.symbol 
C 
H 
N 
O 
S 
# 
loop_
_atom_site.group_PDB 
_atom_site.id 
_atom_site.type_symbol 
_atom_site.label_atom_id 
_atom_site.label_alt_id 
_atom_site.label_comp_id 
_atom_site.label_asym_id 
_atom_site.label_entity_id 
_atom_site.label_seq_id 
_atom_site.pdbx_PDB_ins_code 
_atom_site.Cartn_x 
_atom_site.Cartn_y 
_atom_site.Cartn_z 
_atom_site.occupancy 
_atom_site.B_iso_or_equiv 
_atom_site.pdbx_formal_charge 
_atom_site.auth_seq_id 
_atom_site.auth_comp_id 
_atom_site.auth_asym_id 
_atom_site.auth_atom_id 
_atom_site.pdbx_PDB_model_num 
ATOM 1    N N    . SER A 1 6  ? -5.599  -5.031  13.681  1.00 3.34 ? 178 SER A N    1 
ATOM 2    C CA   . SER A 1 6  ? -5.259  -5.267  12.250  1.00 2.71 ? 178 SER A CA   1 
ATOM 3    C C    . SER A 1 6  ? -4.720  -6.692  12.080  1.00 2.16 ? 178 SER A C    1 
ATOM 4    O O    . SER A 1 6  ? -3.594  -6.987  12.426  1.00 2.44 ? 178 SER A O    1 
ATOM 5    C CB   . SER A 1 6  ? -4.196  -4.249  11.802  1.00 3.28 ? 178 SER A CB   1 
ATOM 6    O OG   . SER A 1 6  ? -3.215  -4.896  11.000  1.00 3.73 ? 178 SER A OG   1 
ATOM 7    H H    . SER A 1 6  ? -5.948  -5.764  14.229  1.00 3.79 ? 178 SER A H    1 
ATOM 8    H HA   . SER A 1 6  ? -6.150  -5.150  11.647  1.00 2.80 ? 178 SER A HA   1 
ATOM 9    H HB2  . SER A 1 6  ? -4.658  -3.465  11.224  1.00 3.67 ? 178 SER A HB2  1 
ATOM 10   H HB3  . SER A 1 6  ? -3.729  -3.817  12.677  1.00 3.60 ? 178 SER A HB3  1 
ATOM 11   H HG   . SER A 1 6  ? -3.646  -5.604  10.516  1.00 3.86 ? 178 SER A HG   1 
ATOM 12   N N    . GLU A 1 7  ? -5.520  -7.567  11.528  1.00 2.06 ? 179 GLU A N    1 
ATOM 13   C CA   . GLU A 1 7  ? -5.082  -8.982  11.294  1.00 2.10 ? 179 GLU A CA   1 
ATOM 14   C C    . GLU A 1 7  ? -5.311  -9.293  9.824   1.00 1.54 ? 179 GLU A C    1 
ATOM 15   O O    . GLU A 1 7  ? -6.364  -9.771  9.462   1.00 2.08 ? 179 GLU A O    1 
ATOM 16   C CB   . GLU A 1 7  ? -5.952  -9.942  12.129  1.00 3.13 ? 179 GLU A CB   1 
ATOM 17   C CG   . GLU A 1 7  ? -5.407  -10.071 13.554  1.00 3.85 ? 179 GLU A CG   1 
ATOM 18   C CD   . GLU A 1 7  ? -5.772  -8.825  14.359  1.00 4.74 ? 179 GLU A CD   1 
ATOM 19   O OE1  . GLU A 1 7  ? -6.917  -8.723  14.767  1.00 5.20 ? 179 GLU A OE1  1 
ATOM 20   O OE2  . GLU A 1 7  ? -4.899  -7.997  14.558  1.00 5.30 ? 179 GLU A OE2  1 
ATOM 21   H H    . GLU A 1 7  ? -6.415  -7.289  11.246  1.00 2.48 ? 179 GLU A H    1 
ATOM 22   H HA   . GLU A 1 7  ? -4.037  -9.107  11.538  1.00 2.42 ? 179 GLU A HA   1 
ATOM 23   H HB2  . GLU A 1 7  ? -6.962  -9.560  12.166  1.00 3.63 ? 179 GLU A HB2  1 
ATOM 24   H HB3  . GLU A 1 7  ? -5.962  -10.920 11.666  1.00 3.39 ? 179 GLU A HB3  1 
ATOM 25   H HG2  . GLU A 1 7  ? -5.849  -10.940 14.020  1.00 4.08 ? 179 GLU A HG2  1 
ATOM 26   H HG3  . GLU A 1 7  ? -4.335  -10.186 13.530  1.00 4.04 ? 179 GLU A HG3  1 
ATOM 27   N N    . PHE A 1 8  ? -4.363  -9.018  8.966   1.00 1.23 ? 180 PHE A N    1 
ATOM 28   C CA   . PHE A 1 8  ? -4.601  -9.295  7.519   1.00 1.42 ? 180 PHE A CA   1 
ATOM 29   C C    . PHE A 1 8  ? -3.357  -9.811  6.826   1.00 1.00 ? 180 PHE A C    1 
ATOM 30   O O    . PHE A 1 8  ? -2.251  -9.748  7.326   1.00 1.28 ? 180 PHE A O    1 
ATOM 31   C CB   . PHE A 1 8  ? -5.098  -8.019  6.853   1.00 2.36 ? 180 PHE A CB   1 
ATOM 32   C CG   . PHE A 1 8  ? -6.331  -7.580  7.602   1.00 2.89 ? 180 PHE A CG   1 
ATOM 33   C CD1  . PHE A 1 8  ? -7.478  -8.386  7.589   1.00 3.54 ? 180 PHE A CD1  1 
ATOM 34   C CD2  . PHE A 1 8  ? -6.317  -6.397  8.349   1.00 3.03 ? 180 PHE A CD2  1 
ATOM 35   C CE1  . PHE A 1 8  ? -8.608  -8.007  8.318   1.00 4.10 ? 180 PHE A CE1  1 
ATOM 36   C CE2  . PHE A 1 8  ? -7.446  -6.021  9.083   1.00 3.50 ? 180 PHE A CE2  1 
ATOM 37   C CZ   . PHE A 1 8  ? -8.592  -6.827  9.067   1.00 3.97 ? 180 PHE A CZ   1 
ATOM 38   H H    . PHE A 1 8  ? -3.520  -8.613  9.266   1.00 1.62 ? 180 PHE A H    1 
ATOM 39   H HA   . PHE A 1 8  ? -5.363  -10.053 7.416   1.00 1.88 ? 180 PHE A HA   1 
ATOM 40   H HB2  . PHE A 1 8  ? -4.333  -7.254  6.908   1.00 2.54 ? 180 PHE A HB2  1 
ATOM 41   H HB3  . PHE A 1 8  ? -5.344  -8.217  5.826   1.00 2.82 ? 180 PHE A HB3  1 
ATOM 42   H HD1  . PHE A 1 8  ? -7.494  -9.297  7.009   1.00 3.78 ? 180 PHE A HD1  1 
ATOM 43   H HD2  . PHE A 1 8  ? -5.434  -5.775  8.358   1.00 3.02 ? 180 PHE A HD2  1 
ATOM 44   H HE1  . PHE A 1 8  ? -9.490  -8.631  8.308   1.00 4.76 ? 180 PHE A HE1  1 
ATOM 45   H HE2  . PHE A 1 8  ? -7.436  -5.109  9.660   1.00 3.71 ? 180 PHE A HE2  1 
ATOM 46   H HZ   . PHE A 1 8  ? -9.462  -6.539  9.637   1.00 4.40 ? 180 PHE A HZ   1 
ATOM 47   N N    . ASP A 1 9  ? -3.575  -10.357 5.674   1.00 0.62 ? 181 ASP A N    1 
ATOM 48   C CA   . ASP A 1 9  ? -2.480  -10.949 4.882   1.00 0.67 ? 181 ASP A CA   1 
ATOM 49   C C    . ASP A 1 9  ? -1.276  -10.017 4.829   1.00 0.49 ? 181 ASP A C    1 
ATOM 50   O O    . ASP A 1 9  ? -1.278  -9.005  4.154   1.00 0.46 ? 181 ASP A O    1 
ATOM 51   C CB   . ASP A 1 9  ? -3.022  -11.172 3.479   1.00 1.07 ? 181 ASP A CB   1 
ATOM 52   C CG   . ASP A 1 9  ? -4.343  -11.931 3.594   1.00 1.34 ? 181 ASP A CG   1 
ATOM 53   O OD1  . ASP A 1 9  ? -4.301  -13.147 3.686   1.00 1.79 ? 181 ASP A OD1  1 
ATOM 54   O OD2  . ASP A 1 9  ? -5.376  -11.281 3.603   1.00 1.76 ? 181 ASP A OD2  1 
ATOM 55   H H    . ASP A 1 9  ? -4.496  -10.403 5.331   1.00 0.74 ? 181 ASP A H    1 
ATOM 56   H HA   . ASP A 1 9  ? -2.190  -11.896 5.307   1.00 1.00 ? 181 ASP A HA   1 
ATOM 57   H HB2  . ASP A 1 9  ? -3.193  -10.214 3.009   1.00 1.13 ? 181 ASP A HB2  1 
ATOM 58   H HB3  . ASP A 1 9  ? -2.320  -11.747 2.897   1.00 1.33 ? 181 ASP A HB3  1 
ATOM 59   N N    . GLU A 1 10 ? -0.230  -10.383 5.515   1.00 0.50 ? 182 GLU A N    1 
ATOM 60   C CA   . GLU A 1 10 ? 1.004   -9.560  5.493   1.00 0.49 ? 182 GLU A CA   1 
ATOM 61   C C    . GLU A 1 10 ? 1.444   -9.461  4.041   1.00 0.44 ? 182 GLU A C    1 
ATOM 62   O O    . GLU A 1 10 ? 2.002   -8.476  3.600   1.00 0.45 ? 182 GLU A O    1 
ATOM 63   C CB   . GLU A 1 10 ? 2.096   -10.266 6.299   1.00 0.64 ? 182 GLU A CB   1 
ATOM 64   C CG   . GLU A 1 10 ? 1.655   -10.415 7.755   1.00 1.52 ? 182 GLU A CG   1 
ATOM 65   C CD   . GLU A 1 10 ? 2.745   -11.150 8.539   1.00 1.90 ? 182 GLU A CD   1 
ATOM 66   O OE1  . GLU A 1 10 ? 3.868   -10.672 8.544   1.00 2.41 ? 182 GLU A OE1  1 
ATOM 67   O OE2  . GLU A 1 10 ? 2.441   -12.183 9.111   1.00 2.35 ? 182 GLU A OE2  1 
ATOM 68   H H    . GLU A 1 10 ? -0.251  -11.217 6.027   1.00 0.60 ? 182 GLU A H    1 
ATOM 69   H HA   . GLU A 1 10 ? 0.811   -8.577  5.898   1.00 0.51 ? 182 GLU A HA   1 
ATOM 70   H HB2  . GLU A 1 10 ? 2.276   -11.244 5.875   1.00 1.28 ? 182 GLU A HB2  1 
ATOM 71   H HB3  . GLU A 1 10 ? 3.005   -9.684  6.258   1.00 1.16 ? 182 GLU A HB3  1 
ATOM 72   H HG2  . GLU A 1 10 ? 1.496   -9.438  8.186   1.00 2.11 ? 182 GLU A HG2  1 
ATOM 73   H HG3  . GLU A 1 10 ? 0.739   -10.984 7.798   1.00 2.19 ? 182 GLU A HG3  1 
ATOM 74   N N    . ASP A 1 11 ? 1.185   -10.501 3.302   1.00 0.44 ? 183 ASP A N    1 
ATOM 75   C CA   . ASP A 1 11 ? 1.564   -10.532 1.869   1.00 0.44 ? 183 ASP A CA   1 
ATOM 76   C C    . ASP A 1 11 ? 0.865   -9.388  1.133   1.00 0.36 ? 183 ASP A C    1 
ATOM 77   O O    . ASP A 1 11 ? 1.443   -8.745  0.279   1.00 0.40 ? 183 ASP A O    1 
ATOM 78   C CB   . ASP A 1 11 ? 1.120   -11.873 1.279   1.00 0.48 ? 183 ASP A CB   1 
ATOM 79   C CG   . ASP A 1 11 ? 1.963   -12.997 1.885   1.00 0.58 ? 183 ASP A CG   1 
ATOM 80   O OD1  . ASP A 1 11 ? 3.178   -12.888 1.845   1.00 1.14 ? 183 ASP A OD1  1 
ATOM 81   O OD2  . ASP A 1 11 ? 1.379   -13.949 2.378   1.00 1.28 ? 183 ASP A OD2  1 
ATOM 82   H H    . ASP A 1 11 ? 0.733   -11.275 3.699   1.00 0.46 ? 183 ASP A H    1 
ATOM 83   H HA   . ASP A 1 11 ? 2.635   -10.430 1.772   1.00 0.51 ? 183 ASP A HA   1 
ATOM 84   H HB2  . ASP A 1 11 ? 0.076   -12.040 1.509   1.00 0.44 ? 183 ASP A HB2  1 
ATOM 85   H HB3  . ASP A 1 11 ? 1.256   -11.861 0.209   1.00 0.50 ? 183 ASP A HB3  1 
ATOM 86   N N    . ALA A 1 12 ? -0.374  -9.124  1.453   1.00 0.30 ? 184 ALA A N    1 
ATOM 87   C CA   . ALA A 1 12 ? -1.092  -8.016  0.762   1.00 0.28 ? 184 ALA A CA   1 
ATOM 88   C C    . ALA A 1 12 ? -0.582  -6.669  1.281   1.00 0.25 ? 184 ALA A C    1 
ATOM 89   O O    . ALA A 1 12 ? -0.318  -5.762  0.516   1.00 0.27 ? 184 ALA A O    1 
ATOM 90   C CB   . ALA A 1 12 ? -2.594  -8.132  1.028   1.00 0.31 ? 184 ALA A CB   1 
ATOM 91   H H    . ALA A 1 12 ? -0.827  -9.650  2.144   1.00 0.30 ? 184 ALA A H    1 
ATOM 92   H HA   . ALA A 1 12 ? -0.911  -8.081  -0.301  1.00 0.32 ? 184 ALA A HA   1 
ATOM 93   H HB1  . ALA A 1 12 ? -2.890  -9.164  0.950   1.00 1.05 ? 184 ALA A HB1  1 
ATOM 94   H HB2  . ALA A 1 12 ? -2.818  -7.767  2.020   1.00 1.02 ? 184 ALA A HB2  1 
ATOM 95   H HB3  . ALA A 1 12 ? -3.135  -7.548  0.298   1.00 1.12 ? 184 ALA A HB3  1 
ATOM 96   N N    . TRP A 1 13 ? -0.436  -6.526  2.571   1.00 0.24 ? 185 TRP A N    1 
ATOM 97   C CA   . TRP A 1 13 ? 0.061   -5.233  3.115   1.00 0.24 ? 185 TRP A CA   1 
ATOM 98   C C    . TRP A 1 13 ? 1.449   -4.957  2.535   1.00 0.26 ? 185 TRP A C    1 
ATOM 99   O O    . TRP A 1 13 ? 1.733   -3.879  2.055   1.00 0.28 ? 185 TRP A O    1 
ATOM 100  C CB   . TRP A 1 13 ? 0.144   -5.309  4.640   1.00 0.26 ? 185 TRP A CB   1 
ATOM 101  C CG   . TRP A 1 13 ? 0.641   -4.003  5.170   1.00 0.28 ? 185 TRP A CG   1 
ATOM 102  C CD1  . TRP A 1 13 ? 1.816   -3.823  5.815   1.00 0.32 ? 185 TRP A CD1  1 
ATOM 103  C CD2  . TRP A 1 13 ? 0.000   -2.697  5.111   1.00 0.31 ? 185 TRP A CD2  1 
ATOM 104  N NE1  . TRP A 1 13 ? 1.938   -2.486  6.155   1.00 0.37 ? 185 TRP A NE1  1 
ATOM 105  C CE2  . TRP A 1 13 ? 0.843   -1.752  5.742   1.00 0.37 ? 185 TRP A CE2  1 
ATOM 106  C CE3  . TRP A 1 13 ? -1.219  -2.243  4.575   1.00 0.33 ? 185 TRP A CE3  1 
ATOM 107  C CZ2  . TRP A 1 13 ? 0.488   -0.404  5.838   1.00 0.44 ? 185 TRP A CZ2  1 
ATOM 108  C CZ3  . TRP A 1 13 ? -1.579  -0.890  4.670   1.00 0.42 ? 185 TRP A CZ3  1 
ATOM 109  C CH2  . TRP A 1 13 ? -0.727  0.028   5.300   1.00 0.47 ? 185 TRP A CH2  1 
ATOM 110  H H    . TRP A 1 13 ? -0.648  -7.266  3.178   1.00 0.25 ? 185 TRP A H    1 
ATOM 111  H HA   . TRP A 1 13 ? -0.612  -4.440  2.827   1.00 0.26 ? 185 TRP A HA   1 
ATOM 112  H HB2  . TRP A 1 13 ? -0.836  -5.514  5.046   1.00 0.28 ? 185 TRP A HB2  1 
ATOM 113  H HB3  . TRP A 1 13 ? 0.825   -6.097  4.927   1.00 0.29 ? 185 TRP A HB3  1 
ATOM 114  H HD1  . TRP A 1 13 ? 2.540   -4.595  6.028   1.00 0.35 ? 185 TRP A HD1  1 
ATOM 115  H HE1  . TRP A 1 13 ? 2.698   -2.090  6.630   1.00 0.42 ? 185 TRP A HE1  1 
ATOM 116  H HE3  . TRP A 1 13 ? -1.884  -2.941  4.089   1.00 0.32 ? 185 TRP A HE3  1 
ATOM 117  H HZ2  . TRP A 1 13 ? 1.146   0.298   6.325   1.00 0.50 ? 185 TRP A HZ2  1 
ATOM 118  H HZ3  . TRP A 1 13 ? -2.517  -0.553  4.254   1.00 0.46 ? 185 TRP A HZ3  1 
ATOM 119  H HH2  . TRP A 1 13 ? -1.009  1.068   5.369   1.00 0.54 ? 185 TRP A HH2  1 
ATOM 120  N N    . GLN A 1 14 ? 2.309   -5.937  2.568   1.00 0.29 ? 186 GLN A N    1 
ATOM 121  C CA   . GLN A 1 14 ? 3.678   -5.759  2.010   1.00 0.33 ? 186 GLN A CA   1 
ATOM 122  C C    . GLN A 1 14 ? 3.571   -5.412  0.524   1.00 0.30 ? 186 GLN A C    1 
ATOM 123  O O    . GLN A 1 14 ? 4.310   -4.597  0.009   1.00 0.31 ? 186 GLN A O    1 
ATOM 124  C CB   . GLN A 1 14 ? 4.471   -7.059  2.174   1.00 0.41 ? 186 GLN A CB   1 
ATOM 125  C CG   . GLN A 1 14 ? 4.785   -7.284  3.655   1.00 0.48 ? 186 GLN A CG   1 
ATOM 126  C CD   . GLN A 1 14 ? 5.790   -6.237  4.135   1.00 0.81 ? 186 GLN A CD   1 
ATOM 127  O OE1  . GLN A 1 14 ? 6.879   -6.134  3.605   1.00 1.54 ? 186 GLN A OE1  1 
ATOM 128  N NE2  . GLN A 1 14 ? 5.468   -5.449  5.124   1.00 1.07 ? 186 GLN A NE2  1 
ATOM 129  H H    . GLN A 1 14 ? 2.049   -6.801  2.952   1.00 0.30 ? 186 GLN A H    1 
ATOM 130  H HA   . GLN A 1 14 ? 4.180   -4.959  2.533   1.00 0.35 ? 186 GLN A HA   1 
ATOM 131  H HB2  . GLN A 1 14 ? 3.886   -7.886  1.799   1.00 0.41 ? 186 GLN A HB2  1 
ATOM 132  H HB3  . GLN A 1 14 ? 5.395   -6.989  1.619   1.00 0.44 ? 186 GLN A HB3  1 
ATOM 133  H HG2  . GLN A 1 14 ? 3.875   -7.200  4.232   1.00 0.89 ? 186 GLN A HG2  1 
ATOM 134  H HG3  . GLN A 1 14 ? 5.204   -8.270  3.787   1.00 0.87 ? 186 GLN A HG3  1 
ATOM 135  H HE21 . GLN A 1 14 ? 4.589   -5.532  5.550   1.00 1.27 ? 186 GLN A HE21 1 
ATOM 136  H HE22 . GLN A 1 14 ? 6.104   -4.774  5.440   1.00 1.49 ? 186 GLN A HE22 1 
ATOM 137  N N    . PHE A 1 15 ? 2.661   -6.043  -0.167  1.00 0.29 ? 187 PHE A N    1 
ATOM 138  C CA   . PHE A 1 15 ? 2.502   -5.777  -1.623  1.00 0.30 ? 187 PHE A CA   1 
ATOM 139  C C    . PHE A 1 15 ? 2.165   -4.299  -1.833  1.00 0.28 ? 187 PHE A C    1 
ATOM 140  O O    . PHE A 1 15 ? 2.769   -3.622  -2.643  1.00 0.30 ? 187 PHE A O    1 
ATOM 141  C CB   . PHE A 1 15 ? 1.354   -6.640  -2.156  1.00 0.34 ? 187 PHE A CB   1 
ATOM 142  C CG   . PHE A 1 15 ? 1.320   -6.589  -3.666  1.00 0.34 ? 187 PHE A CG   1 
ATOM 143  C CD1  . PHE A 1 15 ? 0.807   -5.463  -4.322  1.00 0.38 ? 187 PHE A CD1  1 
ATOM 144  C CD2  . PHE A 1 15 ? 1.807   -7.672  -4.411  1.00 0.45 ? 187 PHE A CD2  1 
ATOM 145  C CE1  . PHE A 1 15 ? 0.780   -5.421  -5.721  1.00 0.40 ? 187 PHE A CE1  1 
ATOM 146  C CE2  . PHE A 1 15 ? 1.779   -7.628  -5.810  1.00 0.49 ? 187 PHE A CE2  1 
ATOM 147  C CZ   . PHE A 1 15 ? 1.266   -6.502  -6.465  1.00 0.41 ? 187 PHE A CZ   1 
ATOM 148  H H    . PHE A 1 15 ? 2.087   -6.703  0.273   1.00 0.29 ? 187 PHE A H    1 
ATOM 149  H HA   . PHE A 1 15 ? 3.414   -6.022  -2.143  1.00 0.34 ? 187 PHE A HA   1 
ATOM 150  H HB2  . PHE A 1 15 ? 1.494   -7.662  -1.832  1.00 0.38 ? 187 PHE A HB2  1 
ATOM 151  H HB3  . PHE A 1 15 ? 0.418   -6.268  -1.766  1.00 0.36 ? 187 PHE A HB3  1 
ATOM 152  H HD1  . PHE A 1 15 ? 0.432   -4.628  -3.749  1.00 0.47 ? 187 PHE A HD1  1 
ATOM 153  H HD2  . PHE A 1 15 ? 2.201   -8.542  -3.905  1.00 0.57 ? 187 PHE A HD2  1 
ATOM 154  H HE1  . PHE A 1 15 ? 0.384   -4.553  -6.228  1.00 0.50 ? 187 PHE A HE1  1 
ATOM 155  H HE2  . PHE A 1 15 ? 2.153   -8.463  -6.383  1.00 0.62 ? 187 PHE A HE2  1 
ATOM 156  H HZ   . PHE A 1 15 ? 1.245   -6.469  -7.544  1.00 0.46 ? 187 PHE A HZ   1 
ATOM 157  N N    . LEU A 1 16 ? 1.212   -3.791  -1.103  1.00 0.27 ? 188 LEU A N    1 
ATOM 158  C CA   . LEU A 1 16 ? 0.839   -2.353  -1.247  1.00 0.30 ? 188 LEU A CA   1 
ATOM 159  C C    . LEU A 1 16 ? 2.058   -1.481  -0.926  1.00 0.30 ? 188 LEU A C    1 
ATOM 160  O O    . LEU A 1 16 ? 2.379   -0.555  -1.642  1.00 0.34 ? 188 LEU A O    1 
ATOM 161  C CB   . LEU A 1 16 ? -0.311  -2.040  -0.271  1.00 0.31 ? 188 LEU A CB   1 
ATOM 162  C CG   . LEU A 1 16 ? -0.685  -0.541  -0.297  1.00 0.37 ? 188 LEU A CG   1 
ATOM 163  C CD1  . LEU A 1 16 ? -1.223  -0.157  -1.685  1.00 0.44 ? 188 LEU A CD1  1 
ATOM 164  C CD2  . LEU A 1 16 ? -1.757  -0.241  0.788   1.00 0.39 ? 188 LEU A CD2  1 
ATOM 165  H H    . LEU A 1 16 ? 0.746   -4.355  -0.453  1.00 0.27 ? 188 LEU A H    1 
ATOM 166  H HA   . LEU A 1 16 ? 0.517   -2.169  -2.260  1.00 0.34 ? 188 LEU A HA   1 
ATOM 167  H HB2  . LEU A 1 16 ? -1.177  -2.623  -0.547  1.00 0.32 ? 188 LEU A HB2  1 
ATOM 168  H HB3  . LEU A 1 16 ? -0.007  -2.311  0.728   1.00 0.29 ? 188 LEU A HB3  1 
ATOM 169  H HG   . LEU A 1 16 ? 0.195   0.050   -0.090  1.00 0.40 ? 188 LEU A HG   1 
ATOM 170  H HD11 . LEU A 1 16 ? -1.903  -0.920  -2.033  1.00 1.18 ? 188 LEU A HD11 1 
ATOM 171  H HD12 . LEU A 1 16 ? -1.745  0.786   -1.618  1.00 1.02 ? 188 LEU A HD12 1 
ATOM 172  H HD13 . LEU A 1 16 ? -0.402  -0.062  -2.380  1.00 1.09 ? 188 LEU A HD13 1 
ATOM 173  H HD21 . LEU A 1 16 ? -1.852  -1.079  1.466   1.00 1.06 ? 188 LEU A HD21 1 
ATOM 174  H HD22 . LEU A 1 16 ? -1.457  0.632   1.349   1.00 1.07 ? 188 LEU A HD22 1 
ATOM 175  H HD23 . LEU A 1 16 ? -2.718  -0.051  0.327   1.00 1.14 ? 188 LEU A HD23 1 
ATOM 176  N N    . ILE A 1 17 ? 2.730   -1.768  0.155   1.00 0.29 ? 189 ILE A N    1 
ATOM 177  C CA   . ILE A 1 17 ? 3.921   -0.957  0.541   1.00 0.32 ? 189 ILE A CA   1 
ATOM 178  C C    . ILE A 1 17 ? 5.009   -1.059  -0.535  1.00 0.30 ? 189 ILE A C    1 
ATOM 179  O O    . ILE A 1 17 ? 5.672   -0.091  -0.847  1.00 0.32 ? 189 ILE A O    1 
ATOM 180  C CB   . ILE A 1 17 ? 4.475   -1.478  1.878   1.00 0.36 ? 189 ILE A CB   1 
ATOM 181  C CG1  . ILE A 1 17 ? 3.400   -1.345  2.984   1.00 0.48 ? 189 ILE A CG1  1 
ATOM 182  C CG2  . ILE A 1 17 ? 5.754   -0.704  2.263   1.00 0.40 ? 189 ILE A CG2  1 
ATOM 183  C CD1  . ILE A 1 17 ? 3.320   0.090   3.535   1.00 0.65 ? 189 ILE A CD1  1 
ATOM 184  H H    . ILE A 1 17 ? 2.445   -2.515  0.721   1.00 0.28 ? 189 ILE A H    1 
ATOM 185  H HA   . ILE A 1 17 ? 3.632   0.072   0.647   1.00 0.38 ? 189 ILE A HA   1 
ATOM 186  H HB   . ILE A 1 17 ? 4.725   -2.525  1.760   1.00 0.36 ? 189 ILE A HB   1 
ATOM 187  H HG12 . ILE A 1 17 ? 2.438   -1.619  2.577   1.00 1.11 ? 189 ILE A HG12 1 
ATOM 188  H HG13 . ILE A 1 17 ? 3.644   -2.019  3.792   1.00 1.04 ? 189 ILE A HG13 1 
ATOM 189  H HG21 . ILE A 1 17 ? 5.705   0.305   1.877   1.00 1.06 ? 189 ILE A HG21 1 
ATOM 190  H HG22 . ILE A 1 17 ? 5.850   -0.667  3.340   1.00 1.13 ? 189 ILE A HG22 1 
ATOM 191  H HG23 . ILE A 1 17 ? 6.618   -1.204  1.847   1.00 1.02 ? 189 ILE A HG23 1 
ATOM 192  H HD11 . ILE A 1 17 ? 3.164   0.789   2.730   1.00 1.36 ? 189 ILE A HD11 1 
ATOM 193  H HD12 . ILE A 1 17 ? 2.494   0.158   4.227   1.00 1.24 ? 189 ILE A HD12 1 
ATOM 194  H HD13 . ILE A 1 17 ? 4.235   0.336   4.051   1.00 1.31 ? 189 ILE A HD13 1 
ATOM 195  N N    . ALA A 1 18 ? 5.211   -2.221  -1.092  1.00 0.28 ? 190 ALA A N    1 
ATOM 196  C CA   . ALA A 1 18 ? 6.272   -2.370  -2.131  1.00 0.29 ? 190 ALA A CA   1 
ATOM 197  C C    . ALA A 1 18 ? 5.966   -1.454  -3.324  1.00 0.31 ? 190 ALA A C    1 
ATOM 198  O O    . ALA A 1 18 ? 6.852   -0.841  -3.887  1.00 0.33 ? 190 ALA A O    1 
ATOM 199  C CB   . ALA A 1 18 ? 6.336   -3.838  -2.587  1.00 0.31 ? 190 ALA A CB   1 
ATOM 200  H H    . ALA A 1 18 ? 4.677   -2.996  -0.821  1.00 0.28 ? 190 ALA A H    1 
ATOM 201  H HA   . ALA A 1 18 ? 7.224   -2.085  -1.703  1.00 0.30 ? 190 ALA A HA   1 
ATOM 202  H HB1  . ALA A 1 18 ? 5.991   -4.476  -1.787  1.00 1.01 ? 190 ALA A HB1  1 
ATOM 203  H HB2  . ALA A 1 18 ? 5.707   -3.985  -3.455  1.00 1.08 ? 190 ALA A HB2  1 
ATOM 204  H HB3  . ALA A 1 18 ? 7.357   -4.097  -2.835  1.00 1.10 ? 190 ALA A HB3  1 
ATOM 205  N N    . ASP A 1 19 ? 4.724   -1.351  -3.712  1.00 0.33 ? 191 ASP A N    1 
ATOM 206  C CA   . ASP A 1 19 ? 4.382   -0.469  -4.864  1.00 0.39 ? 191 ASP A CA   1 
ATOM 207  C C    . ASP A 1 19 ? 4.513   0.994   -4.427  1.00 0.38 ? 191 ASP A C    1 
ATOM 208  O O    . ASP A 1 19 ? 4.986   1.834   -5.167  1.00 0.40 ? 191 ASP A O    1 
ATOM 209  C CB   . ASP A 1 19 ? 2.929   -0.762  -5.318  1.00 0.44 ? 191 ASP A CB   1 
ATOM 210  C CG   . ASP A 1 19 ? 2.924   -1.610  -6.598  1.00 1.15 ? 191 ASP A CG   1 
ATOM 211  O OD1  . ASP A 1 19 ? 2.917   -2.824  -6.483  1.00 1.94 ? 191 ASP A OD1  1 
ATOM 212  O OD2  . ASP A 1 19 ? 2.924   -1.025  -7.670  1.00 1.82 ? 191 ASP A OD2  1 
ATOM 213  H H    . ASP A 1 19 ? 4.020   -1.849  -3.246  1.00 0.34 ? 191 ASP A H    1 
ATOM 214  H HA   . ASP A 1 19 ? 5.067   -0.659  -5.674  1.00 0.41 ? 191 ASP A HA   1 
ATOM 215  H HB2  . ASP A 1 19 ? 2.418   -1.303  -4.536  1.00 0.93 ? 191 ASP A HB2  1 
ATOM 216  H HB3  . ASP A 1 19 ? 2.403   0.165   -5.509  1.00 1.02 ? 191 ASP A HB3  1 
ATOM 217  N N    . TYR A 1 20 ? 4.086   1.302   -3.236  1.00 0.35 ? 192 TYR A N    1 
ATOM 218  C CA   . TYR A 1 20 ? 4.171   2.708   -2.756  1.00 0.35 ? 192 TYR A CA   1 
ATOM 219  C C    . TYR A 1 20 ? 5.630   3.171   -2.692  1.00 0.34 ? 192 TYR A C    1 
ATOM 220  O O    . TYR A 1 20 ? 5.913   4.332   -2.878  1.00 0.36 ? 192 TYR A O    1 
ATOM 221  C CB   . TYR A 1 20 ? 3.540   2.831   -1.368  1.00 0.35 ? 192 TYR A CB   1 
ATOM 222  C CG   . TYR A 1 20 ? 3.348   4.295   -1.050  1.00 0.36 ? 192 TYR A CG   1 
ATOM 223  C CD1  . TYR A 1 20 ? 4.410   5.051   -0.541  1.00 0.40 ? 192 TYR A CD1  1 
ATOM 224  C CD2  . TYR A 1 20 ? 2.107   4.900   -1.286  1.00 0.48 ? 192 TYR A CD2  1 
ATOM 225  C CE1  . TYR A 1 20 ? 4.228   6.412   -0.264  1.00 0.44 ? 192 TYR A CE1  1 
ATOM 226  C CE2  . TYR A 1 20 ? 1.927   6.261   -1.011  1.00 0.54 ? 192 TYR A CE2  1 
ATOM 227  C CZ   . TYR A 1 20 ? 2.988   7.016   -0.499  1.00 0.48 ? 192 TYR A CZ   1 
ATOM 228  O OH   . TYR A 1 20 ? 2.812   8.358   -0.228  1.00 0.57 ? 192 TYR A OH   1 
ATOM 229  H H    . TYR A 1 20 ? 3.700   0.610   -2.661  1.00 0.35 ? 192 TYR A H    1 
ATOM 230  H HA   . TYR A 1 20 ? 3.632   3.343   -3.445  1.00 0.38 ? 192 TYR A HA   1 
ATOM 231  H HB2  . TYR A 1 20 ? 2.585   2.327   -1.357  1.00 0.38 ? 192 TYR A HB2  1 
ATOM 232  H HB3  . TYR A 1 20 ? 4.193   2.386   -0.632  1.00 0.36 ? 192 TYR A HB3  1 
ATOM 233  H HD1  . TYR A 1 20 ? 5.366   4.585   -0.359  1.00 0.49 ? 192 TYR A HD1  1 
ATOM 234  H HD2  . TYR A 1 20 ? 1.288   4.317   -1.680  1.00 0.59 ? 192 TYR A HD2  1 
ATOM 235  H HE1  . TYR A 1 20 ? 5.046   6.996   0.129   1.00 0.54 ? 192 TYR A HE1  1 
ATOM 236  H HE2  . TYR A 1 20 ? 0.971   6.727   -1.193  1.00 0.69 ? 192 TYR A HE2  1 
ATOM 237  H HH   . TYR A 1 20 ? 3.252   8.860   -0.917  1.00 1.08 ? 192 TYR A HH   1 
ATOM 238  N N    . LEU A 1 21 ? 6.551   2.288   -2.392  1.00 0.33 ? 193 LEU A N    1 
ATOM 239  C CA   . LEU A 1 21 ? 7.990   2.703   -2.280  1.00 0.36 ? 193 LEU A CA   1 
ATOM 240  C C    . LEU A 1 21 ? 8.665   2.738   -3.660  1.00 0.42 ? 193 LEU A C    1 
ATOM 241  O O    . LEU A 1 21 ? 9.841   3.026   -3.770  1.00 0.44 ? 193 LEU A O    1 
ATOM 242  C CB   . LEU A 1 21 ? 8.742   1.707   -1.389  1.00 0.36 ? 193 LEU A CB   1 
ATOM 243  C CG   . LEU A 1 21 ? 8.206   1.768   0.052   1.00 0.33 ? 193 LEU A CG   1 
ATOM 244  C CD1  . LEU A 1 21 ? 8.895   0.687   0.905   1.00 0.40 ? 193 LEU A CD1  1 
ATOM 245  C CD2  . LEU A 1 21 ? 8.469   3.166   0.660   1.00 0.34 ? 193 LEU A CD2  1 
ATOM 246  H H    . LEU A 1 21 ? 6.297   1.358   -2.216  1.00 0.33 ? 193 LEU A H    1 
ATOM 247  H HA   . LEU A 1 21 ? 8.042   3.684   -1.839  1.00 0.36 ? 193 LEU A HA   1 
ATOM 248  H HB2  . LEU A 1 21 ? 8.608   0.708   -1.780  1.00 0.38 ? 193 LEU A HB2  1 
ATOM 249  H HB3  . LEU A 1 21 ? 9.794   1.951   -1.389  1.00 0.41 ? 193 LEU A HB3  1 
ATOM 250  H HG   . LEU A 1 21 ? 7.141   1.580   0.039   1.00 0.32 ? 193 LEU A HG   1 
ATOM 251  H HD11 . LEU A 1 21 ? 9.033   -0.210  0.320   1.00 1.06 ? 193 LEU A HD11 1 
ATOM 252  H HD12 . LEU A 1 21 ? 9.856   1.048   1.241   1.00 1.14 ? 193 LEU A HD12 1 
ATOM 253  H HD13 . LEU A 1 21 ? 8.278   0.462   1.764   1.00 1.08 ? 193 LEU A HD13 1 
ATOM 254  H HD21 . LEU A 1 21 ? 9.336   3.616   0.195   1.00 1.08 ? 193 LEU A HD21 1 
ATOM 255  H HD22 . LEU A 1 21 ? 7.608   3.795   0.491   1.00 1.02 ? 193 LEU A HD22 1 
ATOM 256  H HD23 . LEU A 1 21 ? 8.642   3.081   1.724   1.00 1.09 ? 193 LEU A HD23 1 
ATOM 257  N N    . ARG A 1 22 ? 7.950   2.442   -4.708  1.00 0.51 ? 194 ARG A N    1 
ATOM 258  C CA   . ARG A 1 22 ? 8.573   2.453   -6.071  1.00 0.59 ? 194 ARG A CA   1 
ATOM 259  C C    . ARG A 1 22 ? 8.629   3.878   -6.649  1.00 0.49 ? 194 ARG A C    1 
ATOM 260  O O    . ARG A 1 22 ? 7.733   4.667   -6.432  1.00 0.51 ? 194 ARG A O    1 
ATOM 261  C CB   . ARG A 1 22 ? 7.724   1.585   -6.997  1.00 0.76 ? 194 ARG A CB   1 
ATOM 262  C CG   . ARG A 1 22 ? 7.977   0.094   -6.697  1.00 0.93 ? 194 ARG A CG   1 
ATOM 263  C CD   . ARG A 1 22 ? 9.011   -0.487  -7.675  1.00 1.49 ? 194 ARG A CD   1 
ATOM 264  N NE   . ARG A 1 22 ? 9.308   -1.918  -7.394  1.00 1.99 ? 194 ARG A NE   1 
ATOM 265  C CZ   . ARG A 1 22 ? 8.737   -2.849  -8.030  1.00 2.40 ? 194 ARG A CZ   1 
ATOM 266  N NH1  . ARG A 1 22 ? 7.692   -2.570  -8.761  1.00 2.68 ? 194 ARG A NH1  1 
ATOM 267  N NH2  . ARG A 1 22 ? 9.142   -4.080  -7.906  1.00 3.14 ? 194 ARG A NH2  1 
ATOM 268  H H    . ARG A 1 22 ? 7.006   2.204   -4.604  1.00 0.54 ? 194 ARG A H    1 
ATOM 269  H HA   . ARG A 1 22 ? 9.564   2.038   -6.003  1.00 0.64 ? 194 ARG A HA   1 
ATOM 270  H HB2  . ARG A 1 22 ? 6.679   1.816   -6.829  1.00 0.79 ? 194 ARG A HB2  1 
ATOM 271  H HB3  . ARG A 1 22 ? 7.972   1.804   -8.026  1.00 0.77 ? 194 ARG A HB3  1 
ATOM 272  H HG2  . ARG A 1 22 ? 8.331   -0.031  -5.683  1.00 1.21 ? 194 ARG A HG2  1 
ATOM 273  H HG3  . ARG A 1 22 ? 7.054   -0.451  -6.815  1.00 1.46 ? 194 ARG A HG3  1 
ATOM 274  H HD2  . ARG A 1 22 ? 8.637   -0.283  -8.717  1.00 2.07 ? 194 ARG A HD2  1 
ATOM 275  H HD3  . ARG A 1 22 ? 9.951   -0.049  -7.517  1.00 1.98 ? 194 ARG A HD3  1 
ATOM 276  H HE   . ARG A 1 22 ? 10.017  -2.142  -6.755  1.00 2.53 ? 194 ARG A HE   1 
ATOM 277  H HH11 . ARG A 1 22 ? 7.355   -1.628  -8.811  1.00 2.59 ? 194 ARG A HH11 1 
ATOM 278  H HH12 . ARG A 1 22 ? 7.218   -3.297  -9.256  1.00 3.36 ? 194 ARG A HH12 1 
ATOM 279  H HH21 . ARG A 1 22 ? 9.912   -4.295  -7.307  1.00 3.50 ? 194 ARG A HH21 1 
ATOM 280  H HH22 . ARG A 1 22 ? 8.677   -4.810  -8.405  1.00 3.61 ? 194 ARG A HH22 1 
ATOM 281  N N    . PRO A 1 23 ? 9.645   4.200   -7.424  1.00 0.49 ? 195 PRO A N    1 
ATOM 282  C CA   . PRO A 1 23 ? 9.745   5.544   -8.051  1.00 0.48 ? 195 PRO A CA   1 
ATOM 283  C C    . PRO A 1 23 ? 8.532   5.811   -8.957  1.00 0.60 ? 195 PRO A C    1 
ATOM 284  O O    . PRO A 1 23 ? 8.211   6.944   -9.259  1.00 0.81 ? 195 PRO A O    1 
ATOM 285  C CB   . PRO A 1 23 ? 11.067  5.526   -8.851  1.00 0.56 ? 195 PRO A CB   1 
ATOM 286  C CG   . PRO A 1 23 ? 11.530  4.092   -8.884  1.00 0.73 ? 195 PRO A CG   1 
ATOM 287  C CD   . PRO A 1 23 ? 10.781  3.333   -7.777  1.00 0.59 ? 195 PRO A CD   1 
ATOM 288  H HA   . PRO A 1 23 ? 9.795   6.301   -7.281  1.00 0.45 ? 195 PRO A HA   1 
ATOM 289  H HB2  . PRO A 1 23 ? 10.905  5.894   -9.859  1.00 0.75 ? 195 PRO A HB2  1 
ATOM 290  H HB3  . PRO A 1 23 ? 11.808  6.141   -8.356  1.00 0.75 ? 195 PRO A HB3  1 
ATOM 291  H HG2  . PRO A 1 23 ? 11.307  3.654   -9.851  1.00 1.00 ? 195 PRO A HG2  1 
ATOM 292  H HG3  . PRO A 1 23 ? 12.595  4.040   -8.700  1.00 1.06 ? 195 PRO A HG3  1 
ATOM 293  H HD2  . PRO A 1 23 ? 10.426  2.380   -8.147  1.00 0.66 ? 195 PRO A HD2  1 
ATOM 294  H HD3  . PRO A 1 23 ? 11.416  3.189   -6.914  1.00 0.66 ? 195 PRO A HD3  1 
ATOM 295  N N    . GLU A 1 24 ? 7.836   4.776   -9.362  1.00 0.63 ? 196 GLU A N    1 
ATOM 296  C CA   . GLU A 1 24 ? 6.626   4.988   -10.210 1.00 0.77 ? 196 GLU A CA   1 
ATOM 297  C C    . GLU A 1 24 ? 5.652   5.818   -9.387  1.00 0.63 ? 196 GLU A C    1 
ATOM 298  O O    . GLU A 1 24 ? 5.176   6.854   -9.806  1.00 0.86 ? 196 GLU A O    1 
ATOM 299  C CB   . GLU A 1 24 ? 5.979   3.631   -10.531 1.00 0.93 ? 196 GLU A CB   1 
ATOM 300  C CG   . GLU A 1 24 ? 6.728   2.915   -11.690 1.00 1.55 ? 196 GLU A CG   1 
ATOM 301  C CD   . GLU A 1 24 ? 5.882   2.941   -12.972 1.00 2.01 ? 196 GLU A CD   1 
ATOM 302  O OE1  . GLU A 1 24 ? 4.685   2.724   -12.874 1.00 2.39 ? 196 GLU A OE1  1 
ATOM 303  O OE2  . GLU A 1 24 ? 6.450   3.166   -14.027 1.00 2.75 ? 196 GLU A OE2  1 
ATOM 304  H H    . GLU A 1 24 ? 8.092   3.872   -9.088  1.00 0.67 ? 196 GLU A H    1 
ATOM 305  H HA   . GLU A 1 24 ? 6.889   5.508   -11.120 1.00 1.02 ? 196 GLU A HA   1 
ATOM 306  H HB2  . GLU A 1 24 ? 6.017   3.013   -9.642  1.00 1.21 ? 196 GLU A HB2  1 
ATOM 307  H HB3  . GLU A 1 24 ? 4.943   3.785   -10.804 1.00 1.32 ? 196 GLU A HB3  1 
ATOM 308  H HG2  . GLU A 1 24 ? 7.672   3.406   -11.880 1.00 2.12 ? 196 GLU A HG2  1 
ATOM 309  H HG3  . GLU A 1 24 ? 6.917   1.885   -11.415 1.00 2.14 ? 196 GLU A HG3  1 
ATOM 310  N N    . LYS A 1 25 ? 5.405   5.385   -8.185  1.00 0.48 ? 197 LYS A N    1 
ATOM 311  C CA   . LYS A 1 25 ? 4.517   6.152   -7.281  1.00 0.70 ? 197 LYS A CA   1 
ATOM 312  C C    . LYS A 1 25 ? 3.145   6.399   -7.936  1.00 0.60 ? 197 LYS A C    1 
ATOM 313  O O    . LYS A 1 25 ? 2.757   7.525   -8.177  1.00 0.90 ? 197 LYS A O    1 
ATOM 314  C CB   . LYS A 1 25 ? 5.228   7.484   -6.973  1.00 1.15 ? 197 LYS A CB   1 
ATOM 315  C CG   . LYS A 1 25 ? 5.012   7.885   -5.516  1.00 1.79 ? 197 LYS A CG   1 
ATOM 316  C CD   . LYS A 1 25 ? 5.626   9.268   -5.294  1.00 2.24 ? 197 LYS A CD   1 
ATOM 317  C CE   . LYS A 1 25 ? 4.821   10.347  -6.046  1.00 2.99 ? 197 LYS A CE   1 
ATOM 318  N NZ   . LYS A 1 25 ? 4.712   11.550  -5.179  1.00 3.83 ? 197 LYS A NZ   1 
ATOM 319  H H    . LYS A 1 25 ? 5.838   4.567   -7.863  1.00 0.46 ? 197 LYS A H    1 
ATOM 320  H HA   . LYS A 1 25 ? 4.381   5.595   -6.366  1.00 0.87 ? 197 LYS A HA   1 
ATOM 321  H HB2  . LYS A 1 25 ? 6.287   7.362   -7.147  1.00 1.77 ? 197 LYS A HB2  1 
ATOM 322  H HB3  . LYS A 1 25 ? 4.857   8.266   -7.619  1.00 1.50 ? 197 LYS A HB3  1 
ATOM 323  H HG2  . LYS A 1 25 ? 3.954   7.909   -5.297  1.00 2.20 ? 197 LYS A HG2  1 
ATOM 324  H HG3  . LYS A 1 25 ? 5.498   7.169   -4.870  1.00 2.36 ? 197 LYS A HG3  1 
ATOM 325  H HD2  . LYS A 1 25 ? 5.625   9.491   -4.237  1.00 2.57 ? 197 LYS A HD2  1 
ATOM 326  H HD3  . LYS A 1 25 ? 6.644   9.262   -5.655  1.00 2.45 ? 197 LYS A HD3  1 
ATOM 327  H HE2  . LYS A 1 25 ? 5.324   10.609  -6.966  1.00 3.15 ? 197 LYS A HE2  1 
ATOM 328  H HE3  . LYS A 1 25 ? 3.827   9.987   -6.277  1.00 3.40 ? 197 LYS A HE3  1 
ATOM 329  H HZ1  . LYS A 1 25 ? 4.929   11.289  -4.197  1.00 4.24 ? 197 LYS A HZ1  1 
ATOM 330  H HZ2  . LYS A 1 25 ? 5.384   12.272  -5.502  1.00 4.15 ? 197 LYS A HZ2  1 
ATOM 331  H HZ3  . LYS A 1 25 ? 3.746   11.928  -5.228  1.00 4.18 ? 197 LYS A HZ3  1 
ATOM 332  N N    . PRO A 1 26 ? 2.406   5.356   -8.207  1.00 0.49 ? 198 PRO A N    1 
ATOM 333  C CA   . PRO A 1 26 ? 1.059   5.494   -8.824  1.00 0.63 ? 198 PRO A CA   1 
ATOM 334  C C    . PRO A 1 26 ? 0.091   6.195   -7.864  1.00 0.53 ? 198 PRO A C    1 
ATOM 335  O O    . PRO A 1 26 ? 0.386   6.376   -6.699  1.00 0.49 ? 198 PRO A O    1 
ATOM 336  C CB   . PRO A 1 26 ? 0.611   4.048   -9.124  1.00 0.90 ? 198 PRO A CB   1 
ATOM 337  C CG   . PRO A 1 26 ? 1.521   3.144   -8.333  1.00 1.10 ? 198 PRO A CG   1 
ATOM 338  C CD   . PRO A 1 26 ? 2.774   3.954   -7.955  1.00 0.75 ? 198 PRO A CD   1 
ATOM 339  H HA   . PRO A 1 26 ? 1.131   6.053   -9.745  1.00 0.79 ? 198 PRO A HA   1 
ATOM 340  H HB2  . PRO A 1 26 ? -0.423  3.900   -8.823  1.00 0.97 ? 198 PRO A HB2  1 
ATOM 341  H HB3  . PRO A 1 26 ? 0.713   3.839   -10.182 1.00 1.23 ? 198 PRO A HB3  1 
ATOM 342  H HG2  . PRO A 1 26 ? 1.016   2.802   -7.436  1.00 1.46 ? 198 PRO A HG2  1 
ATOM 343  H HG3  . PRO A 1 26 ? 1.811   2.289   -8.932  1.00 1.51 ? 198 PRO A HG3  1 
ATOM 344  H HD2  . PRO A 1 26 ? 3.013   3.809   -6.909  1.00 0.96 ? 198 PRO A HD2  1 
ATOM 345  H HD3  . PRO A 1 26 ? 3.614   3.675   -8.574  1.00 0.79 ? 198 PRO A HD3  1 
ATOM 346  N N    . ALA A 1 27 ? -1.058  6.592   -8.333  1.00 0.54 ? 199 ALA A N    1 
ATOM 347  C CA   . ALA A 1 27 ? -2.018  7.276   -7.425  1.00 0.49 ? 199 ALA A CA   1 
ATOM 348  C C    . ALA A 1 27 ? -2.444  6.277   -6.345  1.00 0.40 ? 199 ALA A C    1 
ATOM 349  O O    . ALA A 1 27 ? -2.637  5.106   -6.604  1.00 0.36 ? 199 ALA A O    1 
ATOM 350  C CB   . ALA A 1 27 ? -3.233  7.771   -8.233  1.00 0.57 ? 199 ALA A CB   1 
ATOM 351  H H    . ALA A 1 27 ? -1.287  6.443   -9.274  1.00 0.61 ? 199 ALA A H    1 
ATOM 352  H HA   . ALA A 1 27 ? -1.525  8.116   -6.955  1.00 0.51 ? 199 ALA A HA   1 
ATOM 353  H HB1  . ALA A 1 27 ? -3.307  7.208   -9.150  1.00 1.10 ? 199 ALA A HB1  1 
ATOM 354  H HB2  . ALA A 1 27 ? -4.141  7.642   -7.658  1.00 1.25 ? 199 ALA A HB2  1 
ATOM 355  H HB3  . ALA A 1 27 ? -3.108  8.819   -8.470  1.00 1.08 ? 199 ALA A HB3  1 
ATOM 356  N N    . PHE A 1 28 ? -2.566  6.732   -5.131  1.00 0.41 ? 200 PHE A N    1 
ATOM 357  C CA   . PHE A 1 28 ? -2.946  5.816   -4.021  1.00 0.36 ? 200 PHE A CA   1 
ATOM 358  C C    . PHE A 1 28 ? -4.314  5.180   -4.292  1.00 0.34 ? 200 PHE A C    1 
ATOM 359  O O    . PHE A 1 28 ? -4.506  3.995   -4.105  1.00 0.35 ? 200 PHE A O    1 
ATOM 360  C CB   . PHE A 1 28 ? -3.006  6.623   -2.723  1.00 0.44 ? 200 PHE A CB   1 
ATOM 361  C CG   . PHE A 1 28 ? -3.464  5.730   -1.599  1.00 0.46 ? 200 PHE A CG   1 
ATOM 362  C CD1  . PHE A 1 28 ? -2.600  4.757   -1.089  1.00 0.53 ? 200 PHE A CD1  1 
ATOM 363  C CD2  . PHE A 1 28 ? -4.751  5.876   -1.068  1.00 0.58 ? 200 PHE A CD2  1 
ATOM 364  C CE1  . PHE A 1 28 ? -3.023  3.926   -0.048  1.00 0.61 ? 200 PHE A CE1  1 
ATOM 365  C CE2  . PHE A 1 28 ? -5.173  5.047   -0.027  1.00 0.66 ? 200 PHE A CE2  1 
ATOM 366  C CZ   . PHE A 1 28 ? -4.310  4.072   0.483   1.00 0.63 ? 200 PHE A CZ   1 
ATOM 367  H H    . PHE A 1 28 ? -2.386  7.676   -4.943  1.00 0.49 ? 200 PHE A H    1 
ATOM 368  H HA   . PHE A 1 28 ? -2.202  5.040   -3.924  1.00 0.37 ? 200 PHE A HA   1 
ATOM 369  H HB2  . PHE A 1 28 ? -2.023  7.012   -2.498  1.00 0.51 ? 200 PHE A HB2  1 
ATOM 370  H HB3  . PHE A 1 28 ? -3.699  7.443   -2.841  1.00 0.50 ? 200 PHE A HB3  1 
ATOM 371  H HD1  . PHE A 1 28 ? -1.608  4.645   -1.500  1.00 0.63 ? 200 PHE A HD1  1 
ATOM 372  H HD2  . PHE A 1 28 ? -5.416  6.630   -1.462  1.00 0.69 ? 200 PHE A HD2  1 
ATOM 373  H HE1  . PHE A 1 28 ? -2.358  3.173   0.348   1.00 0.74 ? 200 PHE A HE1  1 
ATOM 374  H HE2  . PHE A 1 28 ? -6.166  5.158   0.385   1.00 0.81 ? 200 PHE A HE2  1 
ATOM 375  H HZ   . PHE A 1 28 ? -4.634  3.433   1.284   1.00 0.73 ? 200 PHE A HZ   1 
ATOM 376  N N    . ARG A 1 29 ? -5.261  5.959   -4.722  1.00 0.40 ? 201 ARG A N    1 
ATOM 377  C CA   . ARG A 1 29 ? -6.621  5.414   -4.999  1.00 0.47 ? 201 ARG A CA   1 
ATOM 378  C C    . ARG A 1 29 ? -6.551  4.363   -6.112  1.00 0.43 ? 201 ARG A C    1 
ATOM 379  O O    . ARG A 1 29 ? -7.205  3.340   -6.057  1.00 0.49 ? 201 ARG A O    1 
ATOM 380  C CB   . ARG A 1 29 ? -7.516  6.575   -5.423  1.00 0.60 ? 201 ARG A CB   1 
ATOM 381  C CG   . ARG A 1 29 ? -7.667  7.542   -4.242  1.00 1.37 ? 201 ARG A CG   1 
ATOM 382  C CD   . ARG A 1 29 ? -8.088  8.923   -4.743  1.00 1.62 ? 201 ARG A CD   1 
ATOM 383  N NE   . ARG A 1 29 ? -9.325  8.816   -5.560  1.00 2.39 ? 201 ARG A NE   1 
ATOM 384  C CZ   . ARG A 1 29 ? -10.060 9.876   -5.763  1.00 2.92 ? 201 ARG A CZ   1 
ATOM 385  N NH1  . ARG A 1 29 ? -9.747  11.006  -5.188  1.00 2.95 ? 201 ARG A NH1  1 
ATOM 386  N NH2  . ARG A 1 29 ? -11.113 9.804   -6.528  1.00 3.92 ? 201 ARG A NH2  1 
ATOM 387  H H    . ARG A 1 29 ? -5.083  6.912   -4.858  1.00 0.46 ? 201 ARG A H    1 
ATOM 388  H HA   . ARG A 1 29 ? -7.019  4.962   -4.102  1.00 0.53 ? 201 ARG A HA   1 
ATOM 389  H HB2  . ARG A 1 29 ? -7.067  7.086   -6.264  1.00 1.23 ? 201 ARG A HB2  1 
ATOM 390  H HB3  . ARG A 1 29 ? -8.488  6.198   -5.705  1.00 1.17 ? 201 ARG A HB3  1 
ATOM 391  H HG2  . ARG A 1 29 ? -8.417  7.164   -3.564  1.00 2.01 ? 201 ARG A HG2  1 
ATOM 392  H HG3  . ARG A 1 29 ? -6.724  7.629   -3.718  1.00 2.03 ? 201 ARG A HG3  1 
ATOM 393  H HD2  . ARG A 1 29 ? -8.265  9.568   -3.893  1.00 1.94 ? 201 ARG A HD2  1 
ATOM 394  H HD3  . ARG A 1 29 ? -7.302  9.338   -5.353  1.00 1.95 ? 201 ARG A HD3  1 
ATOM 395  H HE   . ARG A 1 29 ? -9.574  7.960   -5.967  1.00 2.94 ? 201 ARG A HE   1 
ATOM 396  H HH11 . ARG A 1 29 ? -8.945  11.061  -4.594  1.00 2.63 ? 201 ARG A HH11 1 
ATOM 397  H HH12 . ARG A 1 29 ? -10.312 11.817  -5.339  1.00 3.65 ? 201 ARG A HH12 1 
ATOM 398  H HH21 . ARG A 1 29 ? -11.357 8.936   -6.961  1.00 4.34 ? 201 ARG A HH21 1 
ATOM 399  H HH22 . ARG A 1 29 ? -11.674 10.616  -6.682  1.00 4.46 ? 201 ARG A HH22 1 
ATOM 400  N N    . LYS A 1 30 ? -5.757  4.607   -7.119  1.00 0.39 ? 202 LYS A N    1 
ATOM 401  C CA   . LYS A 1 30 ? -5.633  3.624   -8.236  1.00 0.46 ? 202 LYS A CA   1 
ATOM 402  C C    . LYS A 1 30 ? -4.865  2.402   -7.739  1.00 0.44 ? 202 LYS A C    1 
ATOM 403  O O    . LYS A 1 30 ? -5.233  1.272   -7.992  1.00 0.49 ? 202 LYS A O    1 
ATOM 404  C CB   . LYS A 1 30 ? -4.833  4.281   -9.381  1.00 0.57 ? 202 LYS A CB   1 
ATOM 405  C CG   . LYS A 1 30 ? -5.753  4.724   -10.522 1.00 1.28 ? 202 LYS A CG   1 
ATOM 406  C CD   . LYS A 1 30 ? -4.920  5.491   -11.588 1.00 1.57 ? 202 LYS A CD   1 
ATOM 407  C CE   . LYS A 1 30 ? -5.415  5.195   -13.025 1.00 2.34 ? 202 LYS A CE   1 
ATOM 408  N NZ   . LYS A 1 30 ? -5.572  6.482   -13.754 1.00 2.99 ? 202 LYS A NZ   1 
ATOM 409  H H    . LYS A 1 30 ? -5.236  5.436   -7.138  1.00 0.38 ? 202 LYS A H    1 
ATOM 410  H HA   . LYS A 1 30 ? -6.613  3.329   -8.581  1.00 0.53 ? 202 LYS A HA   1 
ATOM 411  H HB2  . LYS A 1 30 ? -4.319  5.143   -8.992  1.00 1.13 ? 202 LYS A HB2  1 
ATOM 412  H HB3  . LYS A 1 30 ? -4.101  3.586   -9.775  1.00 1.18 ? 202 LYS A HB3  1 
ATOM 413  H HG2  . LYS A 1 30 ? -6.209  3.847   -10.957 1.00 1.97 ? 202 LYS A HG2  1 
ATOM 414  H HG3  . LYS A 1 30 ? -6.524  5.372   -10.130 1.00 1.89 ? 202 LYS A HG3  1 
ATOM 415  H HD2  . LYS A 1 30 ? -5.003  6.553   -11.404 1.00 1.73 ? 202 LYS A HD2  1 
ATOM 416  H HD3  . LYS A 1 30 ? -3.877  5.207   -11.508 1.00 2.12 ? 202 LYS A HD3  1 
ATOM 417  H HE2  . LYS A 1 30 ? -4.689  4.582   -13.542 1.00 2.94 ? 202 LYS A HE2  1 
ATOM 418  H HE3  . LYS A 1 30 ? -6.365  4.683   -13.007 1.00 2.58 ? 202 LYS A HE3  1 
ATOM 419  H HZ1  . LYS A 1 30 ? -4.745  7.087   -13.576 1.00 3.34 ? 202 LYS A HZ1  1 
ATOM 420  H HZ2  . LYS A 1 30 ? -5.650  6.296   -14.774 1.00 3.35 ? 202 LYS A HZ2  1 
ATOM 421  H HZ3  . LYS A 1 30 ? -6.432  6.963   -13.421 1.00 3.35 ? 202 LYS A HZ3  1 
ATOM 422  N N    . CYS A 1 31 ? -3.794  2.633   -7.048  1.00 0.41 ? 203 CYS A N    1 
ATOM 423  C CA   . CYS A 1 31 ? -2.978  1.506   -6.544  1.00 0.44 ? 203 CYS A CA   1 
ATOM 424  C C    . CYS A 1 31 ? -3.844  0.611   -5.663  1.00 0.39 ? 203 CYS A C    1 
ATOM 425  O O    . CYS A 1 31 ? -3.751  -0.600  -5.710  1.00 0.38 ? 203 CYS A O    1 
ATOM 426  C CB   . CYS A 1 31 ? -1.815  2.070   -5.726  1.00 0.49 ? 203 CYS A CB   1 
ATOM 427  S SG   . CYS A 1 31 ? -0.926  0.719   -4.916  1.00 1.39 ? 203 CYS A SG   1 
ATOM 428  H H    . CYS A 1 31 ? -3.515  3.556   -6.870  1.00 0.41 ? 203 CYS A H    1 
ATOM 429  H HA   . CYS A 1 31 ? -2.592  0.936   -7.376  1.00 0.51 ? 203 CYS A HA   1 
ATOM 430  H HB2  . CYS A 1 31 ? -1.141  2.603   -6.382  1.00 1.06 ? 203 CYS A HB2  1 
ATOM 431  H HB3  . CYS A 1 31 ? -2.199  2.748   -4.978  1.00 0.98 ? 203 CYS A HB3  1 
ATOM 432  H HG   . CYS A 1 31 ? 0.001   0.788   -5.159  1.00 1.92 ? 203 CYS A HG   1 
ATOM 433  N N    . TYR A 1 32 ? -4.682  1.193   -4.853  1.00 0.36 ? 204 TYR A N    1 
ATOM 434  C CA   . TYR A 1 32 ? -5.544  0.367   -3.968  1.00 0.31 ? 204 TYR A CA   1 
ATOM 435  C C    . TYR A 1 32 ? -6.502  -0.494  -4.794  1.00 0.28 ? 204 TYR A C    1 
ATOM 436  O O    . TYR A 1 32 ? -6.713  -1.654  -4.497  1.00 0.25 ? 204 TYR A O    1 
ATOM 437  C CB   . TYR A 1 32 ? -6.361  1.259   -3.045  1.00 0.33 ? 204 TYR A CB   1 
ATOM 438  C CG   . TYR A 1 32 ? -7.022  0.380   -2.018  1.00 0.32 ? 204 TYR A CG   1 
ATOM 439  C CD1  . TYR A 1 32 ? -8.235  -0.249  -2.313  1.00 0.37 ? 204 TYR A CD1  1 
ATOM 440  C CD2  . TYR A 1 32 ? -6.406  0.176   -0.779  1.00 0.36 ? 204 TYR A CD2  1 
ATOM 441  C CE1  . TYR A 1 32 ? -8.838  -1.078  -1.363  1.00 0.42 ? 204 TYR A CE1  1 
ATOM 442  C CE2  . TYR A 1 32 ? -7.007  -0.655  0.170   1.00 0.42 ? 204 TYR A CE2  1 
ATOM 443  C CZ   . TYR A 1 32 ? -8.224  -1.280  -0.122  1.00 0.43 ? 204 TYR A CZ   1 
ATOM 444  O OH   . TYR A 1 32 ? -8.819  -2.094  0.813   1.00 0.52 ? 204 TYR A OH   1 
ATOM 445  H H    . TYR A 1 32 ? -4.740  2.171   -4.825  1.00 0.38 ? 204 TYR A H    1 
ATOM 446  H HA   . TYR A 1 32 ? -4.915  -0.278  -3.372  1.00 0.32 ? 204 TYR A HA   1 
ATOM 447  H HB2  . TYR A 1 32 ? -5.713  1.973   -2.558  1.00 0.37 ? 204 TYR A HB2  1 
ATOM 448  H HB3  . TYR A 1 32 ? -7.117  1.780   -3.615  1.00 0.35 ? 204 TYR A HB3  1 
ATOM 449  H HD1  . TYR A 1 32 ? -8.707  -0.092  -3.272  1.00 0.41 ? 204 TYR A HD1  1 
ATOM 450  H HD2  . TYR A 1 32 ? -5.469  0.664   -0.555  1.00 0.41 ? 204 TYR A HD2  1 
ATOM 451  H HE1  . TYR A 1 32 ? -9.778  -1.562  -1.587  1.00 0.49 ? 204 TYR A HE1  1 
ATOM 452  H HE2  . TYR A 1 32 ? -6.534  -0.814  1.128   1.00 0.49 ? 204 TYR A HE2  1 
ATOM 453  H HH   . TYR A 1 32 ? -8.475  -1.852  1.676   1.00 1.00 ? 204 TYR A HH   1 
ATOM 454  N N    . GLU A 1 33 ? -7.098  0.055   -5.819  1.00 0.31 ? 205 GLU A N    1 
ATOM 455  C CA   . GLU A 1 33 ? -8.045  -0.759  -6.633  1.00 0.32 ? 205 GLU A CA   1 
ATOM 456  C C    . GLU A 1 33 ? -7.282  -1.945  -7.202  1.00 0.31 ? 205 GLU A C    1 
ATOM 457  O O    . GLU A 1 33 ? -7.776  -3.053  -7.256  1.00 0.31 ? 205 GLU A O    1 
ATOM 458  C CB   . GLU A 1 33 ? -8.616  0.076   -7.784  1.00 0.38 ? 205 GLU A CB   1 
ATOM 459  C CG   . GLU A 1 33 ? -9.566  1.141   -7.233  1.00 0.43 ? 205 GLU A CG   1 
ATOM 460  C CD   . GLU A 1 33 ? -10.306 1.813   -8.392  1.00 1.20 ? 205 GLU A CD   1 
ATOM 461  O OE1  . GLU A 1 33 ? -11.331 1.289   -8.797  1.00 1.89 ? 205 GLU A OE1  1 
ATOM 462  O OE2  . GLU A 1 33 ? -9.837  2.839   -8.857  1.00 2.00 ? 205 GLU A OE2  1 
ATOM 463  H H    . GLU A 1 33 ? -6.929  0.993   -6.047  1.00 0.34 ? 205 GLU A H    1 
ATOM 464  H HA   . GLU A 1 33 ? -8.849  -1.112  -6.005  1.00 0.31 ? 205 GLU A HA   1 
ATOM 465  H HB2  . GLU A 1 33 ? -7.807  0.557   -8.316  1.00 0.41 ? 205 GLU A HB2  1 
ATOM 466  H HB3  . GLU A 1 33 ? -9.157  -0.568  -8.461  1.00 0.41 ? 205 GLU A HB3  1 
ATOM 467  H HG2  . GLU A 1 33 ? -10.281 0.678   -6.568  1.00 1.00 ? 205 GLU A HG2  1 
ATOM 468  H HG3  . GLU A 1 33 ? -8.999  1.885   -6.693  1.00 1.00 ? 205 GLU A HG3  1 
ATOM 469  N N    . ARG A 1 34 ? -6.076  -1.720  -7.623  1.00 0.34 ? 206 ARG A N    1 
ATOM 470  C CA   . ARG A 1 34 ? -5.269  -2.830  -8.186  1.00 0.37 ? 206 ARG A CA   1 
ATOM 471  C C    . ARG A 1 34 ? -5.030  -3.883  -7.097  1.00 0.32 ? 206 ARG A C    1 
ATOM 472  O O    . ARG A 1 34 ? -5.079  -5.071  -7.348  1.00 0.33 ? 206 ARG A O    1 
ATOM 473  C CB   . ARG A 1 34 ? -3.929  -2.257  -8.701  1.00 0.45 ? 206 ARG A CB   1 
ATOM 474  C CG   . ARG A 1 34 ? -3.794  -2.541  -10.199 1.00 1.27 ? 206 ARG A CG   1 
ATOM 475  C CD   . ARG A 1 34 ? -2.428  -2.090  -10.721 1.00 1.73 ? 206 ARG A CD   1 
ATOM 476  N NE   . ARG A 1 34 ? -2.066  -2.949  -11.875 1.00 2.36 ? 206 ARG A NE   1 
ATOM 477  C CZ   . ARG A 1 34 ? -1.178  -2.551  -12.735 1.00 2.79 ? 206 ARG A CZ   1 
ATOM 478  N NH1  . ARG A 1 34 ? -0.629  -1.374  -12.613 1.00 2.98 ? 206 ARG A NH1  1 
ATOM 479  N NH2  . ARG A 1 34 ? -0.851  -3.329  -13.728 1.00 3.57 ? 206 ARG A NH2  1 
ATOM 480  H H    . ARG A 1 34 ? -5.698  -0.818  -7.567  1.00 0.36 ? 206 ARG A H    1 
ATOM 481  H HA   . ARG A 1 34 ? -5.819  -3.285  -8.998  1.00 0.40 ? 206 ARG A HA   1 
ATOM 482  H HB2  . ARG A 1 34 ? -3.912  -1.188  -8.538  1.00 0.85 ? 206 ARG A HB2  1 
ATOM 483  H HB3  . ARG A 1 34 ? -3.098  -2.709  -8.176  1.00 0.97 ? 206 ARG A HB3  1 
ATOM 484  H HG2  . ARG A 1 34 ? -3.906  -3.600  -10.368 1.00 1.98 ? 206 ARG A HG2  1 
ATOM 485  H HG3  . ARG A 1 34 ? -4.573  -2.012  -10.730 1.00 1.82 ? 206 ARG A HG3  1 
ATOM 486  H HD2  . ARG A 1 34 ? -2.484  -1.051  -11.033 1.00 2.06 ? 206 ARG A HD2  1 
ATOM 487  H HD3  . ARG A 1 34 ? -1.678  -2.204  -9.955  1.00 2.24 ? 206 ARG A HD3  1 
ATOM 488  H HE   . ARG A 1 34 ? -2.488  -3.826  -11.980 1.00 2.87 ? 206 ARG A HE   1 
ATOM 489  H HH11 . ARG A 1 34 ? -0.891  -0.776  -11.855 1.00 2.82 ? 206 ARG A HH11 1 
ATOM 490  H HH12 . ARG A 1 34 ? 0.049   -1.068  -13.280 1.00 3.63 ? 206 ARG A HH12 1 
ATOM 491  H HH21 . ARG A 1 34 ? -1.282  -4.227  -13.821 1.00 3.95 ? 206 ARG A HH21 1 
ATOM 492  H HH22 . ARG A 1 34 ? -0.171  -3.028  -14.396 1.00 4.03 ? 206 ARG A HH22 1 
ATOM 493  N N    . LEU A 1 35 ? -4.778  -3.456  -5.894  1.00 0.30 ? 207 LEU A N    1 
ATOM 494  C CA   . LEU A 1 35 ? -4.541  -4.430  -4.796  1.00 0.28 ? 207 LEU A CA   1 
ATOM 495  C C    . LEU A 1 35 ? -5.789  -5.298  -4.645  1.00 0.24 ? 207 LEU A C    1 
ATOM 496  O O    . LEU A 1 35 ? -5.705  -6.484  -4.394  1.00 0.26 ? 207 LEU A O    1 
ATOM 497  C CB   . LEU A 1 35 ? -4.247  -3.678  -3.493  1.00 0.29 ? 207 LEU A CB   1 
ATOM 498  C CG   . LEU A 1 35 ? -3.940  -4.673  -2.351  1.00 0.32 ? 207 LEU A CG   1 
ATOM 499  C CD1  . LEU A 1 35 ? -2.573  -5.376  -2.587  1.00 0.41 ? 207 LEU A CD1  1 
ATOM 500  C CD2  . LEU A 1 35 ? -3.945  -3.923  -0.993  1.00 0.33 ? 207 LEU A CD2  1 
ATOM 501  H H    . LEU A 1 35 ? -4.745  -2.494  -5.711  1.00 0.31 ? 207 LEU A H    1 
ATOM 502  H HA   . LEU A 1 35 ? -3.700  -5.057  -5.051  1.00 0.31 ? 207 LEU A HA   1 
ATOM 503  H HB2  . LEU A 1 35 ? -3.396  -3.029  -3.640  1.00 0.34 ? 207 LEU A HB2  1 
ATOM 504  H HB3  . LEU A 1 35 ? -5.106  -3.083  -3.223  1.00 0.26 ? 207 LEU A HB3  1 
ATOM 505  H HG   . LEU A 1 35 ? -4.712  -5.429  -2.328  1.00 0.32 ? 207 LEU A HG   1 
ATOM 506  H HD11 . LEU A 1 35 ? -2.056  -4.929  -3.424  1.00 1.08 ? 207 LEU A HD11 1 
ATOM 507  H HD12 . LEU A 1 35 ? -1.953  -5.289  -1.704  1.00 1.06 ? 207 LEU A HD12 1 
ATOM 508  H HD13 . LEU A 1 35 ? -2.745  -6.422  -2.793  1.00 0.99 ? 207 LEU A HD13 1 
ATOM 509  H HD21 . LEU A 1 35 ? -3.972  -2.853  -1.153  1.00 0.99 ? 207 LEU A HD21 1 
ATOM 510  H HD22 . LEU A 1 35 ? -4.816  -4.221  -0.431  1.00 1.04 ? 207 LEU A HD22 1 
ATOM 511  H HD23 . LEU A 1 35 ? -3.058  -4.174  -0.429  1.00 1.06 ? 207 LEU A HD23 1 
ATOM 512  N N    . GLU A 1 36 ? -6.952  -4.721  -4.800  1.00 0.23 ? 208 GLU A N    1 
ATOM 513  C CA   . GLU A 1 36 ? -8.194  -5.531  -4.666  1.00 0.25 ? 208 GLU A CA   1 
ATOM 514  C C    . GLU A 1 36 ? -8.140  -6.649  -5.700  1.00 0.28 ? 208 GLU A C    1 
ATOM 515  O O    . GLU A 1 36 ? -8.500  -7.778  -5.436  1.00 0.31 ? 208 GLU A O    1 
ATOM 516  C CB   . GLU A 1 36 ? -9.419  -4.655  -4.951  1.00 0.28 ? 208 GLU A CB   1 
ATOM 517  C CG   . GLU A 1 36 ? -9.534  -3.562  -3.890  1.00 0.33 ? 208 GLU A CG   1 
ATOM 518  C CD   . GLU A 1 36 ? -10.857 -2.814  -4.067  1.00 0.91 ? 208 GLU A CD   1 
ATOM 519  O OE1  . GLU A 1 36 ? -11.139 -2.406  -5.181  1.00 1.75 ? 208 GLU A OE1  1 
ATOM 520  O OE2  . GLU A 1 36 ? -11.565 -2.665  -3.085  1.00 1.49 ? 208 GLU A OE2  1 
ATOM 521  H H    . GLU A 1 36 ? -7.006  -3.765  -5.005  1.00 0.24 ? 208 GLU A H    1 
ATOM 522  H HA   . GLU A 1 36 ? -8.259  -5.948  -3.672  1.00 0.26 ? 208 GLU A HA   1 
ATOM 523  H HB2  . GLU A 1 36 ? -9.318  -4.201  -5.925  1.00 0.32 ? 208 GLU A HB2  1 
ATOM 524  H HB3  . GLU A 1 36 ? -10.308 -5.266  -4.931  1.00 0.32 ? 208 GLU A HB3  1 
ATOM 525  H HG2  . GLU A 1 36 ? -9.502  -4.011  -2.913  1.00 0.80 ? 208 GLU A HG2  1 
ATOM 526  H HG3  . GLU A 1 36 ? -8.714  -2.869  -3.996  1.00 0.87 ? 208 GLU A HG3  1 
ATOM 527  N N    . LEU A 1 37 ? -7.670  -6.342  -6.877  1.00 0.29 ? 209 LEU A N    1 
ATOM 528  C CA   . LEU A 1 37 ? -7.566  -7.382  -7.929  1.00 0.34 ? 209 LEU A CA   1 
ATOM 529  C C    . LEU A 1 37 ? -6.612  -8.473  -7.422  1.00 0.33 ? 209 LEU A C    1 
ATOM 530  O O    . LEU A 1 37 ? -6.887  -9.653  -7.515  1.00 0.35 ? 209 LEU A O    1 
ATOM 531  C CB   . LEU A 1 37 ? -7.015  -6.726  -9.211  1.00 0.40 ? 209 LEU A CB   1 
ATOM 532  C CG   . LEU A 1 37 ? -7.449  -7.507  -10.467 1.00 1.28 ? 209 LEU A CG   1 
ATOM 533  C CD1  . LEU A 1 37 ? -8.991  -7.472  -10.620 1.00 1.80 ? 209 LEU A CD1  1 
ATOM 534  C CD2  . LEU A 1 37 ? -6.791  -6.874  -11.710 1.00 2.04 ? 209 LEU A CD2  1 
ATOM 535  H H    . LEU A 1 37 ? -7.372  -5.427  -7.062  1.00 0.29 ? 209 LEU A H    1 
ATOM 536  H HA   . LEU A 1 37 ? -8.539  -7.807  -8.114  1.00 0.37 ? 209 LEU A HA   1 
ATOM 537  H HB2  . LEU A 1 37 ? -7.387  -5.714  -9.277  1.00 0.84 ? 209 LEU A HB2  1 
ATOM 538  H HB3  . LEU A 1 37 ? -5.935  -6.701  -9.164  1.00 0.95 ? 209 LEU A HB3  1 
ATOM 539  H HG   . LEU A 1 37 ? -7.126  -8.534  -10.376 1.00 2.07 ? 209 LEU A HG   1 
ATOM 540  H HD11 . LEU A 1 37 ? -9.393  -6.609  -10.108 1.00 2.21 ? 209 LEU A HD11 1 
ATOM 541  H HD12 . LEU A 1 37 ? -9.261  -7.420  -11.666 1.00 2.25 ? 209 LEU A HD12 1 
ATOM 542  H HD13 . LEU A 1 37 ? -9.412  -8.369  -10.191 1.00 2.33 ? 209 LEU A HD13 1 
ATOM 543  H HD21 . LEU A 1 37 ? -5.782  -6.564  -11.476 1.00 2.54 ? 209 LEU A HD21 1 
ATOM 544  H HD22 . LEU A 1 37 ? -6.766  -7.598  -12.511 1.00 2.48 ? 209 LEU A HD22 1 
ATOM 545  H HD23 . LEU A 1 37 ? -7.364  -6.014  -12.025 1.00 2.52 ? 209 LEU A HD23 1 
ATOM 546  N N    . ALA A 1 38 ? -5.492  -8.071  -6.873  1.00 0.31 ? 210 ALA A N    1 
ATOM 547  C CA   . ALA A 1 38 ? -4.507  -9.056  -6.338  1.00 0.31 ? 210 ALA A CA   1 
ATOM 548  C C    . ALA A 1 38 ? -5.096  -9.779  -5.121  1.00 0.27 ? 210 ALA A C    1 
ATOM 549  O O    . ALA A 1 38 ? -4.965  -10.979 -4.974  1.00 0.29 ? 210 ALA A O    1 
ATOM 550  C CB   . ALA A 1 38 ? -3.237  -8.316  -5.918  1.00 0.32 ? 210 ALA A CB   1 
ATOM 551  H H    . ALA A 1 38 ? -5.303  -7.111  -6.806  1.00 0.31 ? 210 ALA A H    1 
ATOM 552  H HA   . ALA A 1 38 ? -4.265  -9.777  -7.105  1.00 0.35 ? 210 ALA A HA   1 
ATOM 553  H HB1  . ALA A 1 38 ? -3.500  -7.438  -5.341  1.00 1.01 ? 210 ALA A HB1  1 
ATOM 554  H HB2  . ALA A 1 38 ? -2.624  -8.971  -5.318  1.00 1.04 ? 210 ALA A HB2  1 
ATOM 555  H HB3  . ALA A 1 38 ? -2.687  -8.019  -6.798  1.00 1.07 ? 210 ALA A HB3  1 
ATOM 556  N N    . ALA A 1 39 ? -5.737  -9.055  -4.243  1.00 0.24 ? 211 ALA A N    1 
ATOM 557  C CA   . ALA A 1 39 ? -6.329  -9.689  -3.032  1.00 0.23 ? 211 ALA A CA   1 
ATOM 558  C C    . ALA A 1 39 ? -7.287  -10.793 -3.462  1.00 0.27 ? 211 ALA A C    1 
ATOM 559  O O    . ALA A 1 39 ? -7.423  -11.813 -2.823  1.00 0.29 ? 211 ALA A O    1 
ATOM 560  C CB   . ALA A 1 39 ? -7.095  -8.627  -2.230  1.00 0.24 ? 211 ALA A CB   1 
ATOM 561  H H    . ALA A 1 39 ? -5.820  -8.090  -4.376  1.00 0.24 ? 211 ALA A H    1 
ATOM 562  H HA   . ALA A 1 39 ? -5.546  -10.109 -2.431  1.00 0.24 ? 211 ALA A HA   1 
ATOM 563  H HB1  . ALA A 1 39 ? -6.526  -7.709  -2.214  1.00 1.03 ? 211 ALA A HB1  1 
ATOM 564  H HB2  . ALA A 1 39 ? -8.055  -8.444  -2.694  1.00 1.04 ? 211 ALA A HB2  1 
ATOM 565  H HB3  . ALA A 1 39 ? -7.247  -8.976  -1.220  1.00 1.03 ? 211 ALA A HB3  1 
ATOM 566  N N    . ARG A 1 40 ? -7.953  -10.565 -4.544  1.00 0.31 ? 212 ARG A N    1 
ATOM 567  C CA   . ARG A 1 40 ? -8.932  -11.545 -5.084  1.00 0.38 ? 212 ARG A CA   1 
ATOM 568  C C    . ARG A 1 40 ? -8.187  -12.823 -5.504  1.00 0.39 ? 212 ARG A C    1 
ATOM 569  O O    . ARG A 1 40 ? -8.573  -13.928 -5.175  1.00 0.43 ? 212 ARG A O    1 
ATOM 570  C CB   . ARG A 1 40 ? -9.552  -10.857 -6.312  1.00 0.46 ? 212 ARG A CB   1 
ATOM 571  C CG   . ARG A 1 40 ? -11.023 -11.244 -6.534  1.00 1.14 ? 212 ARG A CG   1 
ATOM 572  C CD   . ARG A 1 40 ? -11.610 -10.255 -7.565  1.00 1.51 ? 212 ARG A CD   1 
ATOM 573  N NE   . ARG A 1 40 ? -13.106 -10.319 -7.747  1.00 2.21 ? 212 ARG A NE   1 
ATOM 574  C CZ   . ARG A 1 40 ? -13.817 -11.424 -7.659  1.00 2.90 ? 212 ARG A CZ   1 
ATOM 575  N NH1  . ARG A 1 40 ? -13.415 -12.476 -7.003  1.00 3.17 ? 212 ARG A NH1  1 
ATOM 576  N NH2  . ARG A 1 40 ? -15.024 -11.416 -8.153  1.00 3.85 ? 212 ARG A NH2  1 
ATOM 577  H H    . ARG A 1 40 ? -7.814  -9.721  -5.019  1.00 0.32 ? 212 ARG A H    1 
ATOM 578  H HA   . ARG A 1 40 ? -9.692  -11.768 -4.352  1.00 0.39 ? 212 ARG A HA   1 
ATOM 579  H HB2  . ARG A 1 40 ? -9.482  -9.791  -6.172  1.00 1.00 ? 212 ARG A HB2  1 
ATOM 580  H HB3  . ARG A 1 40 ? -8.984  -11.124 -7.196  1.00 0.91 ? 212 ARG A HB3  1 
ATOM 581  H HG2  . ARG A 1 40 ? -11.055 -12.250 -6.927  1.00 1.85 ? 212 ARG A HG2  1 
ATOM 582  H HG3  . ARG A 1 40 ? -11.573 -11.185 -5.607  1.00 1.80 ? 212 ARG A HG3  1 
ATOM 583  H HD2  . ARG A 1 40 ? -11.363 -9.249  -7.255  1.00 1.91 ? 212 ARG A HD2  1 
ATOM 584  H HD3  . ARG A 1 40 ? -11.144 -10.441 -8.519  1.00 2.08 ? 212 ARG A HD3  1 
ATOM 585  H HE   . ARG A 1 40 ? -13.555 -9.509  -8.066  1.00 2.65 ? 212 ARG A HE   1 
ATOM 586  H HH11 . ARG A 1 40 ? -12.548 -12.477 -6.531  1.00 2.92 ? 212 ARG A HH11 1 
ATOM 587  H HH12 . ARG A 1 40 ? -13.993 -13.292 -6.978  1.00 3.97 ? 212 ARG A HH12 1 
ATOM 588  H HH21 . ARG A 1 40 ? -15.381 -10.585 -8.583  1.00 4.15 ? 212 ARG A HH21 1 
ATOM 589  H HH22 . ARG A 1 40 ? -15.590 -12.237 -8.106  1.00 4.49 ? 212 ARG A HH22 1 
ATOM 590  N N    . GLU A 1 41 ? -7.123  -12.658 -6.241  1.00 0.39 ? 213 GLU A N    1 
ATOM 591  C CA   . GLU A 1 41 ? -6.332  -13.826 -6.722  1.00 0.43 ? 213 GLU A CA   1 
ATOM 592  C C    . GLU A 1 41 ? -5.750  -14.594 -5.523  1.00 0.41 ? 213 GLU A C    1 
ATOM 593  O O    . GLU A 1 41 ? -5.770  -15.808 -5.484  1.00 0.47 ? 213 GLU A O    1 
ATOM 594  C CB   . GLU A 1 41 ? -5.203  -13.285 -7.632  1.00 0.46 ? 213 GLU A CB   1 
ATOM 595  C CG   . GLU A 1 41 ? -4.904  -14.247 -8.806  1.00 1.25 ? 213 GLU A CG   1 
ATOM 596  C CD   . GLU A 1 41 ? -4.294  -13.458 -9.971  1.00 1.74 ? 213 GLU A CD   1 
ATOM 597  O OE1  . GLU A 1 41 ? -3.109  -13.176 -9.917  1.00 2.26 ? 213 GLU A OE1  1 
ATOM 598  O OE2  . GLU A 1 41 ? -5.027  -13.147 -10.897 1.00 2.44 ? 213 GLU A OE2  1 
ATOM 599  H H    . GLU A 1 41 ? -6.847  -11.754 -6.493  1.00 0.37 ? 213 GLU A H    1 
ATOM 600  H HA   . GLU A 1 41 ? -6.980  -14.482 -7.279  1.00 0.47 ? 213 GLU A HA   1 
ATOM 601  H HB2  . GLU A 1 41 ? -5.508  -12.326 -8.025  1.00 0.92 ? 213 GLU A HB2  1 
ATOM 602  H HB3  . GLU A 1 41 ? -4.300  -13.149 -7.049  1.00 0.95 ? 213 GLU A HB3  1 
ATOM 603  H HG2  . GLU A 1 41 ? -4.206  -15.004 -8.482  1.00 1.92 ? 213 GLU A HG2  1 
ATOM 604  H HG3  . GLU A 1 41 ? -5.813  -14.719 -9.143  1.00 1.92 ? 213 GLU A HG3  1 
ATOM 605  N N    . HIS A 1 42 ? -5.236  -13.896 -4.543  1.00 0.35 ? 214 HIS A N    1 
ATOM 606  C CA   . HIS A 1 42 ? -4.660  -14.586 -3.348  1.00 0.37 ? 214 HIS A CA   1 
ATOM 607  C C    . HIS A 1 42 ? -5.741  -14.733 -2.276  1.00 0.35 ? 214 HIS A C    1 
ATOM 608  O O    . HIS A 1 42 ? -5.557  -15.406 -1.281  1.00 0.41 ? 214 HIS A O    1 
ATOM 609  C CB   . HIS A 1 42 ? -3.504  -13.756 -2.792  1.00 0.36 ? 214 HIS A CB   1 
ATOM 610  C CG   . HIS A 1 42 ? -2.371  -13.750 -3.780  1.00 0.42 ? 214 HIS A CG   1 
ATOM 611  N ND1  . HIS A 1 42 ? -1.472  -14.800 -3.879  1.00 0.53 ? 214 HIS A ND1  1 
ATOM 612  C CD2  . HIS A 1 42 ? -1.981  -12.831 -4.722  1.00 0.44 ? 214 HIS A CD2  1 
ATOM 613  C CE1  . HIS A 1 42 ? -0.595  -14.491 -4.851  1.00 0.58 ? 214 HIS A CE1  1 
ATOM 614  N NE2  . HIS A 1 42 ? -0.859  -13.301 -5.397  1.00 0.53 ? 214 HIS A NE2  1 
ATOM 615  H H    . HIS A 1 42 ? -5.232  -12.917 -4.591  1.00 0.33 ? 214 HIS A H    1 
ATOM 616  H HA   . HIS A 1 42 ? -4.296  -15.565 -3.629  1.00 0.41 ? 214 HIS A HA   1 
ATOM 617  H HB2  . HIS A 1 42 ? -3.836  -12.744 -2.616  1.00 0.33 ? 214 HIS A HB2  1 
ATOM 618  H HB3  . HIS A 1 42 ? -3.167  -14.191 -1.864  1.00 0.39 ? 214 HIS A HB3  1 
ATOM 619  H HD1  . HIS A 1 42 ? -1.475  -15.618 -3.340  1.00 0.58 ? 214 HIS A HD1  1 
ATOM 620  H HD2  . HIS A 1 42 ? -2.471  -11.887 -4.911  1.00 0.42 ? 214 HIS A HD2  1 
ATOM 621  H HE1  . HIS A 1 42 ? 0.224   -15.127 -5.152  1.00 0.67 ? 214 HIS A HE1  1 
ATOM 622  N N    . GLY A 1 43 ? -6.865  -14.102 -2.470  1.00 0.32 ? 215 GLY A N    1 
ATOM 623  C CA   . GLY A 1 43 ? -7.960  -14.196 -1.463  1.00 0.33 ? 215 GLY A CA   1 
ATOM 624  C C    . GLY A 1 43 ? -7.559  -13.438 -0.195  1.00 0.31 ? 215 GLY A C    1 
ATOM 625  O O    . GLY A 1 43 ? -7.973  -13.778 0.895   1.00 0.40 ? 215 GLY A O    1 
ATOM 626  H H    . GLY A 1 43 ? -6.990  -13.561 -3.278  1.00 0.32 ? 215 GLY A H    1 
ATOM 627  H HA2  . GLY A 1 43 ? -8.862  -13.763 -1.873  1.00 0.34 ? 215 GLY A HA2  1 
ATOM 628  H HA3  . GLY A 1 43 ? -8.137  -15.232 -1.218  1.00 0.37 ? 215 GLY A HA3  1 
ATOM 629  N N    . TRP A 1 44 ? -6.744  -12.422 -0.320  1.00 0.27 ? 216 TRP A N    1 
ATOM 630  C CA   . TRP A 1 44 ? -6.319  -11.668 0.896   1.00 0.27 ? 216 TRP A CA   1 
ATOM 631  C C    . TRP A 1 44 ? -7.456  -10.791 1.416   1.00 0.27 ? 216 TRP A C    1 
ATOM 632  O O    . TRP A 1 44 ? -8.187  -10.181 0.660   1.00 0.27 ? 216 TRP A O    1 
ATOM 633  C CB   . TRP A 1 44 ? -5.151  -10.724 0.586   1.00 0.26 ? 216 TRP A CB   1 
ATOM 634  C CG   . TRP A 1 44 ? -3.915  -11.455 0.143   1.00 0.28 ? 216 TRP A CG   1 
ATOM 635  C CD1  . TRP A 1 44 ? -3.475  -12.645 0.620   1.00 0.32 ? 216 TRP A CD1  1 
ATOM 636  C CD2  . TRP A 1 44 ? -2.934  -11.030 -0.853  1.00 0.30 ? 216 TRP A CD2  1 
ATOM 637  N NE1  . TRP A 1 44 ? -2.289  -12.969 -0.013  1.00 0.35 ? 216 TRP A NE1  1 
ATOM 638  C CE2  . TRP A 1 44 ? -1.918  -12.009 -0.932  1.00 0.34 ? 216 TRP A CE2  1 
ATOM 639  C CE3  . TRP A 1 44 ? -2.831  -9.898  -1.688  1.00 0.29 ? 216 TRP A CE3  1 
ATOM 640  C CZ2  . TRP A 1 44 ? -0.837  -11.874 -1.805  1.00 0.37 ? 216 TRP A CZ2  1 
ATOM 641  C CZ3  . TRP A 1 44 ? -1.743  -9.761  -2.567  1.00 0.33 ? 216 TRP A CZ3  1 
ATOM 642  C CH2  . TRP A 1 44 ? -0.749  -10.747 -2.624  1.00 0.37 ? 216 TRP A CH2  1 
ATOM 643  H H    . TRP A 1 44 ? -6.409  -12.162 -1.204  1.00 0.31 ? 216 TRP A H    1 
ATOM 644  H HA   . TRP A 1 44 ? -6.031  -12.364 1.662   1.00 0.29 ? 216 TRP A HA   1 
ATOM 645  H HB2  . TRP A 1 44 ? -5.448  -10.040 -0.183  1.00 0.26 ? 216 TRP A HB2  1 
ATOM 646  H HB3  . TRP A 1 44 ? -4.925  -10.159 1.476   1.00 0.28 ? 216 TRP A HB3  1 
ATOM 647  H HD1  . TRP A 1 44 ? -3.959  -13.243 1.374   1.00 0.34 ? 216 TRP A HD1  1 
ATOM 648  H HE1  . TRP A 1 44 ? -1.762  -13.779 0.153   1.00 0.39 ? 216 TRP A HE1  1 
ATOM 649  H HE3  . TRP A 1 44 ? -3.593  -9.129  -1.656  1.00 0.28 ? 216 TRP A HE3  1 
ATOM 650  H HZ2  . TRP A 1 44 ? -0.072  -12.634 -1.847  1.00 0.41 ? 216 TRP A HZ2  1 
ATOM 651  H HZ3  . TRP A 1 44 ? -1.672  -8.890  -3.199  1.00 0.34 ? 216 TRP A HZ3  1 
ATOM 652  H HH2  . TRP A 1 44 ? 0.084   -10.635 -3.303  1.00 0.40 ? 216 TRP A HH2  1 
ATOM 653  N N    . SER A 1 45 ? -7.562  -10.675 2.711   1.00 0.30 ? 217 SER A N    1 
ATOM 654  C CA   . SER A 1 45 ? -8.592  -9.782  3.308   1.00 0.33 ? 217 SER A CA   1 
ATOM 655  C C    . SER A 1 45 ? -7.937  -8.408  3.473   1.00 0.34 ? 217 SER A C    1 
ATOM 656  O O    . SER A 1 45 ? -7.069  -8.234  4.299   1.00 0.51 ? 217 SER A O    1 
ATOM 657  C CB   . SER A 1 45 ? -9.012  -10.339 4.677   1.00 0.39 ? 217 SER A CB   1 
ATOM 658  O OG   . SER A 1 45 ? -10.215 -11.082 4.527   1.00 1.17 ? 217 SER A OG   1 
ATOM 659  H H    . SER A 1 45 ? -6.927  -11.140 3.294   1.00 0.32 ? 217 SER A H    1 
ATOM 660  H HA   . SER A 1 45 ? -9.451  -9.708  2.656   1.00 0.34 ? 217 SER A HA   1 
ATOM 661  H HB2  . SER A 1 45 ? -8.237  -10.990 5.052   1.00 1.03 ? 217 SER A HB2  1 
ATOM 662  H HB3  . SER A 1 45 ? -9.165  -9.528  5.380   1.00 0.88 ? 217 SER A HB3  1 
ATOM 663  H HG   . SER A 1 45 ? -10.193 -11.812 5.148   1.00 1.62 ? 217 SER A HG   1 
ATOM 664  N N    . ILE A 1 46 ? -8.312  -7.438  2.688   1.00 0.30 ? 218 ILE A N    1 
ATOM 665  C CA   . ILE A 1 46 ? -7.658  -6.100  2.812   1.00 0.32 ? 218 ILE A CA   1 
ATOM 666  C C    . ILE A 1 46 ? -8.441  -5.225  3.805   1.00 0.34 ? 218 ILE A C    1 
ATOM 667  O O    . ILE A 1 46 ? -9.647  -5.330  3.900   1.00 0.41 ? 218 ILE A O    1 
ATOM 668  C CB   . ILE A 1 46 ? -7.645  -5.426  1.435   1.00 0.32 ? 218 ILE A CB   1 
ATOM 669  C CG1  . ILE A 1 46 ? -9.076  -5.005  1.043   1.00 0.31 ? 218 ILE A CG1  1 
ATOM 670  C CG2  . ILE A 1 46 ? -7.096  -6.415  0.395   1.00 0.41 ? 218 ILE A CG2  1 
ATOM 671  C CD1  . ILE A 1 46 ? -9.138  -4.609  -0.440  1.00 0.44 ? 218 ILE A CD1  1 
ATOM 672  H H    . ILE A 1 46 ? -9.000  -7.590  2.007   1.00 0.36 ? 218 ILE A H    1 
ATOM 673  H HA   . ILE A 1 46 ? -6.640  -6.233  3.149   1.00 0.41 ? 218 ILE A HA   1 
ATOM 674  H HB   . ILE A 1 46 ? -7.007  -4.554  1.469   1.00 0.37 ? 218 ILE A HB   1 
ATOM 675  H HG12 . ILE A 1 46 ? -9.749  -5.831  1.219   1.00 0.32 ? 218 ILE A HG12 1 
ATOM 676  H HG13 . ILE A 1 46 ? -9.382  -4.162  1.648   1.00 0.31 ? 218 ILE A HG13 1 
ATOM 677  H HG21 . ILE A 1 46 ? -6.238  -6.930  0.803   1.00 1.11 ? 218 ILE A HG21 1 
ATOM 678  H HG22 . ILE A 1 46 ? -7.861  -7.134  0.144   1.00 1.11 ? 218 ILE A HG22 1 
ATOM 679  H HG23 . ILE A 1 46 ? -6.803  -5.876  -0.493  1.00 1.09 ? 218 ILE A HG23 1 
ATOM 680  H HD11 . ILE A 1 46 ? -8.157  -4.319  -0.791  1.00 1.10 ? 218 ILE A HD11 1 
ATOM 681  H HD12 . ILE A 1 46 ? -9.490  -5.450  -1.020  1.00 1.16 ? 218 ILE A HD12 1 
ATOM 682  H HD13 . ILE A 1 46 ? -9.818  -3.781  -0.561  1.00 1.10 ? 218 ILE A HD13 1 
ATOM 683  N N    . PRO A 1 47 ? -7.775  -4.351  4.527   1.00 0.45 ? 219 PRO A N    1 
ATOM 684  C CA   . PRO A 1 47 ? -8.454  -3.444  5.494   1.00 0.54 ? 219 PRO A CA   1 
ATOM 685  C C    . PRO A 1 47 ? -9.145  -2.281  4.776   1.00 0.41 ? 219 PRO A C    1 
ATOM 686  O O    . PRO A 1 47 ? -8.953  -2.069  3.595   1.00 0.35 ? 219 PRO A O    1 
ATOM 687  C CB   . PRO A 1 47 ? -7.302  -2.934  6.366   1.00 0.72 ? 219 PRO A CB   1 
ATOM 688  C CG   . PRO A 1 47 ? -6.123  -2.925  5.450   1.00 0.84 ? 219 PRO A CG   1 
ATOM 689  C CD   . PRO A 1 47 ? -6.314  -4.123  4.512   1.00 0.62 ? 219 PRO A CD   1 
ATOM 690  H HA   . PRO A 1 47 ? -9.158  -3.991  6.100   1.00 0.62 ? 219 PRO A HA   1 
ATOM 691  H HB2  . PRO A 1 47 ? -7.512  -1.935  6.734   1.00 0.71 ? 219 PRO A HB2  1 
ATOM 692  H HB3  . PRO A 1 47 ? -7.126  -3.609  7.190   1.00 0.92 ? 219 PRO A HB3  1 
ATOM 693  H HG2  . PRO A 1 47 ? -6.101  -2.001  4.883   1.00 0.95 ? 219 PRO A HG2  1 
ATOM 694  H HG3  . PRO A 1 47 ? -5.207  -3.040  6.011   1.00 1.13 ? 219 PRO A HG3  1 
ATOM 695  H HD2  . PRO A 1 47 ? -5.971  -3.884  3.513   1.00 0.63 ? 219 PRO A HD2  1 
ATOM 696  H HD3  . PRO A 1 47 ? -5.798  -4.989  4.897   1.00 0.67 ? 219 PRO A HD3  1 
ATOM 697  N N    . SER A 1 48 ? -9.942  -1.527  5.474   1.00 0.43 ? 220 SER A N    1 
ATOM 698  C CA   . SER A 1 48 ? -10.633 -0.383  4.821   1.00 0.38 ? 220 SER A CA   1 
ATOM 699  C C    . SER A 1 48 ? -9.589  0.589   4.263   1.00 0.30 ? 220 SER A C    1 
ATOM 700  O O    . SER A 1 48 ? -8.549  0.807   4.851   1.00 0.33 ? 220 SER A O    1 
ATOM 701  C CB   . SER A 1 48 ? -11.512 0.336   5.849   1.00 0.49 ? 220 SER A CB   1 
ATOM 702  O OG   . SER A 1 48 ? -11.605 1.713   5.506   1.00 1.42 ? 220 SER A OG   1 
ATOM 703  H H    . SER A 1 48 ? -10.084 -1.710  6.426   1.00 0.51 ? 220 SER A H    1 
ATOM 704  H HA   . SER A 1 48 ? -11.246 -0.750  4.011   1.00 0.38 ? 220 SER A HA   1 
ATOM 705  H HB2  . SER A 1 48 ? -12.500 -0.095  5.850   1.00 1.18 ? 220 SER A HB2  1 
ATOM 706  H HB3  . SER A 1 48 ? -11.075 0.228   6.833   1.00 1.10 ? 220 SER A HB3  1 
ATOM 707  H HG   . SER A 1 48 ? -12.499 2.006   5.697   1.00 1.91 ? 220 SER A HG   1 
ATOM 708  N N    . ARG A 1 49 ? -9.859  1.162   3.122   1.00 0.30 ? 221 ARG A N    1 
ATOM 709  C CA   . ARG A 1 49 ? -8.887  2.112   2.503   1.00 0.33 ? 221 ARG A CA   1 
ATOM 710  C C    . ARG A 1 49 ? -8.498  3.207   3.496   1.00 0.35 ? 221 ARG A C    1 
ATOM 711  O O    . ARG A 1 49 ? -7.353  3.608   3.566   1.00 0.36 ? 221 ARG A O    1 
ATOM 712  C CB   . ARG A 1 49 ? -9.513  2.751   1.258   1.00 0.42 ? 221 ARG A CB   1 
ATOM 713  C CG   . ARG A 1 49 ? -9.608  1.693   0.161   1.00 0.47 ? 221 ARG A CG   1 
ATOM 714  C CD   . ARG A 1 49 ? -10.214 2.279   -1.121  1.00 0.81 ? 221 ARG A CD   1 
ATOM 715  N NE   . ARG A 1 49 ? -11.702 2.200   -1.015  1.00 1.45 ? 221 ARG A NE   1 
ATOM 716  C CZ   . ARG A 1 49 ? -12.449 2.470   -2.044  1.00 1.99 ? 221 ARG A CZ   1 
ATOM 717  N NH1  . ARG A 1 49 ? -11.896 2.680   -3.207  1.00 2.18 ? 221 ARG A NH1  1 
ATOM 718  N NH2  . ARG A 1 49 ? -13.747 2.491   -1.925  1.00 3.00 ? 221 ARG A NH2  1 
ATOM 719  H H    . ARG A 1 49 ? -10.699 0.954   2.662   1.00 0.34 ? 221 ARG A H    1 
ATOM 720  H HA   . ARG A 1 49 ? -7.999  1.569   2.212   1.00 0.34 ? 221 ARG A HA   1 
ATOM 721  H HB2  . ARG A 1 49 ? -10.500 3.119   1.499   1.00 0.49 ? 221 ARG A HB2  1 
ATOM 722  H HB3  . ARG A 1 49 ? -8.893  3.567   0.920   1.00 0.47 ? 221 ARG A HB3  1 
ATOM 723  H HG2  . ARG A 1 49 ? -8.621  1.325   -0.052  1.00 0.58 ? 221 ARG A HG2  1 
ATOM 724  H HG3  . ARG A 1 49 ? -10.227 0.878   0.505   1.00 0.48 ? 221 ARG A HG3  1 
ATOM 725  H HD2  . ARG A 1 49 ? -9.938  3.302   -1.234  1.00 1.50 ? 221 ARG A HD2  1 
ATOM 726  H HD3  . ARG A 1 49 ? -9.834  1.728   -1.981  1.00 1.28 ? 221 ARG A HD3  1 
ATOM 727  H HE   . ARG A 1 49 ? -12.117 1.981   -0.156  1.00 2.12 ? 221 ARG A HE   1 
ATOM 728  H HH11 . ARG A 1 49 ? -10.900 2.632   -3.302  1.00 2.00 ? 221 ARG A HH11 1 
ATOM 729  H HH12 . ARG A 1 49 ? -12.465 2.878   -4.004  1.00 2.95 ? 221 ARG A HH12 1 
ATOM 730  H HH21 . ARG A 1 49 ? -14.172 2.301   -1.040  1.00 3.44 ? 221 ARG A HH21 1 
ATOM 731  H HH22 . ARG A 1 49 ? -14.318 2.693   -2.720  1.00 3.56 ? 221 ARG A HH22 1 
ATOM 732  N N    . ALA A 1 50 ? -9.426  3.703   4.261   1.00 0.38 ? 222 ALA A N    1 
ATOM 733  C CA   . ALA A 1 50 ? -9.075  4.774   5.234   1.00 0.44 ? 222 ALA A CA   1 
ATOM 734  C C    . ALA A 1 50 ? -8.003  4.238   6.192   1.00 0.42 ? 222 ALA A C    1 
ATOM 735  O O    . ALA A 1 50 ? -7.077  4.933   6.551   1.00 0.45 ? 222 ALA A O    1 
ATOM 736  C CB   . ALA A 1 50 ? -10.343 5.189   6.011   1.00 0.50 ? 222 ALA A CB   1 
ATOM 737  H H    . ALA A 1 50 ? -10.347 3.375   4.196   1.00 0.39 ? 222 ALA A H    1 
ATOM 738  H HA   . ALA A 1 50 ? -8.681  5.625   4.696   1.00 0.46 ? 222 ALA A HA   1 
ATOM 739  H HB1  . ALA A 1 50 ? -11.216 4.830   5.485   1.00 1.17 ? 222 ALA A HB1  1 
ATOM 740  H HB2  . ALA A 1 50 ? -10.329 4.764   7.007   1.00 1.12 ? 222 ALA A HB2  1 
ATOM 741  H HB3  . ALA A 1 50 ? -10.391 6.268   6.084   1.00 1.11 ? 222 ALA A HB3  1 
ATOM 742  N N    . THR A 1 51 ? -8.128  3.006   6.601   1.00 0.40 ? 223 THR A N    1 
ATOM 743  C CA   . THR A 1 51 ? -7.127  2.409   7.535   1.00 0.42 ? 223 THR A CA   1 
ATOM 744  C C    . THR A 1 51 ? -5.771  2.276   6.830   1.00 0.38 ? 223 THR A C    1 
ATOM 745  O O    . THR A 1 51 ? -4.731  2.480   7.425   1.00 0.39 ? 223 THR A O    1 
ATOM 746  C CB   . THR A 1 51 ? -7.620  1.012   7.953   1.00 0.45 ? 223 THR A CB   1 
ATOM 747  O OG1  . THR A 1 51 ? -8.877  1.141   8.600   1.00 0.50 ? 223 THR A OG1  1 
ATOM 748  C CG2  . THR A 1 51 ? -6.630  0.337   8.918   1.00 0.50 ? 223 THR A CG2  1 
ATOM 749  H H    . THR A 1 51 ? -8.886  2.467   6.293   1.00 0.40 ? 223 THR A H    1 
ATOM 750  H HA   . THR A 1 51 ? -7.024  3.033   8.409   1.00 0.47 ? 223 THR A HA   1 
ATOM 751  H HB   . THR A 1 51 ? -7.732  0.397   7.073   1.00 0.44 ? 223 THR A HB   1 
ATOM 752  H HG1  . THR A 1 51 ? -9.180  0.260   8.837   1.00 1.02 ? 223 THR A HG1  1 
ATOM 753  H HG21 . THR A 1 51 ? -5.612  0.544   8.622   1.00 1.12 ? 223 THR A HG21 1 
ATOM 754  H HG22 . THR A 1 51 ? -6.793  0.709   9.918   1.00 1.21 ? 223 THR A HG22 1 
ATOM 755  H HG23 . THR A 1 51 ? -6.791  -0.730  8.904   1.00 1.07 ? 223 THR A HG23 1 
ATOM 756  N N    . ALA A 1 52 ? -5.772  1.893   5.587   1.00 0.34 ? 224 ALA A N    1 
ATOM 757  C CA   . ALA A 1 52 ? -4.482  1.699   4.867   1.00 0.31 ? 224 ALA A CA   1 
ATOM 758  C C    . ALA A 1 52 ? -3.692  3.013   4.783   1.00 0.30 ? 224 ALA A C    1 
ATOM 759  O O    . ALA A 1 52 ? -2.557  3.077   5.198   1.00 0.30 ? 224 ALA A O    1 
ATOM 760  C CB   . ALA A 1 52 ? -4.778  1.179   3.461   1.00 0.32 ? 224 ALA A CB   1 
ATOM 761  H H    . ALA A 1 52 ? -6.618  1.704   5.132   1.00 0.33 ? 224 ALA A H    1 
ATOM 762  H HA   . ALA A 1 52 ? -3.891  0.967   5.395   1.00 0.34 ? 224 ALA A HA   1 
ATOM 763  H HB1  . ALA A 1 52 ? -5.406  0.304   3.529   1.00 1.08 ? 224 ALA A HB1  1 
ATOM 764  H HB2  . ALA A 1 52 ? -5.287  1.942   2.897   1.00 1.01 ? 224 ALA A HB2  1 
ATOM 765  H HB3  . ALA A 1 52 ? -3.852  0.921   2.967   1.00 1.04 ? 224 ALA A HB3  1 
ATOM 766  N N    . PHE A 1 53 ? -4.274  4.054   4.254   1.00 0.31 ? 225 PHE A N    1 
ATOM 767  C CA   . PHE A 1 53 ? -3.536  5.353   4.145   1.00 0.33 ? 225 PHE A CA   1 
ATOM 768  C C    . PHE A 1 53 ? -3.117  5.853   5.534   1.00 0.34 ? 225 PHE A C    1 
ATOM 769  O O    . PHE A 1 53 ? -2.036  6.379   5.713   1.00 0.34 ? 225 PHE A O    1 
ATOM 770  C CB   . PHE A 1 53 ? -4.429  6.395   3.461   1.00 0.38 ? 225 PHE A CB   1 
ATOM 771  C CG   . PHE A 1 53 ? -3.748  7.750   3.484   1.00 0.42 ? 225 PHE A CG   1 
ATOM 772  C CD1  . PHE A 1 53 ? -2.550  7.952   2.780   1.00 0.43 ? 225 PHE A CD1  1 
ATOM 773  C CD2  . PHE A 1 53 ? -4.320  8.809   4.205   1.00 0.48 ? 225 PHE A CD2  1 
ATOM 774  C CE1  . PHE A 1 53 ? -1.930  9.207   2.801   1.00 0.49 ? 225 PHE A CE1  1 
ATOM 775  C CE2  . PHE A 1 53 ? -3.697  10.061  4.224   1.00 0.54 ? 225 PHE A CE2  1 
ATOM 776  C CZ   . PHE A 1 53 ? -2.503  10.261  3.524   1.00 0.54 ? 225 PHE A CZ   1 
ATOM 777  H H    . PHE A 1 53 ? -5.192  3.982   3.923   1.00 0.32 ? 225 PHE A H    1 
ATOM 778  H HA   . PHE A 1 53 ? -2.652  5.203   3.545   1.00 0.32 ? 225 PHE A HA   1 
ATOM 779  H HB2  . PHE A 1 53 ? -4.603  6.099   2.436   1.00 0.39 ? 225 PHE A HB2  1 
ATOM 780  H HB3  . PHE A 1 53 ? -5.374  6.454   3.981   1.00 0.40 ? 225 PHE A HB3  1 
ATOM 781  H HD1  . PHE A 1 53 ? -2.101  7.140   2.224   1.00 0.40 ? 225 PHE A HD1  1 
ATOM 782  H HD2  . PHE A 1 53 ? -5.241  8.657   4.746   1.00 0.49 ? 225 PHE A HD2  1 
ATOM 783  H HE1  . PHE A 1 53 ? -1.008  9.364   2.260   1.00 0.51 ? 225 PHE A HE1  1 
ATOM 784  H HE2  . PHE A 1 53 ? -4.138  10.874  4.781   1.00 0.59 ? 225 PHE A HE2  1 
ATOM 785  H HZ   . PHE A 1 53 ? -2.023  11.229  3.539   1.00 0.60 ? 225 PHE A HZ   1 
ATOM 786  N N    . ARG A 1 54 ? -3.966  5.707   6.512   1.00 0.36 ? 226 ARG A N    1 
ATOM 787  C CA   . ARG A 1 54 ? -3.634  6.186   7.891   1.00 0.39 ? 226 ARG A CA   1 
ATOM 788  C C    . ARG A 1 54 ? -2.268  5.620   8.306   1.00 0.37 ? 226 ARG A C    1 
ATOM 789  O O    . ARG A 1 54 ? -1.401  6.326   8.768   1.00 0.38 ? 226 ARG A O    1 
ATOM 790  C CB   . ARG A 1 54 ? -4.728  5.653   8.856   1.00 0.46 ? 226 ARG A CB   1 
ATOM 791  C CG   . ARG A 1 54 ? -5.251  6.735   9.857   1.00 1.16 ? 226 ARG A CG   1 
ATOM 792  C CD   . ARG A 1 54 ? -6.782  6.738   9.806   1.00 1.45 ? 226 ARG A CD   1 
ATOM 793  N NE   . ARG A 1 54 ? -7.367  7.686   10.815  1.00 2.10 ? 226 ARG A NE   1 
ATOM 794  C CZ   . ARG A 1 54 ? -7.406  7.418   12.087  1.00 2.72 ? 226 ARG A CZ   1 
ATOM 795  N NH1  . ARG A 1 54 ? -6.737  6.410   12.578  1.00 2.93 ? 226 ARG A NH1  1 
ATOM 796  N NH2  . ARG A 1 54 ? -8.109  8.180   12.881  1.00 3.65 ? 226 ARG A NH2  1 
ATOM 797  H H    . ARG A 1 54 ? -4.836  5.290   6.339   1.00 0.37 ? 226 ARG A H    1 
ATOM 798  H HA   . ARG A 1 54 ? -3.601  7.261   7.901   1.00 0.42 ? 226 ARG A HA   1 
ATOM 799  H HB2  . ARG A 1 54 ? -5.549  5.293   8.256   1.00 0.84 ? 226 ARG A HB2  1 
ATOM 800  H HB3  . ARG A 1 54 ? -4.336  4.813   9.419   1.00 0.96 ? 226 ARG A HB3  1 
ATOM 801  H HG2  . ARG A 1 54 ? -4.924  6.494   10.859  1.00 1.92 ? 226 ARG A HG2  1 
ATOM 802  H HG3  . ARG A 1 54 ? -4.886  7.714   9.591   1.00 1.65 ? 226 ARG A HG3  1 
ATOM 803  H HD2  . ARG A 1 54 ? -7.097  7.090   8.851   1.00 1.68 ? 226 ARG A HD2  1 
ATOM 804  H HD3  . ARG A 1 54 ? -7.138  5.709   9.926   1.00 2.16 ? 226 ARG A HD3  1 
ATOM 805  H HE   . ARG A 1 54 ? -7.800  8.504   10.493  1.00 2.57 ? 226 ARG A HE   1 
ATOM 806  H HH11 . ARG A 1 54 ? -6.182  5.836   11.977  1.00 2.74 ? 226 ARG A HH11 1 
ATOM 807  H HH12 . ARG A 1 54 ? -6.785  6.209   13.557  1.00 3.66 ? 226 ARG A HH12 1 
ATOM 808  H HH21 . ARG A 1 54 ? -8.609  8.962   12.508  1.00 4.00 ? 226 ARG A HH21 1 
ATOM 809  H HH22 . ARG A 1 54 ? -8.163  7.972   13.857  1.00 4.22 ? 226 ARG A HH22 1 
ATOM 810  N N    . ARG A 1 55 ? -2.088  4.342   8.154   1.00 0.35 ? 227 ARG A N    1 
ATOM 811  C CA   . ARG A 1 55 ? -0.799  3.718   8.550   1.00 0.35 ? 227 ARG A CA   1 
ATOM 812  C C    . ARG A 1 55 ? 0.333   4.242   7.669   1.00 0.30 ? 227 ARG A C    1 
ATOM 813  O O    . ARG A 1 55 ? 1.457   4.371   8.114   1.00 0.32 ? 227 ARG A O    1 
ATOM 814  C CB   . ARG A 1 55 ? -0.932  2.190   8.454   1.00 0.40 ? 227 ARG A CB   1 
ATOM 815  C CG   . ARG A 1 55 ? -1.553  1.666   9.765   1.00 1.13 ? 227 ARG A CG   1 
ATOM 816  C CD   . ARG A 1 55 ? -2.074  0.226   9.616   1.00 1.46 ? 227 ARG A CD   1 
ATOM 817  N NE   . ARG A 1 55 ? -1.044  -0.732  10.102  1.00 1.91 ? 227 ARG A NE   1 
ATOM 818  C CZ   . ARG A 1 55 ? -1.394  -1.949  10.408  1.00 2.56 ? 227 ARG A CZ   1 
ATOM 819  N NH1  . ARG A 1 55 ? -2.639  -2.317  10.276  1.00 2.97 ? 227 ARG A NH1  1 
ATOM 820  N NH2  . ARG A 1 55 ? -0.505  -2.796  10.849  1.00 3.34 ? 227 ARG A NH2  1 
ATOM 821  H H    . ARG A 1 55 ? -2.809  3.788   7.788   1.00 0.36 ? 227 ARG A H    1 
ATOM 822  H HA   . ARG A 1 55 ? -0.583  3.993   9.573   1.00 0.40 ? 227 ARG A HA   1 
ATOM 823  H HB2  . ARG A 1 55 ? -1.575  1.947   7.619   1.00 0.92 ? 227 ARG A HB2  1 
ATOM 824  H HB3  . ARG A 1 55 ? 0.039   1.743   8.307   1.00 0.88 ? 227 ARG A HB3  1 
ATOM 825  H HG2  . ARG A 1 55 ? -0.795  1.684   10.537  1.00 1.82 ? 227 ARG A HG2  1 
ATOM 826  H HG3  . ARG A 1 55 ? -2.367  2.316   10.059  1.00 1.82 ? 227 ARG A HG3  1 
ATOM 827  H HD2  . ARG A 1 55 ? -2.976  0.110   10.208  1.00 1.95 ? 227 ARG A HD2  1 
ATOM 828  H HD3  . ARG A 1 55 ? -2.297  0.010   8.584   1.00 2.08 ? 227 ARG A HD3  1 
ATOM 829  H HE   . ARG A 1 55 ? -0.111  -0.447  10.197  1.00 2.27 ? 227 ARG A HE   1 
ATOM 830  H HH11 . ARG A 1 55 ? -3.321  -1.665  9.942   1.00 2.89 ? 227 ARG A HH11 1 
ATOM 831  H HH12 . ARG A 1 55 ? -2.913  -3.249  10.511  1.00 3.68 ? 227 ARG A HH12 1 
ATOM 832  H HH21 . ARG A 1 55 ? 0.448   -2.511  10.954  1.00 3.61 ? 227 ARG A HH21 1 
ATOM 833  H HH22 . ARG A 1 55 ? -0.778  -3.728  11.086  1.00 3.92 ? 227 ARG A HH22 1 
ATOM 834  N N    . ILE A 1 56 ? 0.061   4.577   6.442   1.00 0.26 ? 228 ILE A N    1 
ATOM 835  C CA   . ILE A 1 56 ? 1.154   5.120   5.598   1.00 0.25 ? 228 ILE A CA   1 
ATOM 836  C C    . ILE A 1 56 ? 1.647   6.410   6.274   1.00 0.28 ? 228 ILE A C    1 
ATOM 837  O O    . ILE A 1 56 ? 2.819   6.731   6.242   1.00 0.30 ? 228 ILE A O    1 
ATOM 838  C CB   . ILE A 1 56 ? 0.646   5.410   4.180   1.00 0.28 ? 228 ILE A CB   1 
ATOM 839  C CG1  . ILE A 1 56 ? 0.044   4.124   3.558   1.00 0.31 ? 228 ILE A CG1  1 
ATOM 840  C CG2  . ILE A 1 56 ? 1.811   5.925   3.326   1.00 0.32 ? 228 ILE A CG2  1 
ATOM 841  C CD1  . ILE A 1 56 ? 1.124   3.166   3.027   1.00 0.31 ? 228 ILE A CD1  1 
ATOM 842  H H    . ILE A 1 56 ? -0.849  4.494   6.090   1.00 0.26 ? 228 ILE A H    1 
ATOM 843  H HA   . ILE A 1 56 ? 1.962   4.408   5.559   1.00 0.26 ? 228 ILE A HA   1 
ATOM 844  H HB   . ILE A 1 56 ? -0.117  6.174   4.230   1.00 0.31 ? 228 ILE A HB   1 
ATOM 845  H HG12 . ILE A 1 56 ? -0.527  3.611   4.309   1.00 0.33 ? 228 ILE A HG12 1 
ATOM 846  H HG13 . ILE A 1 56 ? -0.610  4.400   2.745   1.00 0.38 ? 228 ILE A HG13 1 
ATOM 847  H HG21 . ILE A 1 56 ? 2.620   5.205   3.341   1.00 1.05 ? 228 ILE A HG21 1 
ATOM 848  H HG22 . ILE A 1 56 ? 1.477   6.074   2.311   1.00 1.09 ? 228 ILE A HG22 1 
ATOM 849  H HG23 . ILE A 1 56 ? 2.162   6.861   3.731   1.00 1.04 ? 228 ILE A HG23 1 
ATOM 850  H HD11 . ILE A 1 56 ? 2.063   3.345   3.527   1.00 1.06 ? 228 ILE A HD11 1 
ATOM 851  H HD12 . ILE A 1 56 ? 0.814   2.146   3.206   1.00 1.02 ? 228 ILE A HD12 1 
ATOM 852  H HD13 . ILE A 1 56 ? 1.246   3.319   1.965   1.00 1.07 ? 228 ILE A HD13 1 
ATOM 853  N N    . GLN A 1 57 ? 0.754   7.136   6.915   1.00 0.33 ? 229 GLN A N    1 
ATOM 854  C CA   . GLN A 1 57 ? 1.162   8.390   7.631   1.00 0.41 ? 229 GLN A CA   1 
ATOM 855  C C    . GLN A 1 57 ? 2.060   8.014   8.804   1.00 0.41 ? 229 GLN A C    1 
ATOM 856  O O    . GLN A 1 57 ? 2.991   8.715   9.149   1.00 0.47 ? 229 GLN A O    1 
ATOM 857  C CB   . GLN A 1 57 ? -0.060  9.093   8.249   1.00 0.53 ? 229 GLN A CB   1 
ATOM 858  C CG   . GLN A 1 57 ? -1.113  9.479   7.181   1.00 1.32 ? 229 GLN A CG   1 
ATOM 859  C CD   . GLN A 1 57 ? -1.170  11.004  7.019   1.00 1.87 ? 229 GLN A CD   1 
ATOM 860  O OE1  . GLN A 1 57 ? -0.225  11.612  6.559   1.00 2.30 ? 229 GLN A OE1  1 
ATOM 861  N NE2  . GLN A 1 57 ? -2.242  11.648  7.393   1.00 2.64 ? 229 GLN A NE2  1 
ATOM 862  H H    . GLN A 1 57 ? -0.180  6.842   6.944   1.00 0.34 ? 229 GLN A H    1 
ATOM 863  H HA   . GLN A 1 57 ? 1.677   9.060   6.960   1.00 0.44 ? 229 GLN A HA   1 
ATOM 864  H HB2  . GLN A 1 57 ? -0.507  8.432   8.976   1.00 1.25 ? 229 GLN A HB2  1 
ATOM 865  H HB3  . GLN A 1 57 ? 0.282   9.982   8.763   1.00 1.20 ? 229 GLN A HB3  1 
ATOM 866  H HG2  . GLN A 1 57 ? -0.864  9.026   6.232   1.00 1.99 ? 229 GLN A HG2  1 
ATOM 867  H HG3  . GLN A 1 57 ? -2.088  9.125   7.495   1.00 1.96 ? 229 GLN A HG3  1 
ATOM 868  H HE21 . GLN A 1 57 ? -3.002  11.157  7.773   1.00 2.86 ? 229 GLN A HE21 1 
ATOM 869  H HE22 . GLN A 1 57 ? -2.287  12.622  7.296   1.00 3.27 ? 229 GLN A HE22 1 
ATOM 870  N N    . GLN A 1 58 ? 1.739   6.928   9.451   1.00 0.43 ? 230 GLN A N    1 
ATOM 871  C CA   . GLN A 1 58 ? 2.508   6.507   10.649  1.00 0.52 ? 230 GLN A CA   1 
ATOM 872  C C    . GLN A 1 58 ? 3.909   6.069   10.258  1.00 0.50 ? 230 GLN A C    1 
ATOM 873  O O    . GLN A 1 58 ? 4.795   6.022   11.088  1.00 0.60 ? 230 GLN A O    1 
ATOM 874  C CB   . GLN A 1 58 ? 1.788   5.338   11.337  1.00 0.65 ? 230 GLN A CB   1 
ATOM 875  C CG   . GLN A 1 58 ? 0.478   5.822   12.022  1.00 1.34 ? 230 GLN A CG   1 
ATOM 876  C CD   . GLN A 1 58 ? 0.375   5.238   13.437  1.00 1.98 ? 230 GLN A CD   1 
ATOM 877  O OE1  . GLN A 1 58 ? 0.930   4.194   13.720  1.00 2.48 ? 230 GLN A OE1  1 
ATOM 878  N NE2  . GLN A 1 58 ? -0.306  5.881   14.345  1.00 2.73 ? 230 GLN A NE2  1 
ATOM 879  H H    . GLN A 1 58 ? 0.956   6.411   9.169   1.00 0.43 ? 230 GLN A H    1 
ATOM 880  H HA   . GLN A 1 58 ? 2.580   7.335   11.336  1.00 0.58 ? 230 GLN A HA   1 
ATOM 881  H HB2  . GLN A 1 58 ? 1.550   4.590   10.590  1.00 1.27 ? 230 GLN A HB2  1 
ATOM 882  H HB3  . GLN A 1 58 ? 2.451   4.903   12.071  1.00 1.12 ? 230 GLN A HB3  1 
ATOM 883  H HG2  . GLN A 1 58 ? 0.460   6.901   12.085  1.00 1.99 ? 230 GLN A HG2  1 
ATOM 884  H HG3  . GLN A 1 58 ? -0.375  5.490   11.445  1.00 1.90 ? 230 GLN A HG3  1 
ATOM 885  H HE21 . GLN A 1 58 ? -0.747  6.726   14.120  1.00 3.00 ? 230 GLN A HE21 1 
ATOM 886  H HE22 . GLN A 1 58 ? -0.371  5.521   15.255  1.00 3.32 ? 230 GLN A HE22 1 
ATOM 887  N N    . LEU A 1 59 ? 4.150   5.770   9.018   1.00 0.41 ? 231 LEU A N    1 
ATOM 888  C CA   . LEU A 1 59 ? 5.528   5.374   8.658   1.00 0.46 ? 231 LEU A CA   1 
ATOM 889  C C    . LEU A 1 59 ? 6.422   6.577   8.964   1.00 0.54 ? 231 LEU A C    1 
ATOM 890  O O    . LEU A 1 59 ? 6.972   6.669   10.044  1.00 0.98 ? 231 LEU A O    1 
ATOM 891  C CB   . LEU A 1 59 ? 5.593   4.988   7.175   1.00 0.41 ? 231 LEU A CB   1 
ATOM 892  C CG   . LEU A 1 59 ? 4.620   3.824   6.909   1.00 0.35 ? 231 LEU A CG   1 
ATOM 893  C CD1  . LEU A 1 59 ? 4.680   3.424   5.432   1.00 0.35 ? 231 LEU A CD1  1 
ATOM 894  C CD2  . LEU A 1 59 ? 4.988   2.611   7.779   1.00 0.41 ? 231 LEU A CD2  1 
ATOM 895  H H    . LEU A 1 59 ? 3.445   5.823   8.339   1.00 0.35 ? 231 LEU A H    1 
ATOM 896  H HA   . LEU A 1 59 ? 5.837   4.543   9.271   1.00 0.54 ? 231 LEU A HA   1 
ATOM 897  H HB2  . LEU A 1 59 ? 5.312   5.838   6.569   1.00 0.40 ? 231 LEU A HB2  1 
ATOM 898  H HB3  . LEU A 1 59 ? 6.596   4.680   6.925   1.00 0.48 ? 231 LEU A HB3  1 
ATOM 899  H HG   . LEU A 1 59 ? 3.618   4.142   7.151   1.00 0.35 ? 231 LEU A HG   1 
ATOM 900  H HD11 . LEU A 1 59 ? 5.707   3.268   5.144   1.00 1.07 ? 231 LEU A HD11 1 
ATOM 901  H HD12 . LEU A 1 59 ? 4.127   2.506   5.287   1.00 1.11 ? 231 LEU A HD12 1 
ATOM 902  H HD13 . LEU A 1 59 ? 4.246   4.204   4.826   1.00 1.04 ? 231 LEU A HD13 1 
ATOM 903  H HD21 . LEU A 1 59 ? 6.060   2.561   7.900   1.00 1.11 ? 231 LEU A HD21 1 
ATOM 904  H HD22 . LEU A 1 59 ? 4.520   2.712   8.745   1.00 1.12 ? 231 LEU A HD22 1 
ATOM 905  H HD23 . LEU A 1 59 ? 4.636   1.703   7.308   1.00 1.08 ? 231 LEU A HD23 1 
ATOM 906  N N    . ASP A 1 60 ? 6.535   7.527   8.071   1.00 0.51 ? 232 ASP A N    1 
ATOM 907  C CA   . ASP A 1 60 ? 7.363   8.739   8.381   1.00 0.66 ? 232 ASP A CA   1 
ATOM 908  C C    . ASP A 1 60 ? 7.351   9.709   7.192   1.00 0.58 ? 232 ASP A C    1 
ATOM 909  O O    . ASP A 1 60 ? 7.129   9.321   6.066   1.00 0.44 ? 232 ASP A O    1 
ATOM 910  C CB   . ASP A 1 60 ? 8.835   8.333   8.684   1.00 0.85 ? 232 ASP A CB   1 
ATOM 911  C CG   . ASP A 1 60 ? 9.404   9.215   9.802   1.00 1.75 ? 232 ASP A CG   1 
ATOM 912  O OD1  . ASP A 1 60 ? 9.111   10.400  9.806   1.00 2.48 ? 232 ASP A OD1  1 
ATOM 913  O OD2  . ASP A 1 60 ? 10.121  8.689   10.638  1.00 2.45 ? 232 ASP A OD2  1 
ATOM 914  H H    . ASP A 1 60 ? 6.050   7.462   7.222   1.00 0.77 ? 232 ASP A H    1 
ATOM 915  H HA   . ASP A 1 60 ? 6.938   9.235   9.240   1.00 0.80 ? 232 ASP A HA   1 
ATOM 916  H HB2  . ASP A 1 60 ? 8.880   7.302   8.988   1.00 1.16 ? 232 ASP A HB2  1 
ATOM 917  H HB3  . ASP A 1 60 ? 9.441   8.458   7.798   1.00 1.39 ? 232 ASP A HB3  1 
ATOM 918  N N    . GLU A 1 61 ? 7.647   10.961  7.427   1.00 0.71 ? 233 GLU A N    1 
ATOM 919  C CA   . GLU A 1 61 ? 7.717   11.922  6.293   1.00 0.72 ? 233 GLU A CA   1 
ATOM 920  C C    . GLU A 1 61 ? 8.890   11.472  5.425   1.00 0.63 ? 233 GLU A C    1 
ATOM 921  O O    . GLU A 1 61 ? 8.881   11.589  4.216   1.00 0.59 ? 233 GLU A O    1 
ATOM 922  C CB   . GLU A 1 61 ? 7.958   13.357  6.821   1.00 0.92 ? 233 GLU A CB   1 
ATOM 923  C CG   . GLU A 1 61 ? 6.656   14.166  6.797   1.00 1.57 ? 233 GLU A CG   1 
ATOM 924  C CD   . GLU A 1 61 ? 6.919   15.565  7.355   1.00 1.94 ? 233 GLU A CD   1 
ATOM 925  O OE1  . GLU A 1 61 ? 8.041   16.028  7.235   1.00 2.73 ? 233 GLU A OE1  1 
ATOM 926  O OE2  . GLU A 1 61 ? 5.992   16.153  7.889   1.00 2.09 ? 233 GLU A OE2  1 
ATOM 927  H H    . GLU A 1 61 ? 7.867   11.254  8.336   1.00 0.83 ? 233 GLU A H    1 
ATOM 928  H HA   . GLU A 1 61 ? 6.802   11.875  5.716   1.00 0.70 ? 233 GLU A HA   1 
ATOM 929  H HB2  . GLU A 1 61 ? 8.319   13.301  7.838   1.00 1.37 ? 233 GLU A HB2  1 
ATOM 930  H HB3  . GLU A 1 61 ? 8.697   13.859  6.211   1.00 1.37 ? 233 GLU A HB3  1 
ATOM 931  H HG2  . GLU A 1 61 ? 6.305   14.246  5.778   1.00 2.21 ? 233 GLU A HG2  1 
ATOM 932  H HG3  . GLU A 1 61 ? 5.909   13.672  7.399   1.00 2.16 ? 233 GLU A HG3  1 
ATOM 933  N N    . ALA A 1 62 ? 9.899   10.937  6.059   1.00 0.67 ? 234 ALA A N    1 
ATOM 934  C CA   . ALA A 1 62 ? 11.087  10.444  5.317   1.00 0.66 ? 234 ALA A CA   1 
ATOM 935  C C    . ALA A 1 62 ? 10.621  9.356   4.349   1.00 0.54 ? 234 ALA A C    1 
ATOM 936  O O    . ALA A 1 62 ? 11.201  9.145   3.303   1.00 0.52 ? 234 ALA A O    1 
ATOM 937  C CB   . ALA A 1 62 ? 12.103  9.871   6.331   1.00 0.77 ? 234 ALA A CB   1 
ATOM 938  H H    . ALA A 1 62 ? 9.865   10.847  7.034   1.00 0.73 ? 234 ALA A H    1 
ATOM 939  H HA   . ALA A 1 62 ? 11.531  11.259  4.763   1.00 0.70 ? 234 ALA A HA   1 
ATOM 940  H HB1  . ALA A 1 62 ? 11.771  10.103  7.332   1.00 1.33 ? 234 ALA A HB1  1 
ATOM 941  H HB2  . ALA A 1 62 ? 12.179  8.796   6.222   1.00 1.35 ? 234 ALA A HB2  1 
ATOM 942  H HB3  . ALA A 1 62 ? 13.075  10.315  6.167   1.00 1.18 ? 234 ALA A HB3  1 
ATOM 943  N N    . MET A 1 63 ? 9.572   8.669   4.699   1.00 0.51 ? 235 MET A N    1 
ATOM 944  C CA   . MET A 1 63 ? 9.055   7.596   3.813   1.00 0.43 ? 235 MET A CA   1 
ATOM 945  C C    . MET A 1 63 ? 8.673   8.207   2.464   1.00 0.39 ? 235 MET A C    1 
ATOM 946  O O    . MET A 1 63 ? 8.926   7.638   1.421   1.00 0.39 ? 235 MET A O    1 
ATOM 947  C CB   . MET A 1 63 ? 7.833   6.954   4.466   1.00 0.45 ? 235 MET A CB   1 
ATOM 948  C CG   . MET A 1 63 ? 7.423   5.697   3.694   1.00 0.48 ? 235 MET A CG   1 
ATOM 949  S SD   . MET A 1 63 ? 6.580   6.157   2.158   1.00 0.95 ? 235 MET A SD   1 
ATOM 950  C CE   . MET A 1 63 ? 5.129   6.947   2.902   1.00 0.41 ? 235 MET A CE   1 
ATOM 951  H H    . MET A 1 63 ? 9.121   8.861   5.548   1.00 0.56 ? 235 MET A H    1 
ATOM 952  H HA   . MET A 1 63 ? 9.820   6.851   3.672   1.00 0.46 ? 235 MET A HA   1 
ATOM 953  H HB2  . MET A 1 63 ? 8.071   6.687   5.485   1.00 0.50 ? 235 MET A HB2  1 
ATOM 954  H HB3  . MET A 1 63 ? 7.019   7.659   4.463   1.00 0.45 ? 235 MET A HB3  1 
ATOM 955  H HG2  . MET A 1 63 ? 8.300   5.114   3.460   1.00 1.04 ? 235 MET A HG2  1 
ATOM 956  H HG3  . MET A 1 63 ? 6.760   5.111   4.303   1.00 0.82 ? 235 MET A HG3  1 
ATOM 957  H HE1  . MET A 1 63 ? 5.003   6.593   3.915   1.00 1.08 ? 235 MET A HE1  1 
ATOM 958  H HE2  . MET A 1 63 ? 5.273   8.015   2.915   1.00 1.09 ? 235 MET A HE2  1 
ATOM 959  H HE3  . MET A 1 63 ? 4.249   6.711   2.320   1.00 1.08 ? 235 MET A HE3  1 
ATOM 960  N N    . VAL A 1 64 ? 8.082   9.372   2.472   1.00 0.44 ? 236 VAL A N    1 
ATOM 961  C CA   . VAL A 1 64 ? 7.710   10.020  1.184   1.00 0.48 ? 236 VAL A CA   1 
ATOM 962  C C    . VAL A 1 64 ? 8.991   10.267  0.391   1.00 0.49 ? 236 VAL A C    1 
ATOM 963  O O    . VAL A 1 64 ? 9.049   10.077  -0.808  1.00 0.53 ? 236 VAL A O    1 
ATOM 964  C CB   . VAL A 1 64 ? 7.008   11.357  1.465   1.00 0.61 ? 236 VAL A CB   1 
ATOM 965  C CG1  . VAL A 1 64 ? 6.841   12.153  0.155   1.00 0.70 ? 236 VAL A CG1  1 
ATOM 966  C CG2  . VAL A 1 64 ? 5.634   11.081  2.086   1.00 0.67 ? 236 VAL A CG2  1 
ATOM 967  H H    . VAL A 1 64 ? 7.898   9.824   3.322   1.00 0.49 ? 236 VAL A H    1 
ATOM 968  H HA   . VAL A 1 64 ? 7.053   9.372   0.625   1.00 0.48 ? 236 VAL A HA   1 
ATOM 969  H HB   . VAL A 1 64 ? 7.606   11.932  2.158   1.00 0.64 ? 236 VAL A HB   1 
ATOM 970  H HG11 . VAL A 1 64 ? 6.684   11.474  -0.670  1.00 1.28 ? 236 VAL A HG11 1 
ATOM 971  H HG12 . VAL A 1 64 ? 5.993   12.820  0.236   1.00 1.24 ? 236 VAL A HG12 1 
ATOM 972  H HG13 . VAL A 1 64 ? 7.734   12.736  -0.027  1.00 1.19 ? 236 VAL A HG13 1 
ATOM 973  H HG21 . VAL A 1 64 ? 5.756   10.496  2.985   1.00 1.27 ? 236 VAL A HG21 1 
ATOM 974  H HG22 . VAL A 1 64 ? 5.154   12.018  2.330   1.00 1.21 ? 236 VAL A HG22 1 
ATOM 975  H HG23 . VAL A 1 64 ? 5.023   10.536  1.381   1.00 1.19 ? 236 VAL A HG23 1 
ATOM 976  N N    . VAL A 1 65 ? 10.025  10.672  1.072   1.00 0.52 ? 237 VAL A N    1 
ATOM 977  C CA   . VAL A 1 65 ? 11.330  10.922  0.402   1.00 0.61 ? 237 VAL A CA   1 
ATOM 978  C C    . VAL A 1 65 ? 11.924  9.583   -0.035  1.00 0.63 ? 237 VAL A C    1 
ATOM 979  O O    . VAL A 1 65 ? 12.657  9.507   -0.994  1.00 0.84 ? 237 VAL A O    1 
ATOM 980  C CB   . VAL A 1 65 ? 12.278  11.609  1.399   1.00 0.71 ? 237 VAL A CB   1 
ATOM 981  C CG1  . VAL A 1 65 ? 13.649  11.866  0.755   1.00 0.89 ? 237 VAL A CG1  1 
ATOM 982  C CG2  . VAL A 1 65 ? 11.669  12.947  1.846   1.00 0.81 ? 237 VAL A CG2  1 
ATOM 983  H H    . VAL A 1 65 ? 9.944   10.802  2.039   1.00 0.52 ? 237 VAL A H    1 
ATOM 984  H HA   . VAL A 1 65 ? 11.184  11.557  -0.459  1.00 0.65 ? 237 VAL A HA   1 
ATOM 985  H HB   . VAL A 1 65 ? 12.405  10.971  2.262   1.00 0.70 ? 237 VAL A HB   1 
ATOM 986  H HG11 . VAL A 1 65 ? 14.031  10.955  0.321   1.00 1.40 ? 237 VAL A HG11 1 
ATOM 987  H HG12 . VAL A 1 65 ? 13.551  12.616  -0.014  1.00 1.34 ? 237 VAL A HG12 1 
ATOM 988  H HG13 . VAL A 1 65 ? 14.337  12.217  1.511   1.00 1.40 ? 237 VAL A HG13 1 
ATOM 989  H HG21 . VAL A 1 65 ? 10.601  12.838  1.974   1.00 1.31 ? 237 VAL A HG21 1 
ATOM 990  H HG22 . VAL A 1 65 ? 12.112  13.247  2.784   1.00 1.37 ? 237 VAL A HG22 1 
ATOM 991  H HG23 . VAL A 1 65 ? 11.866  13.704  1.099   1.00 1.27 ? 237 VAL A HG23 1 
ATOM 992  N N    . ALA A 1 66 ? 11.629  8.535   0.684   1.00 0.53 ? 238 ALA A N    1 
ATOM 993  C CA   . ALA A 1 66 ? 12.196  7.192   0.356   1.00 0.63 ? 238 ALA A CA   1 
ATOM 994  C C    . ALA A 1 66 ? 11.842  6.784   -1.075  1.00 0.82 ? 238 ALA A C    1 
ATOM 995  O O    . ALA A 1 66 ? 12.642  6.203   -1.781  1.00 1.22 ? 238 ALA A O    1 
ATOM 996  C CB   . ALA A 1 66 ? 11.598  6.164   1.320   1.00 0.60 ? 238 ALA A CB   1 
ATOM 997  H H    . ALA A 1 66 ? 11.047  8.635   1.467   1.00 0.48 ? 238 ALA A H    1 
ATOM 998  H HA   . ALA A 1 66 ? 13.268  7.211   0.473   1.00 0.78 ? 238 ALA A HA   1 
ATOM 999  H HB1  . ALA A 1 66 ? 11.658  6.545   2.327   1.00 1.19 ? 238 ALA A HB1  1 
ATOM 1000 H HB2  . ALA A 1 66 ? 10.559  5.987   1.065   1.00 1.27 ? 238 ALA A HB2  1 
ATOM 1001 H HB3  . ALA A 1 66 ? 12.150  5.239   1.252   1.00 1.08 ? 238 ALA A HB3  1 
ATOM 1002 N N    . CYS A 1 67 ? 10.651  7.060   -1.497  1.00 0.93 ? 239 CYS A N    1 
ATOM 1003 C CA   . CYS A 1 67 ? 10.231  6.670   -2.869  1.00 1.24 ? 239 CYS A CA   1 
ATOM 1004 C C    . CYS A 1 67 ? 10.918  7.554   -3.916  1.00 0.93 ? 239 CYS A C    1 
ATOM 1005 O O    . CYS A 1 67 ? 11.672  7.097   -4.753  1.00 1.05 ? 239 CYS A O    1 
ATOM 1006 C CB   . CYS A 1 67 ? 8.708   6.858   -2.961  1.00 1.79 ? 239 CYS A CB   1 
ATOM 1007 S SG   . CYS A 1 67 ? 7.983   5.546   -3.953  1.00 2.84 ? 239 CYS A SG   1 
ATOM 1008 H H    . CYS A 1 67 ? 10.016  7.515   -0.905  1.00 1.06 ? 239 CYS A H    1 
ATOM 1009 H HA   . CYS A 1 67 ? 10.482  5.635   -3.044  1.00 1.58 ? 239 CYS A HA   1 
ATOM 1010 H HB2  . CYS A 1 67 ? 8.285   6.828   -1.970  1.00 2.11 ? 239 CYS A HB2  1 
ATOM 1011 H HB3  . CYS A 1 67 ? 8.475   7.810   -3.412  1.00 2.09 ? 239 CYS A HB3  1 
ATOM 1012 H HG   . CYS A 1 67 ? 7.319   5.104   -3.417  1.00 3.17 ? 239 CYS A HG   1 
ATOM 1013 N N    . ARG A 1 68 ? 10.606  8.811   -3.884  1.00 0.91 ? 240 ARG A N    1 
ATOM 1014 C CA   . ARG A 1 68 ? 11.150  9.772   -4.876  1.00 1.08 ? 240 ARG A CA   1 
ATOM 1015 C C    . ARG A 1 68 ? 12.562  10.214  -4.525  1.00 1.17 ? 240 ARG A C    1 
ATOM 1016 O O    . ARG A 1 68 ? 13.041  11.176  -5.078  1.00 1.74 ? 240 ARG A O    1 
ATOM 1017 C CB   . ARG A 1 68 ? 10.279  11.013  -4.861  1.00 1.49 ? 240 ARG A CB   1 
ATOM 1018 C CG   . ARG A 1 68 ? 8.817   10.636  -5.098  1.00 1.75 ? 240 ARG A CG   1 
ATOM 1019 C CD   . ARG A 1 68 ? 7.932   11.882  -4.927  1.00 2.66 ? 240 ARG A CD   1 
ATOM 1020 N NE   . ARG A 1 68 ? 7.178   12.062  -6.207  1.00 3.12 ? 240 ARG A NE   1 
ATOM 1021 C CZ   . ARG A 1 68 ? 6.781   13.227  -6.600  1.00 3.61 ? 240 ARG A CZ   1 
ATOM 1022 N NH1  . ARG A 1 68 ? 7.296   14.303  -6.071  1.00 3.73 ? 240 ARG A NH1  1 
ATOM 1023 N NH2  . ARG A 1 68 ? 5.917   13.325  -7.569  1.00 4.39 ? 240 ARG A NH2  1 
ATOM 1024 H H    . ARG A 1 68 ? 9.964   9.127   -3.215  1.00 1.08 ? 240 ARG A H    1 
ATOM 1025 H HA   . ARG A 1 68 ? 11.134  9.335   -5.862  1.00 1.16 ? 240 ARG A HA   1 
ATOM 1026 H HB2  . ARG A 1 68 ? 10.372  11.498  -3.900  1.00 1.51 ? 240 ARG A HB2  1 
ATOM 1027 H HB3  . ARG A 1 68 ? 10.604  11.689  -5.637  1.00 1.73 ? 240 ARG A HB3  1 
ATOM 1028 H HG2  . ARG A 1 68 ? 8.711   10.245  -6.100  1.00 1.80 ? 240 ARG A HG2  1 
ATOM 1029 H HG3  . ARG A 1 68 ? 8.522   9.882   -4.387  1.00 1.76 ? 240 ARG A HG3  1 
ATOM 1030 H HD2  . ARG A 1 68 ? 7.215   11.732  -4.157  1.00 3.24 ? 240 ARG A HD2  1 
ATOM 1031 H HD3  . ARG A 1 68 ? 8.547   12.746  -4.647  1.00 3.04 ? 240 ARG A HD3  1 
ATOM 1032 H HE   . ARG A 1 68 ? 6.904   11.269  -6.707  1.00 3.43 ? 240 ARG A HE   1 
ATOM 1033 H HH11 . ARG A 1 68 ? 7.998   14.228  -5.364  1.00 3.56 ? 240 ARG A HH11 1 
ATOM 1034 H HH12 . ARG A 1 68 ? 6.994   15.205  -6.379  1.00 4.27 ? 240 ARG A HH12 1 
ATOM 1035 H HH21 . ARG A 1 68 ? 5.560   12.498  -8.006  1.00 4.72 ? 240 ARG A HH21 1 
ATOM 1036 H HH22 . ARG A 1 68 ? 5.605   14.225  -7.872  1.00 4.86 ? 240 ARG A HH22 1 
ATOM 1037 N N    . GLU A 1 69 ? 13.226  9.570   -3.603  1.00 1.21 ? 241 GLU A N    1 
ATOM 1038 C CA   . GLU A 1 69 ? 14.601  10.037  -3.244  1.00 1.51 ? 241 GLU A CA   1 
ATOM 1039 C C    . GLU A 1 69 ? 15.417  10.252  -4.527  1.00 1.85 ? 241 GLU A C    1 
ATOM 1040 O O    . GLU A 1 69 ? 16.101  9.363   -4.993  1.00 2.37 ? 241 GLU A O    1 
ATOM 1041 C CB   . GLU A 1 69 ? 15.314  8.996   -2.371  1.00 2.20 ? 241 GLU A CB   1 
ATOM 1042 C CG   . GLU A 1 69 ? 16.493  9.664   -1.661  1.00 2.96 ? 241 GLU A CG   1 
ATOM 1043 C CD   . GLU A 1 69 ? 17.231  8.636   -0.805  1.00 3.90 ? 241 GLU A CD   1 
ATOM 1044 O OE1  . GLU A 1 69 ? 16.643  7.607   -0.512  1.00 4.37 ? 241 GLU A OE1  1 
ATOM 1045 O OE2  . GLU A 1 69 ? 18.374  8.890   -0.466  1.00 4.50 ? 241 GLU A OE2  1 
ATOM 1046 H H    . GLU A 1 69 ? 12.822  8.808   -3.138  1.00 1.50 ? 241 GLU A H    1 
ATOM 1047 H HA   . GLU A 1 69 ? 14.526  10.971  -2.707  1.00 1.72 ? 241 GLU A HA   1 
ATOM 1048 H HB2  . GLU A 1 69 ? 14.631  8.600   -1.638  1.00 2.52 ? 241 GLU A HB2  1 
ATOM 1049 H HB3  . GLU A 1 69 ? 15.680  8.190   -2.990  1.00 2.50 ? 241 GLU A HB3  1 
ATOM 1050 H HG2  . GLU A 1 69 ? 17.169  10.077  -2.395  1.00 3.11 ? 241 GLU A HG2  1 
ATOM 1051 H HG3  . GLU A 1 69 ? 16.125  10.457  -1.027  1.00 3.27 ? 241 GLU A HG3  1 
ATOM 1052 N N    . GLY A 1 70 ? 15.339  11.428  -5.100  1.00 2.43 ? 242 GLY A N    1 
ATOM 1053 C CA   . GLY A 1 70 ? 16.089  11.724  -6.359  1.00 3.28 ? 242 GLY A CA   1 
ATOM 1054 C C    . GLY A 1 70 ? 17.252  12.663  -6.043  1.00 3.54 ? 242 GLY A C    1 
ATOM 1055 O O    . GLY A 1 70 ? 17.596  12.873  -4.898  1.00 3.82 ? 242 GLY A O    1 
ATOM 1056 H H    . GLY A 1 70 ? 14.771  12.121  -4.702  1.00 2.72 ? 242 GLY A H    1 
ATOM 1057 H HA2  . GLY A 1 70 ? 16.470  10.807  -6.791  1.00 3.59 ? 242 GLY A HA2  1 
ATOM 1058 H HA3  . GLY A 1 70 ? 15.428  12.204  -7.064  1.00 3.85 ? 242 GLY A HA3  1 
# 
